data_2WC3
#
_entry.id   2WC3
#
_cell.length_a   103.812
_cell.length_b   73.965
_cell.length_c   119.318
_cell.angle_alpha   90.00
_cell.angle_beta   108.49
_cell.angle_gamma   90.00
#
_symmetry.space_group_name_H-M   'P 1 21 1'
#
loop_
_entity.id
_entity.type
_entity.pdbx_description
1 polymer 'BETA-GLUCOSIDASE A'
2 non-polymer (3Z,5S,6R,7S,8S,8aR)-3-(octylimino)hexahydro[1,3]oxazolo[3,4-a]pyridine-5,6,7,8-tetrol
3 water water
#
_entity_poly.entity_id   1
_entity_poly.type   'polypeptide(L)'
_entity_poly.pdbx_seq_one_letter_code
;MGSSHHHHHHSSGLVPRGSHMASNVKKFPEGFLWGVATASYQIEGSPLADGAGMSIWHTFSHTPGNVKNGDTGDVACDHY
NRWKEDIEIIEKLGVKAYRFSISWPRILPEGTGRVNQKGLDFYNRIIDTLLEKGITPFVTIYHWDLPFALQLKGGWANRE
IADWFAEYSRVLFENFGDRVKNWITLNEPWVVAIVGHLYGVHAPGMRDIYVAFRAVHNLLRAHARAVKVFRETVKDGKIG
IVFNNGYFEPASEKEEDIRAVRFMHQFNNYPLFLNPIYRGDYPELVLEFAREYLPENYKDDMSEIQEKIDFVGLNYYSGH
LVKFDPDAPAKVSFVERDLPKTAMGWEIVPEGIYWILKKVKEEYNPPEVYITENGAAFDDVVSEDGRVHDQNRIDYLKAH
IGQAWKAIQEGVPLKGYFVWSLLDNFEWAEGYSKRFGIVYVDYSTQKRIVKDSGYWYSNVVKNNGLED
;
_entity_poly.pdbx_strand_id   A,B,C,D
#
# COMPACT_ATOMS: atom_id res chain seq x y z
N ASN A 24 -72.64 19.22 13.18
CA ASN A 24 -72.58 19.58 11.72
C ASN A 24 -71.89 20.90 11.42
N VAL A 25 -71.73 21.75 12.43
CA VAL A 25 -71.06 23.03 12.21
C VAL A 25 -69.56 22.81 12.23
N LYS A 26 -68.88 23.42 11.26
CA LYS A 26 -67.43 23.28 11.09
C LYS A 26 -66.88 24.63 10.65
N LYS A 27 -66.40 25.37 11.62
CA LYS A 27 -65.84 26.67 11.35
C LYS A 27 -64.35 26.57 11.22
N PHE A 28 -63.86 27.22 10.18
CA PHE A 28 -62.44 27.32 9.91
C PHE A 28 -61.79 28.38 10.79
N PRO A 29 -60.46 28.42 10.79
CA PRO A 29 -59.69 29.41 11.55
C PRO A 29 -59.88 30.84 11.07
N GLU A 30 -59.74 31.78 11.98
CA GLU A 30 -59.76 33.17 11.61
C GLU A 30 -58.76 33.36 10.44
N GLY A 31 -59.16 34.10 9.41
CA GLY A 31 -58.28 34.43 8.29
C GLY A 31 -58.16 33.37 7.21
N PHE A 32 -58.78 32.20 7.42
CA PHE A 32 -58.73 31.14 6.41
C PHE A 32 -59.14 31.75 5.10
N LEU A 33 -58.47 31.38 4.01
CA LEU A 33 -58.68 32.03 2.71
C LEU A 33 -59.60 31.19 1.80
N TRP A 34 -60.74 31.70 1.42
CA TRP A 34 -61.63 30.95 0.53
C TRP A 34 -61.52 31.47 -0.91
N GLY A 35 -61.17 30.60 -1.85
CA GLY A 35 -60.97 31.06 -3.21
C GLY A 35 -61.61 30.23 -4.30
N VAL A 36 -61.41 30.67 -5.55
CA VAL A 36 -61.75 29.91 -6.75
C VAL A 36 -60.54 30.00 -7.70
N ALA A 37 -60.34 29.00 -8.55
CA ALA A 37 -59.21 28.94 -9.46
C ALA A 37 -59.64 28.80 -10.93
N THR A 38 -58.78 29.29 -11.82
CA THR A 38 -58.87 29.13 -13.27
C THR A 38 -57.43 28.99 -13.80
N ALA A 39 -57.31 28.71 -15.09
CA ALA A 39 -56.03 28.74 -15.77
C ALA A 39 -56.22 29.44 -17.10
N SER A 40 -55.18 30.09 -17.57
CA SER A 40 -55.34 31.03 -18.66
C SER A 40 -55.91 30.36 -19.92
N TYR A 41 -55.29 29.26 -20.37
CA TYR A 41 -55.67 28.65 -21.64
C TYR A 41 -57.10 28.15 -21.58
N GLN A 42 -57.56 27.80 -20.38
CA GLN A 42 -58.82 27.15 -20.20
C GLN A 42 -60.00 28.13 -20.32
N ILE A 43 -59.77 29.39 -19.99
CA ILE A 43 -60.85 30.40 -19.99
C ILE A 43 -60.67 31.59 -20.96
N GLU A 44 -59.43 31.92 -21.32
CA GLU A 44 -59.18 33.24 -21.96
C GLU A 44 -59.69 33.38 -23.39
N GLY A 45 -59.46 32.39 -24.24
CA GLY A 45 -59.68 32.60 -25.65
C GLY A 45 -58.71 33.66 -26.11
N SER A 46 -58.89 34.12 -27.34
CA SER A 46 -58.01 35.11 -27.96
C SER A 46 -56.50 34.85 -27.71
N PRO A 47 -56.06 33.61 -27.99
CA PRO A 47 -54.72 33.14 -27.68
C PRO A 47 -53.66 33.91 -28.40
N LEU A 48 -54.00 34.46 -29.57
CA LEU A 48 -53.05 35.23 -30.37
C LEU A 48 -53.31 36.71 -30.33
N ALA A 49 -54.16 37.16 -29.41
CA ALA A 49 -54.49 38.58 -29.32
C ALA A 49 -53.27 39.45 -29.10
N ASP A 50 -53.26 40.63 -29.72
CA ASP A 50 -52.30 41.68 -29.38
C ASP A 50 -50.82 41.21 -29.43
N GLY A 51 -50.42 40.55 -30.51
CA GLY A 51 -49.02 40.09 -30.68
C GLY A 51 -48.59 38.87 -29.85
N ALA A 52 -49.52 38.21 -29.16
CA ALA A 52 -49.16 37.06 -28.32
C ALA A 52 -48.58 35.98 -29.21
N GLY A 53 -47.57 35.27 -28.73
CA GLY A 53 -47.03 34.10 -29.46
C GLY A 53 -47.96 32.89 -29.27
N MET A 54 -47.89 31.90 -30.15
CA MET A 54 -48.59 30.63 -29.96
C MET A 54 -48.08 29.92 -28.69
N SER A 55 -48.95 29.19 -28.02
CA SER A 55 -48.51 28.31 -26.96
C SER A 55 -48.52 26.87 -27.49
N ILE A 56 -48.03 25.91 -26.70
CA ILE A 56 -48.06 24.50 -27.13
C ILE A 56 -49.48 23.88 -27.07
N TRP A 57 -50.35 24.52 -26.32
CA TRP A 57 -51.75 24.07 -26.24
C TRP A 57 -52.57 24.56 -27.43
N HIS A 58 -52.28 25.77 -27.92
CA HIS A 58 -52.78 26.18 -29.23
C HIS A 58 -52.44 25.13 -30.30
N THR A 59 -51.17 24.78 -30.44
CA THR A 59 -50.77 23.89 -31.52
C THR A 59 -51.25 22.46 -31.28
N PHE A 60 -51.28 22.03 -30.02
CA PHE A 60 -51.74 20.69 -29.66
C PHE A 60 -53.21 20.51 -29.96
N SER A 61 -54.01 21.49 -29.57
CA SER A 61 -55.46 21.33 -29.74
C SER A 61 -55.86 21.60 -31.19
N HIS A 62 -55.03 22.36 -31.92
CA HIS A 62 -55.26 22.43 -33.34
C HIS A 62 -54.76 21.23 -34.16
N THR A 63 -54.19 20.20 -33.52
CA THR A 63 -53.85 18.95 -34.19
C THR A 63 -55.03 17.95 -34.06
N PRO A 64 -55.57 17.46 -35.20
CA PRO A 64 -56.68 16.49 -35.17
C PRO A 64 -56.37 15.27 -34.32
N GLY A 65 -57.35 14.78 -33.61
CA GLY A 65 -57.13 13.61 -32.83
C GLY A 65 -56.68 13.87 -31.41
N ASN A 66 -56.15 15.07 -31.13
CA ASN A 66 -55.63 15.32 -29.79
C ASN A 66 -56.67 15.67 -28.71
N VAL A 67 -57.76 16.31 -29.12
CA VAL A 67 -58.78 16.76 -28.17
C VAL A 67 -60.22 16.32 -28.55
N LYS A 68 -61.01 15.87 -27.58
CA LYS A 68 -62.39 15.45 -27.84
C LYS A 68 -63.14 16.51 -28.69
N ASN A 69 -63.81 16.05 -29.73
CA ASN A 69 -64.71 16.91 -30.50
CA ASN A 69 -64.71 16.94 -30.51
C ASN A 69 -63.94 17.96 -31.33
N GLY A 70 -62.62 17.86 -31.30
CA GLY A 70 -61.83 18.86 -32.03
C GLY A 70 -61.94 20.22 -31.33
N ASP A 71 -62.28 20.24 -30.05
CA ASP A 71 -62.30 21.48 -29.29
C ASP A 71 -60.91 22.14 -29.16
N THR A 72 -60.90 23.47 -29.16
CA THR A 72 -59.66 24.21 -28.91
C THR A 72 -59.96 25.33 -27.90
N GLY A 73 -58.92 25.95 -27.33
CA GLY A 73 -59.15 27.18 -26.53
C GLY A 73 -59.19 28.51 -27.29
N ASP A 74 -59.48 28.46 -28.61
CA ASP A 74 -59.59 29.69 -29.42
C ASP A 74 -60.52 30.77 -28.82
N VAL A 75 -61.64 30.31 -28.28
CA VAL A 75 -62.67 31.16 -27.68
C VAL A 75 -62.82 30.89 -26.17
N ALA A 76 -62.99 29.64 -25.78
CA ALA A 76 -63.11 29.28 -24.33
C ALA A 76 -64.24 30.07 -23.72
N CYS A 77 -63.94 30.81 -22.66
CA CYS A 77 -64.99 31.62 -22.04
C CYS A 77 -64.88 33.09 -22.46
N ASP A 78 -64.02 33.35 -23.44
CA ASP A 78 -63.84 34.71 -23.88
C ASP A 78 -63.47 35.61 -22.69
N HIS A 79 -62.78 35.07 -21.68
CA HIS A 79 -62.36 35.85 -20.50
C HIS A 79 -61.39 36.98 -20.92
N TYR A 80 -60.66 36.79 -22.02
CA TYR A 80 -59.79 37.90 -22.47
C TYR A 80 -60.56 39.20 -22.71
N ASN A 81 -61.82 39.09 -23.14
CA ASN A 81 -62.68 40.26 -23.21
C ASN A 81 -63.66 40.43 -22.06
N ARG A 82 -63.97 39.36 -21.32
CA ARG A 82 -65.03 39.42 -20.30
C ARG A 82 -64.52 39.39 -18.87
N TRP A 83 -63.19 39.55 -18.75
CA TRP A 83 -62.50 39.53 -17.46
C TRP A 83 -63.14 40.36 -16.36
N LYS A 84 -63.54 41.59 -16.68
CA LYS A 84 -64.10 42.48 -15.64
C LYS A 84 -65.40 41.91 -15.02
N GLU A 85 -66.32 41.50 -15.88
CA GLU A 85 -67.57 40.91 -15.49
C GLU A 85 -67.37 39.58 -14.75
N ASP A 86 -66.42 38.77 -15.17
CA ASP A 86 -66.12 37.54 -14.43
C ASP A 86 -65.62 37.92 -13.02
N ILE A 87 -64.79 38.95 -12.93
CA ILE A 87 -64.33 39.35 -11.59
C ILE A 87 -65.49 39.87 -10.77
N GLU A 88 -66.43 40.60 -11.40
CA GLU A 88 -67.61 41.06 -10.68
C GLU A 88 -68.41 39.91 -10.10
N ILE A 89 -68.32 38.74 -10.75
CA ILE A 89 -68.98 37.57 -10.24
CA ILE A 89 -68.97 37.58 -10.23
C ILE A 89 -68.28 37.08 -8.96
N ILE A 90 -66.96 37.13 -8.95
CA ILE A 90 -66.28 36.72 -7.74
C ILE A 90 -66.69 37.62 -6.57
N GLU A 91 -66.70 38.91 -6.83
CA GLU A 91 -67.01 39.91 -5.79
C GLU A 91 -68.45 39.77 -5.33
N LYS A 92 -69.34 39.52 -6.29
CA LYS A 92 -70.76 39.37 -5.95
C LYS A 92 -70.94 38.17 -5.00
N LEU A 93 -70.17 37.11 -5.23
CA LEU A 93 -70.25 35.90 -4.41
C LEU A 93 -69.51 36.10 -3.09
N GLY A 94 -68.72 37.16 -2.98
CA GLY A 94 -67.97 37.42 -1.71
C GLY A 94 -66.74 36.53 -1.54
N VAL A 95 -66.29 35.93 -2.63
CA VAL A 95 -65.13 35.05 -2.53
C VAL A 95 -63.87 35.91 -2.37
N LYS A 96 -62.98 35.47 -1.48
CA LYS A 96 -61.89 36.33 -1.03
C LYS A 96 -60.54 36.18 -1.75
N ALA A 97 -60.36 35.09 -2.49
CA ALA A 97 -59.13 34.92 -3.26
C ALA A 97 -59.39 34.38 -4.68
N TYR A 98 -58.55 34.78 -5.60
CA TYR A 98 -58.66 34.29 -6.99
C TYR A 98 -57.31 33.79 -7.45
N ARG A 99 -57.24 32.46 -7.67
CA ARG A 99 -56.06 31.84 -8.24
C ARG A 99 -56.20 31.80 -9.75
N PHE A 100 -55.28 32.42 -10.48
CA PHE A 100 -55.38 32.45 -11.96
C PHE A 100 -53.97 32.35 -12.48
N SER A 101 -53.83 32.02 -13.76
CA SER A 101 -52.49 31.84 -14.27
C SER A 101 -52.19 32.86 -15.32
N ILE A 102 -50.91 33.00 -15.59
CA ILE A 102 -50.46 33.88 -16.65
C ILE A 102 -49.92 33.10 -17.86
N SER A 103 -50.47 33.44 -19.01
CA SER A 103 -50.00 32.92 -20.28
C SER A 103 -48.59 33.38 -20.64
N TRP A 104 -47.59 32.52 -20.48
CA TRP A 104 -46.17 32.86 -20.82
C TRP A 104 -46.02 33.58 -22.21
N PRO A 105 -46.54 32.99 -23.30
CA PRO A 105 -46.48 33.65 -24.63
C PRO A 105 -47.24 34.99 -24.81
N ARG A 106 -48.23 35.30 -23.98
CA ARG A 106 -48.80 36.65 -24.08
C ARG A 106 -47.81 37.70 -23.59
N ILE A 107 -46.90 37.28 -22.74
CA ILE A 107 -45.99 38.22 -22.06
C ILE A 107 -44.66 38.24 -22.83
N LEU A 108 -44.21 37.08 -23.27
CA LEU A 108 -43.00 36.95 -24.04
C LEU A 108 -43.33 36.02 -25.19
N PRO A 109 -43.78 36.60 -26.31
CA PRO A 109 -44.21 35.80 -27.48
C PRO A 109 -43.14 34.82 -27.97
N GLU A 110 -41.86 35.19 -27.86
CA GLU A 110 -40.78 34.30 -28.26
C GLU A 110 -40.18 33.52 -27.06
N GLY A 111 -40.86 33.48 -25.92
CA GLY A 111 -40.35 32.73 -24.78
C GLY A 111 -39.39 33.55 -23.93
N THR A 112 -38.42 34.21 -24.56
CA THR A 112 -37.55 35.13 -23.83
C THR A 112 -37.44 36.41 -24.65
N GLY A 113 -36.88 37.46 -24.07
CA GLY A 113 -36.62 38.69 -24.84
C GLY A 113 -37.75 39.72 -24.84
N ARG A 114 -38.30 40.02 -26.01
CA ARG A 114 -39.24 41.12 -26.17
CA ARG A 114 -39.20 41.16 -26.07
C ARG A 114 -40.50 40.91 -25.33
N VAL A 115 -40.93 41.96 -24.64
CA VAL A 115 -42.06 41.92 -23.78
C VAL A 115 -43.27 42.48 -24.50
N ASN A 116 -44.41 41.80 -24.39
CA ASN A 116 -45.60 42.30 -25.04
C ASN A 116 -46.37 43.16 -24.05
N GLN A 117 -46.21 44.48 -24.13
CA GLN A 117 -46.87 45.44 -23.19
C GLN A 117 -48.40 45.24 -23.05
N LYS A 118 -49.08 44.97 -24.16
CA LYS A 118 -50.52 44.66 -24.11
C LYS A 118 -50.85 43.41 -23.34
N GLY A 119 -49.93 42.45 -23.34
CA GLY A 119 -50.08 41.25 -22.51
C GLY A 119 -49.99 41.63 -21.05
N LEU A 120 -48.90 42.32 -20.71
CA LEU A 120 -48.76 42.85 -19.36
C LEU A 120 -49.97 43.65 -18.96
N ASP A 121 -50.48 44.44 -19.89
CA ASP A 121 -51.60 45.27 -19.58
C ASP A 121 -52.87 44.48 -19.19
N PHE A 122 -53.11 43.32 -19.83
CA PHE A 122 -54.33 42.55 -19.60
C PHE A 122 -54.40 42.03 -18.17
N TYR A 123 -53.26 41.54 -17.70
CA TYR A 123 -53.15 41.05 -16.32
C TYR A 123 -53.07 42.18 -15.29
N ASN A 124 -52.50 43.33 -15.66
CA ASN A 124 -52.45 44.46 -14.70
C ASN A 124 -53.87 44.88 -14.36
N ARG A 125 -54.73 44.97 -15.37
CA ARG A 125 -56.14 45.33 -15.14
C ARG A 125 -56.84 44.32 -14.20
N ILE A 126 -56.56 43.04 -14.41
CA ILE A 126 -57.20 42.00 -13.62
C ILE A 126 -56.71 42.14 -12.20
N ILE A 127 -55.40 42.30 -12.08
CA ILE A 127 -54.78 42.48 -10.79
C ILE A 127 -55.32 43.71 -10.09
N ASP A 128 -55.33 44.86 -10.76
CA ASP A 128 -55.82 46.09 -10.15
C ASP A 128 -57.29 46.00 -9.74
N THR A 129 -58.10 45.37 -10.59
CA THR A 129 -59.55 45.18 -10.30
C THR A 129 -59.83 44.26 -9.11
N LEU A 130 -59.07 43.16 -9.05
CA LEU A 130 -59.15 42.22 -7.94
C LEU A 130 -58.88 42.97 -6.63
N LEU A 131 -57.81 43.79 -6.61
CA LEU A 131 -57.45 44.45 -5.37
C LEU A 131 -58.45 45.54 -4.98
N GLU A 132 -58.93 46.29 -5.97
CA GLU A 132 -60.02 47.25 -5.70
C GLU A 132 -61.16 46.59 -4.94
N LYS A 133 -61.51 45.36 -5.32
CA LYS A 133 -62.65 44.63 -4.72
C LYS A 133 -62.33 43.77 -3.49
N GLY A 134 -61.10 43.88 -2.97
CA GLY A 134 -60.69 43.08 -1.80
C GLY A 134 -60.52 41.57 -2.06
N ILE A 135 -60.22 41.21 -3.30
CA ILE A 135 -59.93 39.82 -3.65
C ILE A 135 -58.39 39.65 -3.78
N THR A 136 -57.85 38.69 -3.04
CA THR A 136 -56.42 38.35 -3.09
C THR A 136 -56.04 37.46 -4.28
N PRO A 137 -55.24 38.04 -5.20
CA PRO A 137 -54.68 37.32 -6.33
C PRO A 137 -53.63 36.32 -5.90
N PHE A 138 -53.82 35.07 -6.34
CA PHE A 138 -52.78 34.06 -6.36
C PHE A 138 -52.42 33.79 -7.83
N VAL A 139 -51.18 34.03 -8.19
CA VAL A 139 -50.79 33.92 -9.58
C VAL A 139 -49.93 32.71 -9.77
N THR A 140 -50.37 31.86 -10.70
CA THR A 140 -49.67 30.68 -11.12
C THR A 140 -48.89 31.17 -12.31
N ILE A 141 -47.56 31.06 -12.22
CA ILE A 141 -46.69 31.54 -13.26
C ILE A 141 -46.82 30.67 -14.49
N TYR A 142 -46.93 29.35 -14.26
CA TYR A 142 -47.00 28.37 -15.35
C TYR A 142 -48.09 27.32 -15.11
N HIS A 143 -49.14 27.38 -15.93
CA HIS A 143 -50.18 26.40 -15.87
C HIS A 143 -50.33 25.81 -17.30
N TRP A 144 -49.20 25.39 -17.87
CA TRP A 144 -49.11 24.50 -19.05
C TRP A 144 -49.05 25.16 -20.45
N ASP A 145 -49.31 26.45 -20.59
CA ASP A 145 -49.24 27.05 -21.93
C ASP A 145 -47.84 27.61 -22.26
N LEU A 146 -46.88 26.70 -22.35
CA LEU A 146 -45.52 27.03 -22.74
CA LEU A 146 -45.52 27.04 -22.73
C LEU A 146 -45.53 27.68 -24.12
N PRO A 147 -44.68 28.70 -24.33
CA PRO A 147 -44.58 29.28 -25.67
C PRO A 147 -44.13 28.23 -26.69
N PHE A 148 -44.85 28.15 -27.80
CA PHE A 148 -44.42 27.31 -28.93
C PHE A 148 -42.97 27.51 -29.30
N ALA A 149 -42.47 28.74 -29.28
CA ALA A 149 -41.09 28.98 -29.73
C ALA A 149 -40.05 28.22 -28.88
N LEU A 150 -40.34 28.07 -27.58
CA LEU A 150 -39.49 27.34 -26.68
C LEU A 150 -39.68 25.82 -26.89
N GLN A 151 -40.89 25.38 -27.27
CA GLN A 151 -41.11 23.95 -27.57
C GLN A 151 -40.22 23.49 -28.71
N LEU A 152 -40.11 24.34 -29.74
CA LEU A 152 -39.23 24.13 -30.92
C LEU A 152 -37.73 23.94 -30.54
N LYS A 153 -37.34 24.54 -29.43
CA LYS A 153 -35.98 24.35 -28.86
C LYS A 153 -35.99 23.26 -27.74
N GLY A 154 -37.05 22.47 -27.71
CA GLY A 154 -37.05 21.32 -26.84
C GLY A 154 -37.90 21.45 -25.61
N GLY A 155 -38.38 22.66 -25.31
CA GLY A 155 -39.30 22.82 -24.18
C GLY A 155 -38.70 22.31 -22.89
N TRP A 156 -39.46 21.52 -22.15
CA TRP A 156 -39.05 21.08 -20.83
C TRP A 156 -37.95 20.01 -20.88
N ALA A 157 -37.72 19.48 -22.09
CA ALA A 157 -36.62 18.53 -22.32
C ALA A 157 -35.25 19.22 -22.27
N ASN A 158 -35.26 20.52 -22.54
CA ASN A 158 -34.05 21.31 -22.64
C ASN A 158 -33.61 21.90 -21.29
N ARG A 159 -32.44 21.50 -20.82
CA ARG A 159 -31.89 22.02 -19.56
C ARG A 159 -31.85 23.54 -19.49
N GLU A 160 -31.77 24.20 -20.63
CA GLU A 160 -31.69 25.65 -20.66
CA GLU A 160 -31.73 25.65 -20.71
C GLU A 160 -33.00 26.29 -20.21
N ILE A 161 -34.09 25.52 -20.13
CA ILE A 161 -35.36 26.15 -19.74
C ILE A 161 -35.37 26.69 -18.30
N ALA A 162 -34.45 26.22 -17.45
CA ALA A 162 -34.38 26.75 -16.08
C ALA A 162 -34.08 28.24 -16.10
N ASP A 163 -33.17 28.64 -16.96
CA ASP A 163 -32.95 30.04 -17.22
C ASP A 163 -34.01 30.77 -18.08
N TRP A 164 -34.56 30.14 -19.12
CA TRP A 164 -35.70 30.80 -19.81
C TRP A 164 -36.77 31.13 -18.79
N PHE A 165 -37.00 30.21 -17.88
CA PHE A 165 -38.08 30.34 -16.91
C PHE A 165 -37.73 31.39 -15.89
N ALA A 166 -36.46 31.43 -15.51
CA ALA A 166 -35.95 32.50 -14.61
C ALA A 166 -36.23 33.89 -15.18
N GLU A 167 -35.99 34.06 -16.49
CA GLU A 167 -36.15 35.38 -17.12
C GLU A 167 -37.64 35.72 -17.21
N TYR A 168 -38.46 34.74 -17.56
CA TYR A 168 -39.94 34.91 -17.55
C TYR A 168 -40.48 35.28 -16.17
N SER A 169 -40.08 34.53 -15.16
CA SER A 169 -40.45 34.86 -13.80
C SER A 169 -40.04 36.28 -13.36
N ARG A 170 -38.77 36.64 -13.63
CA ARG A 170 -38.31 37.98 -13.31
C ARG A 170 -39.23 39.05 -13.92
N VAL A 171 -39.62 38.84 -15.17
CA VAL A 171 -40.45 39.83 -15.85
C VAL A 171 -41.77 39.92 -15.13
N LEU A 172 -42.34 38.79 -14.76
CA LEU A 172 -43.58 38.84 -13.96
C LEU A 172 -43.38 39.58 -12.60
N PHE A 173 -42.34 39.21 -11.87
CA PHE A 173 -42.11 39.79 -10.54
C PHE A 173 -41.91 41.29 -10.63
N GLU A 174 -41.12 41.73 -11.60
CA GLU A 174 -40.86 43.16 -11.82
CA GLU A 174 -40.87 43.15 -11.72
C GLU A 174 -42.15 43.92 -12.13
N ASN A 175 -42.97 43.36 -13.00
CA ASN A 175 -44.20 44.04 -13.42
C ASN A 175 -45.35 43.97 -12.44
N PHE A 176 -45.54 42.80 -11.83
CA PHE A 176 -46.76 42.59 -11.03
C PHE A 176 -46.42 42.44 -9.57
N GLY A 177 -45.15 42.22 -9.21
CA GLY A 177 -44.78 41.92 -7.81
C GLY A 177 -45.05 42.96 -6.72
N ASP A 178 -45.17 44.22 -7.15
CA ASP A 178 -45.48 45.29 -6.24
C ASP A 178 -46.89 45.13 -5.61
N ARG A 179 -47.79 44.45 -6.34
CA ARG A 179 -49.20 44.30 -5.97
C ARG A 179 -49.59 42.84 -5.68
N VAL A 180 -49.04 41.86 -6.45
CA VAL A 180 -49.31 40.46 -6.15
C VAL A 180 -48.26 39.92 -5.17
N LYS A 181 -48.71 39.34 -4.05
CA LYS A 181 -47.78 38.90 -2.96
C LYS A 181 -47.80 37.40 -2.70
N ASN A 182 -48.55 36.69 -3.54
CA ASN A 182 -48.74 35.29 -3.37
C ASN A 182 -48.61 34.64 -4.74
N TRP A 183 -47.61 33.78 -4.89
CA TRP A 183 -47.21 33.28 -6.20
C TRP A 183 -47.04 31.76 -6.18
N ILE A 184 -47.29 31.13 -7.31
CA ILE A 184 -47.08 29.70 -7.51
C ILE A 184 -46.23 29.56 -8.77
N THR A 185 -45.09 28.89 -8.64
CA THR A 185 -44.23 28.68 -9.82
C THR A 185 -44.91 27.75 -10.80
N LEU A 186 -45.20 26.51 -10.39
CA LEU A 186 -45.68 25.48 -11.32
C LEU A 186 -46.97 24.84 -10.82
N ASN A 187 -47.97 24.75 -11.71
CA ASN A 187 -49.12 23.89 -11.50
C ASN A 187 -48.82 22.45 -11.94
N GLU A 188 -48.80 21.54 -10.98
CA GLU A 188 -48.77 20.12 -11.29
C GLU A 188 -47.63 19.68 -12.22
N PRO A 189 -46.36 19.86 -11.78
CA PRO A 189 -45.26 19.46 -12.66
C PRO A 189 -45.31 17.98 -13.00
N TRP A 190 -45.88 17.13 -12.15
CA TRP A 190 -45.97 15.73 -12.56
C TRP A 190 -46.80 15.66 -13.82
N VAL A 191 -47.93 16.37 -13.86
CA VAL A 191 -48.79 16.24 -15.04
C VAL A 191 -48.05 16.76 -16.29
N VAL A 192 -47.47 17.95 -16.18
CA VAL A 192 -46.66 18.56 -17.26
C VAL A 192 -45.66 17.54 -17.82
N ALA A 193 -44.87 16.91 -16.92
CA ALA A 193 -43.85 15.98 -17.35
C ALA A 193 -44.43 14.70 -17.89
N ILE A 194 -45.22 14.02 -17.08
CA ILE A 194 -45.67 12.68 -17.43
C ILE A 194 -46.86 12.62 -18.41
N VAL A 195 -47.90 13.41 -18.19
CA VAL A 195 -49.05 13.28 -19.10
C VAL A 195 -48.68 13.93 -20.44
N GLY A 196 -47.81 14.93 -20.39
CA GLY A 196 -47.38 15.66 -21.59
C GLY A 196 -46.24 15.02 -22.38
N HIS A 197 -45.31 14.33 -21.70
CA HIS A 197 -44.15 13.77 -22.41
C HIS A 197 -43.97 12.23 -22.33
N LEU A 198 -44.84 11.57 -21.59
CA LEU A 198 -44.77 10.10 -21.48
C LEU A 198 -46.02 9.50 -22.03
N TYR A 199 -47.16 9.99 -21.60
CA TYR A 199 -48.43 9.41 -22.02
C TYR A 199 -48.86 10.06 -23.33
N GLY A 200 -48.40 11.30 -23.53
CA GLY A 200 -48.64 12.06 -24.76
C GLY A 200 -50.09 12.55 -24.88
N VAL A 201 -50.81 12.52 -23.77
CA VAL A 201 -52.22 12.91 -23.73
C VAL A 201 -52.42 14.45 -23.64
N HIS A 202 -51.40 15.13 -23.13
CA HIS A 202 -51.40 16.60 -23.09
C HIS A 202 -50.22 17.15 -23.90
N ALA A 203 -50.27 18.41 -24.26
CA ALA A 203 -49.20 19.04 -24.98
C ALA A 203 -47.88 18.83 -24.18
N PRO A 204 -46.75 18.63 -24.88
CA PRO A 204 -46.60 18.72 -26.32
C PRO A 204 -46.89 17.40 -27.04
N GLY A 205 -47.45 16.42 -26.34
CA GLY A 205 -48.00 15.22 -26.96
C GLY A 205 -46.96 14.19 -27.30
N MET A 206 -45.96 14.06 -26.43
CA MET A 206 -44.83 13.17 -26.62
C MET A 206 -44.98 11.88 -25.81
N ARG A 207 -44.31 10.82 -26.26
CA ARG A 207 -44.24 9.52 -25.53
C ARG A 207 -42.82 8.93 -25.46
N ASP A 208 -42.03 9.44 -24.55
CA ASP A 208 -40.62 9.08 -24.42
C ASP A 208 -40.28 9.21 -22.94
N ILE A 209 -40.00 8.08 -22.29
CA ILE A 209 -39.80 8.09 -20.85
C ILE A 209 -38.50 8.80 -20.46
N TYR A 210 -37.51 8.82 -21.34
CA TYR A 210 -36.27 9.55 -21.01
C TYR A 210 -36.49 11.05 -21.06
N VAL A 211 -37.29 11.53 -22.03
CA VAL A 211 -37.69 12.94 -22.08
C VAL A 211 -38.55 13.27 -20.87
N ALA A 212 -39.47 12.39 -20.49
CA ALA A 212 -40.33 12.70 -19.32
C ALA A 212 -39.58 12.90 -17.98
N PHE A 213 -38.49 12.17 -17.75
CA PHE A 213 -37.83 12.36 -16.49
C PHE A 213 -36.82 13.50 -16.56
N ARG A 214 -36.38 13.84 -17.75
CA ARG A 214 -35.64 15.11 -17.91
C ARG A 214 -36.54 16.30 -17.71
N ALA A 215 -37.83 16.19 -18.10
CA ALA A 215 -38.80 17.26 -17.81
C ALA A 215 -39.01 17.40 -16.33
N VAL A 216 -39.24 16.28 -15.66
CA VAL A 216 -39.36 16.32 -14.21
C VAL A 216 -38.16 17.10 -13.62
N HIS A 217 -36.95 16.68 -13.93
CA HIS A 217 -35.77 17.35 -13.39
C HIS A 217 -35.70 18.85 -13.81
N ASN A 218 -35.92 19.15 -15.08
CA ASN A 218 -35.91 20.56 -15.46
C ASN A 218 -37.01 21.42 -14.84
N LEU A 219 -38.17 20.81 -14.56
CA LEU A 219 -39.24 21.54 -13.86
C LEU A 219 -38.75 21.98 -12.50
N LEU A 220 -38.09 21.06 -11.80
CA LEU A 220 -37.62 21.39 -10.47
C LEU A 220 -36.59 22.51 -10.55
N ARG A 221 -35.63 22.38 -11.43
CA ARG A 221 -34.56 23.40 -11.58
C ARG A 221 -35.18 24.75 -11.92
N ALA A 222 -36.13 24.75 -12.85
CA ALA A 222 -36.87 25.98 -13.14
C ALA A 222 -37.58 26.59 -11.93
N HIS A 223 -38.32 25.76 -11.23
CA HIS A 223 -39.05 26.19 -10.05
C HIS A 223 -38.08 26.87 -9.07
N ALA A 224 -36.98 26.19 -8.79
CA ALA A 224 -36.00 26.73 -7.83
C ALA A 224 -35.37 28.03 -8.29
N ARG A 225 -35.05 28.15 -9.57
CA ARG A 225 -34.49 29.42 -10.09
C ARG A 225 -35.50 30.55 -9.94
N ALA A 226 -36.77 30.26 -10.21
CA ALA A 226 -37.78 31.29 -10.07
C ALA A 226 -37.84 31.71 -8.61
N VAL A 227 -37.84 30.76 -7.68
CA VAL A 227 -37.91 31.15 -6.25
C VAL A 227 -36.71 32.04 -5.91
N LYS A 228 -35.53 31.66 -6.38
CA LYS A 228 -34.34 32.45 -6.09
C LYS A 228 -34.44 33.88 -6.68
N VAL A 229 -34.89 34.03 -7.93
CA VAL A 229 -35.17 35.37 -8.48
C VAL A 229 -36.27 36.11 -7.69
N PHE A 230 -37.22 35.36 -7.18
CA PHE A 230 -38.32 35.94 -6.40
C PHE A 230 -37.79 36.66 -5.14
N ARG A 231 -36.88 36.02 -4.42
CA ARG A 231 -36.37 36.66 -3.19
C ARG A 231 -35.66 37.98 -3.53
N GLU A 232 -35.12 38.10 -4.73
CA GLU A 232 -34.39 39.30 -5.16
CA GLU A 232 -34.39 39.32 -5.10
C GLU A 232 -35.32 40.42 -5.59
N THR A 233 -36.51 40.05 -6.07
CA THR A 233 -37.30 41.03 -6.81
C THR A 233 -38.60 41.40 -6.16
N VAL A 234 -39.04 40.63 -5.18
CA VAL A 234 -40.34 40.91 -4.54
C VAL A 234 -40.21 41.02 -3.03
N LYS A 235 -40.73 42.08 -2.45
CA LYS A 235 -40.71 42.18 -1.01
C LYS A 235 -42.08 41.82 -0.41
N ASP A 236 -42.04 41.18 0.77
CA ASP A 236 -43.24 40.82 1.54
C ASP A 236 -44.16 39.89 0.77
N GLY A 237 -43.59 38.95 0.04
CA GLY A 237 -44.38 38.06 -0.79
C GLY A 237 -44.05 36.64 -0.42
N LYS A 238 -44.94 35.73 -0.77
CA LYS A 238 -44.76 34.30 -0.49
C LYS A 238 -44.89 33.52 -1.81
N ILE A 239 -44.12 32.44 -1.97
CA ILE A 239 -44.07 31.66 -3.21
C ILE A 239 -44.07 30.19 -2.86
N GLY A 240 -44.81 29.43 -3.66
CA GLY A 240 -44.92 28.00 -3.48
C GLY A 240 -45.07 27.35 -4.84
N ILE A 241 -45.63 26.14 -4.81
CA ILE A 241 -45.69 25.27 -5.94
C ILE A 241 -46.84 24.32 -5.64
N VAL A 242 -47.47 23.84 -6.69
CA VAL A 242 -48.73 23.11 -6.60
C VAL A 242 -48.59 21.71 -7.19
N PHE A 243 -49.01 20.69 -6.43
CA PHE A 243 -48.93 19.31 -6.86
C PHE A 243 -50.28 18.67 -7.00
N ASN A 244 -50.45 17.81 -8.00
CA ASN A 244 -51.64 16.93 -8.10
C ASN A 244 -51.43 15.77 -7.12
N ASN A 245 -52.52 15.20 -6.63
CA ASN A 245 -52.43 14.13 -5.62
C ASN A 245 -53.63 13.27 -5.71
N GLY A 246 -53.41 11.96 -5.65
CA GLY A 246 -54.46 10.97 -5.59
C GLY A 246 -54.38 10.26 -4.24
N TYR A 247 -55.52 9.85 -3.71
CA TYR A 247 -55.54 9.01 -2.51
C TYR A 247 -55.50 7.54 -2.95
N PHE A 248 -54.32 6.93 -2.87
CA PHE A 248 -54.13 5.59 -3.37
C PHE A 248 -54.35 4.59 -2.26
N GLU A 249 -55.10 3.53 -2.57
CA GLU A 249 -55.35 2.46 -1.62
C GLU A 249 -55.05 1.12 -2.25
N PRO A 250 -54.59 0.17 -1.41
CA PRO A 250 -54.16 -1.16 -1.90
C PRO A 250 -55.36 -2.05 -2.21
N ALA A 251 -55.33 -2.76 -3.35
CA ALA A 251 -56.42 -3.70 -3.67
C ALA A 251 -56.51 -4.88 -2.69
N SER A 252 -55.42 -5.16 -1.99
CA SER A 252 -55.40 -6.25 -1.01
C SER A 252 -54.31 -5.95 -0.01
N GLU A 253 -54.19 -6.79 1.00
CA GLU A 253 -53.13 -6.60 1.98
C GLU A 253 -51.87 -7.39 1.60
N LYS A 254 -51.82 -7.85 0.34
CA LYS A 254 -50.62 -8.47 -0.19
C LYS A 254 -49.48 -7.48 -0.18
N GLU A 255 -48.28 -7.98 0.05
CA GLU A 255 -47.13 -7.12 0.21
C GLU A 255 -46.87 -6.26 -1.04
N GLU A 256 -46.94 -6.87 -2.21
CA GLU A 256 -46.72 -6.14 -3.46
C GLU A 256 -47.79 -5.08 -3.77
N ASP A 257 -49.00 -5.26 -3.23
CA ASP A 257 -50.06 -4.28 -3.42
C ASP A 257 -49.80 -3.08 -2.51
N ILE A 258 -49.32 -3.37 -1.31
CA ILE A 258 -48.95 -2.33 -0.36
C ILE A 258 -47.74 -1.57 -0.90
N ARG A 259 -46.85 -2.28 -1.59
CA ARG A 259 -45.72 -1.64 -2.20
C ARG A 259 -46.16 -0.81 -3.40
N ALA A 260 -47.06 -1.36 -4.21
CA ALA A 260 -47.57 -0.63 -5.36
C ALA A 260 -48.12 0.74 -4.95
N VAL A 261 -48.78 0.80 -3.80
CA VAL A 261 -49.35 2.05 -3.27
C VAL A 261 -48.23 3.01 -2.86
N ARG A 262 -47.15 2.50 -2.26
CA ARG A 262 -46.06 3.35 -1.88
C ARG A 262 -45.47 4.02 -3.13
N PHE A 263 -45.29 3.22 -4.19
CA PHE A 263 -44.75 3.73 -5.42
C PHE A 263 -45.65 4.81 -6.03
N MET A 264 -46.95 4.52 -6.11
CA MET A 264 -47.87 5.50 -6.67
C MET A 264 -47.90 6.79 -5.85
N HIS A 265 -47.78 6.69 -4.52
CA HIS A 265 -47.74 7.92 -3.72
C HIS A 265 -46.43 8.66 -4.00
N GLN A 266 -45.30 7.94 -4.01
CA GLN A 266 -44.00 8.62 -4.21
C GLN A 266 -43.87 9.25 -5.60
N PHE A 267 -44.43 8.58 -6.60
CA PHE A 267 -44.32 9.01 -7.98
C PHE A 267 -45.37 10.05 -8.35
N ASN A 268 -46.63 9.76 -8.05
CA ASN A 268 -47.73 10.56 -8.56
CA ASN A 268 -47.73 10.57 -8.55
C ASN A 268 -48.04 11.78 -7.70
N ASN A 269 -47.74 11.66 -6.40
CA ASN A 269 -48.08 12.64 -5.42
C ASN A 269 -46.91 13.60 -5.13
N TYR A 270 -47.10 14.54 -4.20
CA TYR A 270 -46.06 15.57 -3.87
C TYR A 270 -44.59 15.06 -3.62
N PRO A 271 -44.40 13.83 -3.11
CA PRO A 271 -43.01 13.41 -2.80
C PRO A 271 -42.03 13.44 -3.99
N LEU A 272 -42.51 13.22 -5.21
CA LEU A 272 -41.60 13.27 -6.37
C LEU A 272 -40.82 14.58 -6.34
N PHE A 273 -41.49 15.65 -5.96
CA PHE A 273 -40.89 16.98 -6.00
C PHE A 273 -40.47 17.51 -4.62
N LEU A 274 -41.21 17.13 -3.57
CA LEU A 274 -40.87 17.68 -2.26
C LEU A 274 -39.70 16.94 -1.64
N ASN A 275 -39.48 15.68 -2.03
CA ASN A 275 -38.29 15.02 -1.53
C ASN A 275 -37.07 15.74 -2.05
N PRO A 276 -37.05 16.03 -3.38
CA PRO A 276 -36.00 16.88 -3.90
C PRO A 276 -35.87 18.20 -3.14
N ILE A 277 -36.97 18.96 -3.10
CA ILE A 277 -37.02 20.25 -2.41
C ILE A 277 -36.62 20.26 -0.90
N TYR A 278 -37.13 19.31 -0.11
CA TYR A 278 -36.83 19.28 1.36
C TYR A 278 -35.66 18.40 1.77
N ARG A 279 -35.27 17.49 0.86
CA ARG A 279 -34.31 16.45 1.23
C ARG A 279 -33.12 16.26 0.31
N GLY A 280 -33.16 16.86 -0.88
CA GLY A 280 -32.01 16.81 -1.76
C GLY A 280 -31.92 15.59 -2.66
N ASP A 281 -33.02 14.85 -2.81
CA ASP A 281 -33.00 13.71 -3.72
C ASP A 281 -34.42 13.22 -4.01
N TYR A 282 -34.57 12.42 -5.08
CA TYR A 282 -35.90 11.89 -5.41
C TYR A 282 -36.24 10.78 -4.42
N PRO A 283 -37.54 10.42 -4.33
CA PRO A 283 -37.98 9.35 -3.45
C PRO A 283 -37.34 8.02 -3.85
N GLU A 284 -37.11 7.16 -2.86
CA GLU A 284 -36.44 5.87 -3.03
C GLU A 284 -37.08 4.98 -4.11
N LEU A 285 -38.39 4.80 -4.08
CA LEU A 285 -38.97 3.95 -5.11
C LEU A 285 -38.95 4.59 -6.50
N VAL A 286 -38.91 5.91 -6.57
CA VAL A 286 -38.79 6.56 -7.87
C VAL A 286 -37.36 6.36 -8.43
N LEU A 287 -36.32 6.53 -7.58
CA LEU A 287 -34.96 6.18 -8.01
C LEU A 287 -34.87 4.72 -8.50
N GLU A 288 -35.49 3.78 -7.77
CA GLU A 288 -35.40 2.38 -8.17
C GLU A 288 -36.02 2.17 -9.56
N PHE A 289 -37.05 2.97 -9.84
CA PHE A 289 -37.83 2.80 -11.07
C PHE A 289 -37.16 3.58 -12.18
N ALA A 290 -36.70 4.77 -11.87
CA ALA A 290 -36.34 5.71 -12.93
C ALA A 290 -34.91 6.28 -12.94
N ARG A 291 -34.00 5.73 -12.16
CA ARG A 291 -32.64 6.28 -12.20
CA ARG A 291 -32.62 6.20 -12.17
C ARG A 291 -32.09 6.27 -13.61
N GLU A 292 -32.34 5.21 -14.36
CA GLU A 292 -31.82 5.13 -15.71
C GLU A 292 -32.35 6.24 -16.64
N TYR A 293 -33.48 6.85 -16.30
CA TYR A 293 -34.09 7.83 -17.20
C TYR A 293 -33.67 9.26 -16.90
N LEU A 294 -33.18 9.49 -15.69
CA LEU A 294 -32.70 10.83 -15.25
C LEU A 294 -31.32 11.18 -15.80
N PRO A 295 -30.98 12.48 -15.89
CA PRO A 295 -29.63 12.78 -16.34
C PRO A 295 -28.57 12.19 -15.43
N GLU A 296 -27.41 11.89 -16.01
CA GLU A 296 -26.36 11.15 -15.32
C GLU A 296 -26.05 11.74 -13.91
N ASN A 297 -25.78 13.05 -13.87
CA ASN A 297 -25.32 13.75 -12.66
C ASN A 297 -26.43 14.64 -12.08
N TYR A 298 -27.66 14.13 -12.06
CA TYR A 298 -28.80 14.97 -11.70
C TYR A 298 -28.59 15.54 -10.30
N LYS A 299 -27.96 14.73 -9.45
CA LYS A 299 -27.76 15.11 -8.06
C LYS A 299 -26.86 16.35 -7.91
N ASP A 300 -26.09 16.70 -8.94
CA ASP A 300 -25.40 18.00 -8.85
C ASP A 300 -26.40 19.16 -8.79
N ASP A 301 -27.62 18.96 -9.29
CA ASP A 301 -28.61 20.05 -9.28
C ASP A 301 -29.41 20.15 -7.98
N MET A 302 -29.33 19.15 -7.09
CA MET A 302 -30.18 19.12 -5.88
C MET A 302 -29.92 20.24 -4.87
N SER A 303 -28.69 20.66 -4.66
CA SER A 303 -28.57 21.70 -3.66
C SER A 303 -29.28 22.99 -4.12
N GLU A 304 -29.25 23.29 -5.41
CA GLU A 304 -30.00 24.45 -5.89
C GLU A 304 -31.52 24.25 -5.76
N ILE A 305 -31.97 23.03 -6.01
CA ILE A 305 -33.40 22.70 -6.03
C ILE A 305 -33.97 22.89 -4.63
N GLN A 306 -33.11 22.76 -3.60
CA GLN A 306 -33.58 22.92 -2.22
C GLN A 306 -33.81 24.38 -1.82
N GLU A 307 -33.81 25.30 -2.79
CA GLU A 307 -34.27 26.69 -2.50
C GLU A 307 -35.55 26.76 -1.63
N LYS A 308 -35.46 27.42 -0.48
CA LYS A 308 -36.59 27.49 0.44
C LYS A 308 -37.89 28.06 -0.18
N ILE A 309 -38.99 27.34 0.00
CA ILE A 309 -40.34 27.77 -0.42
C ILE A 309 -41.18 28.17 0.81
N ASP A 310 -42.26 28.94 0.62
CA ASP A 310 -43.11 29.39 1.71
C ASP A 310 -44.36 28.55 1.93
N PHE A 311 -44.85 27.86 0.88
CA PHE A 311 -46.07 27.06 1.04
C PHE A 311 -46.16 25.97 -0.01
N VAL A 312 -46.93 24.92 0.28
CA VAL A 312 -47.15 23.84 -0.68
C VAL A 312 -48.62 23.91 -1.09
N GLY A 313 -48.92 23.83 -2.37
CA GLY A 313 -50.31 23.83 -2.83
C GLY A 313 -50.60 22.42 -3.24
N LEU A 314 -51.66 21.83 -2.67
CA LEU A 314 -52.07 20.49 -3.04
C LEU A 314 -53.42 20.60 -3.75
N ASN A 315 -53.52 20.03 -4.93
CA ASN A 315 -54.79 19.84 -5.62
C ASN A 315 -55.22 18.41 -5.31
N TYR A 316 -56.53 18.17 -5.16
CA TYR A 316 -57.03 16.82 -4.92
C TYR A 316 -58.41 16.62 -5.58
N TYR A 317 -58.63 15.48 -6.22
CA TYR A 317 -59.90 15.25 -6.87
C TYR A 317 -60.50 13.90 -6.56
N SER A 318 -59.63 12.91 -6.40
CA SER A 318 -60.11 11.54 -6.44
CA SER A 318 -60.08 11.54 -6.48
C SER A 318 -59.24 10.51 -5.71
N GLY A 319 -59.87 9.39 -5.38
CA GLY A 319 -59.26 8.25 -4.74
C GLY A 319 -59.07 7.15 -5.79
N HIS A 320 -58.05 6.34 -5.60
CA HIS A 320 -57.78 5.22 -6.49
C HIS A 320 -57.36 3.94 -5.79
N LEU A 321 -57.95 2.83 -6.18
CA LEU A 321 -57.51 1.52 -5.70
C LEU A 321 -56.46 0.99 -6.68
N VAL A 322 -55.35 0.51 -6.11
CA VAL A 322 -54.19 0.16 -6.89
C VAL A 322 -53.68 -1.26 -6.60
N LYS A 323 -53.17 -1.93 -7.62
CA LYS A 323 -52.55 -3.25 -7.45
C LYS A 323 -51.26 -3.42 -8.25
N PHE A 324 -50.33 -4.20 -7.71
CA PHE A 324 -49.18 -4.68 -8.50
C PHE A 324 -49.69 -5.50 -9.70
N ASP A 325 -49.23 -5.16 -10.90
CA ASP A 325 -49.67 -5.80 -12.14
C ASP A 325 -48.43 -5.95 -13.04
N PRO A 326 -47.98 -7.20 -13.23
CA PRO A 326 -46.72 -7.45 -13.94
C PRO A 326 -46.80 -7.07 -15.41
N ASP A 327 -48.00 -7.00 -15.96
CA ASP A 327 -48.18 -6.65 -17.36
C ASP A 327 -48.24 -5.15 -17.58
N ALA A 328 -48.06 -4.37 -16.50
CA ALA A 328 -48.13 -2.91 -16.61
C ALA A 328 -46.75 -2.28 -16.48
N LYS A 331 -45.27 -1.07 -13.25
CA LYS A 331 -45.82 -2.37 -12.81
C LYS A 331 -47.01 -2.20 -11.86
N VAL A 332 -47.92 -1.30 -12.21
CA VAL A 332 -49.05 -0.99 -11.36
C VAL A 332 -50.27 -0.69 -12.21
N SER A 333 -51.40 -1.25 -11.83
CA SER A 333 -52.64 -0.92 -12.52
C SER A 333 -53.70 -0.32 -11.58
N PHE A 334 -54.51 0.59 -12.10
CA PHE A 334 -55.69 1.03 -11.37
C PHE A 334 -56.80 -0.01 -11.43
N VAL A 335 -57.57 -0.14 -10.36
CA VAL A 335 -58.68 -1.09 -10.32
C VAL A 335 -59.97 -0.37 -10.00
N GLU A 336 -60.91 -0.35 -10.94
CA GLU A 336 -62.18 0.39 -10.77
C GLU A 336 -62.98 -0.08 -9.56
N ARG A 337 -63.49 0.84 -8.73
CA ARG A 337 -64.32 0.43 -7.60
C ARG A 337 -65.77 0.77 -7.86
N ASP A 338 -66.66 0.02 -7.22
CA ASP A 338 -68.11 0.31 -7.26
C ASP A 338 -68.43 1.47 -6.28
N LEU A 339 -67.99 2.68 -6.62
CA LEU A 339 -68.13 3.84 -5.72
C LEU A 339 -68.73 4.99 -6.55
N PRO A 340 -69.31 5.97 -5.89
CA PRO A 340 -69.88 7.06 -6.68
C PRO A 340 -68.80 7.80 -7.49
N LYS A 341 -69.17 8.24 -8.69
CA LYS A 341 -68.22 8.87 -9.64
C LYS A 341 -68.73 10.19 -10.14
N THR A 342 -67.81 11.06 -10.56
CA THR A 342 -68.23 12.25 -11.30
C THR A 342 -68.43 11.93 -12.80
N ALA A 343 -68.80 12.97 -13.56
CA ALA A 343 -68.91 12.86 -15.03
C ALA A 343 -67.59 12.50 -15.72
N MET A 344 -66.47 12.63 -15.01
CA MET A 344 -65.17 12.09 -15.50
C MET A 344 -65.00 10.59 -15.25
N GLY A 345 -65.88 9.98 -14.45
CA GLY A 345 -65.64 8.62 -13.96
C GLY A 345 -64.62 8.60 -12.82
N TRP A 346 -64.28 9.75 -12.24
CA TRP A 346 -63.37 9.74 -11.09
C TRP A 346 -64.12 9.45 -9.80
N GLU A 347 -63.56 8.56 -8.99
CA GLU A 347 -64.29 8.12 -7.80
C GLU A 347 -64.28 9.24 -6.77
N ILE A 348 -65.39 9.41 -6.07
CA ILE A 348 -65.56 10.52 -5.15
C ILE A 348 -65.19 9.92 -3.78
N VAL A 349 -64.06 10.35 -3.23
CA VAL A 349 -63.55 9.75 -2.01
C VAL A 349 -63.04 10.91 -1.16
N PRO A 350 -63.94 11.55 -0.41
CA PRO A 350 -63.61 12.77 0.33
C PRO A 350 -62.53 12.55 1.39
N GLU A 351 -62.55 11.40 2.05
CA GLU A 351 -61.57 11.17 3.08
C GLU A 351 -60.18 11.30 2.48
N GLY A 352 -60.07 11.17 1.16
CA GLY A 352 -58.76 11.36 0.52
C GLY A 352 -58.08 12.70 0.79
N ILE A 353 -58.85 13.78 0.78
CA ILE A 353 -58.26 15.10 0.96
C ILE A 353 -57.73 15.20 2.40
N TYR A 354 -58.42 14.54 3.33
CA TYR A 354 -57.93 14.42 4.71
C TYR A 354 -56.61 13.62 4.76
N TRP A 355 -56.58 12.46 4.11
CA TRP A 355 -55.39 11.64 4.15
C TRP A 355 -54.17 12.38 3.61
N ILE A 356 -54.35 13.05 2.46
CA ILE A 356 -53.24 13.73 1.83
C ILE A 356 -52.76 14.94 2.66
N LEU A 357 -53.69 15.61 3.32
CA LEU A 357 -53.31 16.74 4.19
C LEU A 357 -52.48 16.25 5.40
N LYS A 358 -52.95 15.18 6.05
CA LYS A 358 -52.25 14.61 7.20
C LYS A 358 -50.86 14.19 6.72
N LYS A 359 -50.84 13.41 5.61
CA LYS A 359 -49.61 12.90 5.05
C LYS A 359 -48.55 13.98 4.74
N VAL A 360 -48.96 15.06 4.11
CA VAL A 360 -47.95 16.04 3.72
C VAL A 360 -47.26 16.62 4.96
N LYS A 361 -48.04 16.86 6.02
CA LYS A 361 -47.46 17.37 7.25
C LYS A 361 -46.51 16.35 7.86
N GLU A 362 -46.99 15.12 7.98
CA GLU A 362 -46.19 14.05 8.54
C GLU A 362 -44.85 13.86 7.79
N GLU A 363 -44.89 13.83 6.47
CA GLU A 363 -43.70 13.59 5.71
C GLU A 363 -42.78 14.82 5.59
N TYR A 364 -43.37 15.99 5.34
CA TYR A 364 -42.51 17.12 4.99
C TYR A 364 -42.73 18.35 5.82
N ASN A 365 -43.77 18.29 6.65
CA ASN A 365 -44.11 19.39 7.51
C ASN A 365 -43.90 20.81 6.91
N PRO A 366 -44.54 21.12 5.77
CA PRO A 366 -44.41 22.48 5.21
C PRO A 366 -45.05 23.51 6.14
N PRO A 367 -44.50 24.74 6.20
CA PRO A 367 -45.00 25.69 7.18
C PRO A 367 -46.42 26.10 6.86
N GLU A 368 -46.78 26.01 5.57
CA GLU A 368 -48.10 26.40 5.09
C GLU A 368 -48.52 25.50 3.95
N VAL A 369 -49.82 25.23 3.89
CA VAL A 369 -50.42 24.42 2.85
C VAL A 369 -51.72 25.09 2.40
N TYR A 370 -52.03 24.97 1.11
CA TYR A 370 -53.30 25.40 0.58
C TYR A 370 -53.89 24.24 -0.22
N ILE A 371 -55.21 24.09 -0.17
CA ILE A 371 -55.85 23.27 -1.20
C ILE A 371 -56.03 24.24 -2.39
N THR A 372 -55.26 24.05 -3.45
CA THR A 372 -55.21 25.01 -4.55
C THR A 372 -56.19 24.64 -5.70
N GLU A 373 -56.69 23.40 -5.68
CA GLU A 373 -57.81 22.93 -6.48
C GLU A 373 -58.55 21.79 -5.81
N ASN A 374 -59.88 21.88 -5.82
CA ASN A 374 -60.73 20.74 -5.51
C ASN A 374 -62.07 21.05 -6.20
N GLY A 375 -62.65 20.07 -6.86
CA GLY A 375 -63.89 20.33 -7.59
C GLY A 375 -64.34 19.11 -8.35
N ALA A 376 -65.39 19.26 -9.15
CA ALA A 376 -66.03 18.12 -9.77
C ALA A 376 -66.76 18.53 -11.04
N ALA A 377 -66.76 17.62 -12.02
CA ALA A 377 -67.53 17.79 -13.25
C ALA A 377 -68.82 16.95 -13.13
N PHE A 378 -69.97 17.56 -13.32
CA PHE A 378 -71.23 16.81 -13.39
C PHE A 378 -72.00 17.26 -14.61
N ASP A 379 -72.96 16.46 -15.05
CA ASP A 379 -73.69 16.82 -16.28
C ASP A 379 -74.74 17.85 -15.93
N ASP A 380 -74.29 19.11 -15.80
CA ASP A 380 -75.18 20.18 -15.37
C ASP A 380 -76.35 20.41 -16.34
N VAL A 381 -77.49 20.81 -15.79
CA VAL A 381 -78.64 21.09 -16.62
C VAL A 381 -79.16 22.49 -16.29
N VAL A 382 -79.41 23.28 -17.32
CA VAL A 382 -80.15 24.48 -17.15
C VAL A 382 -81.63 24.16 -17.22
N SER A 383 -82.29 24.47 -16.10
CA SER A 383 -83.69 24.20 -15.82
CA SER A 383 -83.68 24.09 -15.97
C SER A 383 -84.58 25.19 -16.52
N GLU A 384 -85.85 24.84 -16.70
CA GLU A 384 -86.82 25.79 -17.25
C GLU A 384 -86.85 27.10 -16.42
N ASP A 385 -86.66 27.00 -15.11
CA ASP A 385 -86.51 28.22 -14.33
C ASP A 385 -85.25 29.04 -14.75
N GLY A 386 -84.39 28.46 -15.56
CA GLY A 386 -83.19 29.20 -15.96
C GLY A 386 -82.09 29.12 -14.93
N ARG A 387 -82.27 28.27 -13.94
CA ARG A 387 -81.26 28.06 -12.91
C ARG A 387 -80.41 26.83 -13.22
N VAL A 388 -79.24 26.70 -12.61
CA VAL A 388 -78.50 25.44 -12.72
C VAL A 388 -78.43 24.76 -11.35
N HIS A 389 -79.32 23.81 -11.12
CA HIS A 389 -79.40 23.13 -9.83
C HIS A 389 -78.42 22.00 -9.77
N ASP A 390 -77.23 22.25 -9.21
CA ASP A 390 -76.17 21.25 -9.21
C ASP A 390 -75.86 20.80 -7.79
N GLN A 391 -76.90 20.36 -7.08
CA GLN A 391 -76.74 19.85 -5.71
C GLN A 391 -75.65 18.78 -5.65
N ASN A 392 -75.48 18.00 -6.73
CA ASN A 392 -74.40 16.97 -6.74
C ASN A 392 -72.99 17.54 -6.57
N ARG A 393 -72.75 18.69 -7.19
CA ARG A 393 -71.46 19.39 -7.02
C ARG A 393 -71.32 19.97 -5.62
N ILE A 394 -72.44 20.43 -5.08
CA ILE A 394 -72.45 20.94 -3.73
C ILE A 394 -72.10 19.81 -2.75
N ASP A 395 -72.68 18.64 -2.97
CA ASP A 395 -72.47 17.52 -2.07
C ASP A 395 -71.01 17.15 -2.09
N TYR A 396 -70.41 17.20 -3.29
CA TYR A 396 -69.01 16.87 -3.47
C TYR A 396 -68.13 17.85 -2.73
N LEU A 397 -68.43 19.13 -2.89
CA LEU A 397 -67.57 20.16 -2.28
C LEU A 397 -67.67 20.13 -0.74
N LYS A 398 -68.91 20.02 -0.28
CA LYS A 398 -69.22 19.93 1.15
C LYS A 398 -68.50 18.77 1.83
N ALA A 399 -68.54 17.60 1.23
CA ALA A 399 -67.92 16.46 1.89
C ALA A 399 -66.41 16.72 1.97
N HIS A 400 -65.83 17.32 0.95
CA HIS A 400 -64.38 17.55 0.93
C HIS A 400 -63.93 18.63 1.91
N ILE A 401 -64.67 19.73 1.94
CA ILE A 401 -64.44 20.81 2.88
C ILE A 401 -64.50 20.28 4.36
N GLY A 402 -65.42 19.35 4.61
CA GLY A 402 -65.59 18.77 5.93
C GLY A 402 -64.35 17.98 6.29
N GLN A 403 -63.84 17.20 5.34
CA GLN A 403 -62.64 16.43 5.59
C GLN A 403 -61.40 17.30 5.76
N ALA A 404 -61.25 18.32 4.90
CA ALA A 404 -60.28 19.39 5.12
C ALA A 404 -60.30 19.99 6.54
N TRP A 405 -61.52 20.23 7.05
CA TRP A 405 -61.71 20.78 8.40
C TRP A 405 -61.17 19.86 9.49
N LYS A 406 -61.45 18.56 9.35
CA LYS A 406 -60.89 17.56 10.26
C LYS A 406 -59.32 17.66 10.31
N ALA A 407 -58.71 17.80 9.13
CA ALA A 407 -57.24 17.92 9.06
C ALA A 407 -56.71 19.13 9.83
N ILE A 408 -57.43 20.25 9.78
CA ILE A 408 -57.07 21.43 10.56
C ILE A 408 -57.19 21.16 12.07
N GLN A 409 -58.29 20.52 12.46
CA GLN A 409 -58.49 20.19 13.86
C GLN A 409 -57.37 19.27 14.33
N GLU A 410 -56.66 18.65 13.40
CA GLU A 410 -55.60 17.73 13.81
C GLU A 410 -54.21 18.31 13.59
N GLY A 411 -54.09 19.61 13.42
CA GLY A 411 -52.77 20.22 13.35
C GLY A 411 -52.20 20.55 11.97
N VAL A 412 -52.86 20.16 10.89
CA VAL A 412 -52.39 20.61 9.57
C VAL A 412 -52.54 22.13 9.41
N PRO A 413 -51.46 22.83 9.01
CA PRO A 413 -51.57 24.27 8.82
C PRO A 413 -52.19 24.66 7.45
N LEU A 414 -53.44 24.24 7.21
CA LEU A 414 -54.13 24.62 5.99
C LEU A 414 -54.60 26.08 6.05
N LYS A 415 -54.11 26.88 5.12
CA LYS A 415 -54.31 28.31 5.16
C LYS A 415 -55.46 28.75 4.22
N GLY A 416 -55.87 27.90 3.27
CA GLY A 416 -56.97 28.28 2.38
C GLY A 416 -57.45 27.15 1.48
N TYR A 417 -58.59 27.38 0.81
CA TYR A 417 -59.21 26.34 0.00
C TYR A 417 -59.69 26.98 -1.32
N PHE A 418 -59.28 26.43 -2.49
CA PHE A 418 -59.69 27.08 -3.74
C PHE A 418 -60.52 26.10 -4.52
N VAL A 419 -61.73 26.46 -4.85
CA VAL A 419 -62.57 25.56 -5.69
C VAL A 419 -62.14 25.61 -7.14
N TRP A 420 -61.99 24.47 -7.76
CA TRP A 420 -61.85 24.42 -9.19
C TRP A 420 -63.25 24.05 -9.70
N SER A 421 -63.90 24.92 -10.48
CA SER A 421 -63.36 26.20 -10.97
C SER A 421 -64.40 27.32 -10.82
N LEU A 422 -63.98 28.58 -10.97
CA LEU A 422 -64.96 29.65 -11.13
C LEU A 422 -65.91 29.40 -12.33
N LEU A 423 -65.37 29.07 -13.50
CA LEU A 423 -66.19 28.93 -14.68
C LEU A 423 -66.05 27.56 -15.31
N ASP A 424 -67.12 27.06 -15.95
CA ASP A 424 -66.97 25.96 -16.88
C ASP A 424 -65.97 26.42 -17.94
N ASN A 425 -65.16 25.51 -18.47
CA ASN A 425 -64.07 25.92 -19.32
C ASN A 425 -63.58 24.80 -20.19
N PHE A 426 -62.44 25.03 -20.82
CA PHE A 426 -61.88 24.08 -21.73
C PHE A 426 -61.10 23.11 -20.90
N GLU A 427 -61.61 21.88 -20.78
CA GLU A 427 -60.98 20.90 -19.92
C GLU A 427 -59.94 20.05 -20.69
N TRP A 428 -58.94 20.76 -21.24
CA TRP A 428 -57.75 20.14 -21.89
C TRP A 428 -58.19 19.12 -22.92
N ALA A 429 -57.72 17.88 -22.80
CA ALA A 429 -58.04 16.88 -23.80
C ALA A 429 -59.51 16.50 -23.88
N GLU A 430 -60.29 16.87 -22.86
CA GLU A 430 -61.75 16.64 -22.85
C GLU A 430 -62.58 17.73 -23.50
N GLY A 431 -61.94 18.85 -23.83
CA GLY A 431 -62.68 19.90 -24.52
C GLY A 431 -63.67 20.46 -23.52
N TYR A 432 -64.75 21.03 -24.06
CA TYR A 432 -65.80 21.71 -23.29
C TYR A 432 -66.88 20.82 -22.70
N SER A 433 -66.78 19.52 -22.97
CA SER A 433 -67.82 18.56 -22.58
C SER A 433 -67.82 18.31 -21.07
N LYS A 434 -66.73 18.67 -20.38
CA LYS A 434 -66.67 18.48 -18.93
C LYS A 434 -66.70 19.81 -18.21
N ARG A 435 -67.75 20.05 -17.44
CA ARG A 435 -68.00 21.34 -16.77
C ARG A 435 -67.64 21.32 -15.30
N PHE A 436 -66.65 22.10 -14.90
CA PHE A 436 -66.23 22.18 -13.50
C PHE A 436 -66.69 23.44 -12.77
N GLY A 437 -67.33 24.36 -13.49
CA GLY A 437 -67.68 25.67 -12.90
C GLY A 437 -68.62 25.72 -11.70
N ILE A 438 -68.43 26.72 -10.83
CA ILE A 438 -69.56 27.08 -9.98
C ILE A 438 -70.41 28.10 -10.70
N VAL A 439 -69.93 28.51 -11.86
CA VAL A 439 -70.71 29.39 -12.75
C VAL A 439 -70.81 28.66 -14.08
N TYR A 440 -72.04 28.46 -14.58
CA TYR A 440 -72.28 27.84 -15.88
C TYR A 440 -72.01 28.83 -17.02
N VAL A 441 -71.39 28.33 -18.09
CA VAL A 441 -71.17 29.12 -19.27
C VAL A 441 -71.92 28.51 -20.45
N ASP A 442 -72.81 29.28 -21.05
CA ASP A 442 -73.50 28.84 -22.24
C ASP A 442 -72.65 29.26 -23.43
N TYR A 443 -72.01 28.31 -24.10
CA TYR A 443 -71.02 28.69 -25.07
C TYR A 443 -71.61 29.24 -26.35
N SER A 444 -72.92 29.10 -26.58
CA SER A 444 -73.47 29.72 -27.78
C SER A 444 -73.55 31.25 -27.60
N THR A 445 -73.85 31.70 -26.38
CA THR A 445 -73.94 33.14 -26.05
C THR A 445 -72.83 33.73 -25.15
N GLN A 446 -72.06 32.87 -24.47
CA GLN A 446 -71.02 33.31 -23.50
C GLN A 446 -71.69 33.83 -22.25
N LYS A 447 -73.00 33.67 -22.19
CA LYS A 447 -73.71 34.00 -20.96
C LYS A 447 -73.31 33.11 -19.77
N ARG A 448 -73.14 33.76 -18.61
CA ARG A 448 -72.82 33.13 -17.34
C ARG A 448 -74.12 32.95 -16.59
N ILE A 449 -74.27 31.81 -15.91
CA ILE A 449 -75.35 31.60 -14.98
C ILE A 449 -74.77 31.03 -13.67
N VAL A 450 -74.94 31.73 -12.55
CA VAL A 450 -74.34 31.26 -11.32
C VAL A 450 -75.07 29.97 -10.92
N LYS A 451 -74.34 28.88 -10.71
CA LYS A 451 -75.02 27.63 -10.34
C LYS A 451 -75.41 27.63 -8.89
N ASP A 452 -76.27 26.71 -8.50
CA ASP A 452 -76.60 26.63 -7.07
C ASP A 452 -75.35 26.48 -6.23
N SER A 453 -74.38 25.77 -6.75
CA SER A 453 -73.14 25.55 -6.00
C SER A 453 -72.42 26.89 -5.72
N GLY A 454 -72.56 27.82 -6.67
CA GLY A 454 -72.05 29.19 -6.55
C GLY A 454 -72.63 29.93 -5.35
N TYR A 455 -73.96 29.92 -5.22
CA TYR A 455 -74.67 30.49 -4.03
C TYR A 455 -74.32 29.80 -2.71
N TRP A 456 -74.30 28.48 -2.73
CA TRP A 456 -73.86 27.69 -1.61
C TRP A 456 -72.42 28.11 -1.22
N TYR A 457 -71.51 28.26 -2.19
CA TYR A 457 -70.11 28.52 -1.81
C TYR A 457 -70.01 29.92 -1.21
N SER A 458 -70.77 30.87 -1.76
CA SER A 458 -70.88 32.23 -1.16
C SER A 458 -71.21 32.19 0.33
N ASN A 459 -72.12 31.30 0.70
CA ASN A 459 -72.48 31.12 2.12
C ASN A 459 -71.38 30.49 2.95
N VAL A 460 -70.75 29.46 2.43
CA VAL A 460 -69.53 28.94 3.07
C VAL A 460 -68.57 30.08 3.42
N VAL A 461 -68.28 30.94 2.45
CA VAL A 461 -67.31 32.03 2.67
C VAL A 461 -67.83 32.98 3.76
N LYS A 462 -69.07 33.42 3.60
CA LYS A 462 -69.71 34.26 4.62
C LYS A 462 -69.67 33.61 6.01
N ASN A 463 -69.97 32.31 6.10
CA ASN A 463 -69.98 31.70 7.41
C ASN A 463 -68.60 31.16 7.82
N ASN A 464 -67.59 31.44 7.01
CA ASN A 464 -66.22 30.81 7.18
C ASN A 464 -66.29 29.30 7.51
N GLY A 465 -67.10 28.54 6.77
CA GLY A 465 -67.26 27.13 7.07
C GLY A 465 -68.65 26.63 6.79
N LEU A 466 -68.98 25.47 7.37
CA LEU A 466 -70.25 24.79 7.15
C LEU A 466 -71.10 24.94 8.40
N GLU A 467 -72.40 25.16 8.21
CA GLU A 467 -73.32 25.26 9.35
C GLU A 467 -74.36 24.16 9.36
N ASN B 24 -11.17 19.31 36.02
CA ASN B 24 -11.25 19.72 34.58
C ASN B 24 -10.62 21.09 34.36
N VAL B 25 -10.53 21.89 35.42
CA VAL B 25 -9.89 23.20 35.25
C VAL B 25 -8.38 23.00 35.27
N LYS B 26 -7.73 23.51 34.24
CA LYS B 26 -6.29 23.36 34.12
C LYS B 26 -5.79 24.73 33.71
N LYS B 27 -5.43 25.52 34.72
CA LYS B 27 -4.90 26.87 34.48
C LYS B 27 -3.40 26.75 34.23
N PHE B 28 -2.91 27.48 33.23
CA PHE B 28 -1.48 27.46 32.92
C PHE B 28 -0.76 28.50 33.75
N PRO B 29 0.58 28.44 33.81
CA PRO B 29 1.32 29.50 34.49
C PRO B 29 1.07 30.93 33.95
N GLU B 30 1.15 31.92 34.84
CA GLU B 30 1.02 33.31 34.44
C GLU B 30 2.06 33.67 33.36
N GLY B 31 1.65 34.38 32.31
CA GLY B 31 2.58 34.74 31.24
C GLY B 31 2.74 33.65 30.19
N PHE B 32 2.12 32.50 30.41
CA PHE B 32 2.18 31.42 29.41
C PHE B 32 1.80 31.93 28.04
N LEU B 33 2.59 31.59 27.03
CA LEU B 33 2.43 32.19 25.69
C LEU B 33 1.54 31.39 24.74
N TRP B 34 0.31 31.82 24.55
CA TRP B 34 -0.59 31.08 23.61
C TRP B 34 -0.40 31.63 22.21
N GLY B 35 -0.10 30.78 21.23
CA GLY B 35 0.02 31.30 19.88
C GLY B 35 -0.55 30.48 18.73
N VAL B 36 -0.30 30.92 17.52
CA VAL B 36 -0.70 30.16 16.32
C VAL B 36 0.48 30.23 15.40
N ALA B 37 0.65 29.23 14.53
CA ALA B 37 1.85 29.19 13.70
C ALA B 37 1.47 29.04 12.22
N THR B 38 2.30 29.64 11.37
CA THR B 38 2.27 29.40 9.92
C THR B 38 3.71 29.28 9.39
N ALA B 39 3.83 28.94 8.10
CA ALA B 39 5.13 28.99 7.40
C ALA B 39 4.95 29.71 6.07
N SER B 40 6.01 30.36 5.59
CA SER B 40 5.92 31.33 4.50
C SER B 40 5.43 30.74 3.18
N TYR B 41 6.07 29.69 2.70
CA TYR B 41 5.65 29.07 1.43
C TYR B 41 4.23 28.51 1.54
N GLN B 42 3.80 28.12 2.74
CA GLN B 42 2.54 27.43 2.82
C GLN B 42 1.41 28.44 2.74
N ILE B 43 1.65 29.69 3.15
CA ILE B 43 0.56 30.69 3.16
C ILE B 43 0.67 31.85 2.18
N GLU B 44 1.90 32.25 1.84
CA GLU B 44 2.09 33.56 1.17
C GLU B 44 1.55 33.67 -0.23
N GLY B 45 1.85 32.72 -1.11
CA GLY B 45 1.68 32.96 -2.54
C GLY B 45 2.64 34.03 -3.02
N SER B 46 2.49 34.50 -4.25
CA SER B 46 3.39 35.51 -4.79
C SER B 46 4.87 35.22 -4.45
N PRO B 47 5.30 33.99 -4.73
CA PRO B 47 6.67 33.53 -4.47
C PRO B 47 7.74 34.33 -5.20
N LEU B 48 7.40 34.93 -6.34
CA LEU B 48 8.40 35.71 -7.08
C LEU B 48 8.14 37.20 -7.07
N ALA B 49 7.24 37.63 -6.18
CA ALA B 49 6.88 39.02 -6.14
C ALA B 49 8.09 39.90 -5.87
N ASP B 50 8.10 41.10 -6.45
CA ASP B 50 9.05 42.16 -6.02
C ASP B 50 10.51 41.72 -6.00
N GLY B 51 10.92 40.99 -7.04
CA GLY B 51 12.34 40.56 -7.22
C GLY B 51 12.79 39.34 -6.43
N ALA B 52 11.88 38.73 -5.68
CA ALA B 52 12.27 37.56 -4.89
C ALA B 52 12.89 36.50 -5.80
N GLY B 53 13.89 35.78 -5.32
CA GLY B 53 14.39 34.64 -6.11
C GLY B 53 13.49 33.41 -6.00
N MET B 54 13.57 32.48 -6.94
CA MET B 54 12.89 31.21 -6.74
C MET B 54 13.41 30.43 -5.51
N SER B 55 12.49 29.73 -4.85
CA SER B 55 12.87 28.77 -3.81
C SER B 55 12.84 27.32 -4.34
N ILE B 56 13.48 26.42 -3.59
CA ILE B 56 13.44 25.01 -3.99
C ILE B 56 12.00 24.47 -3.89
N TRP B 57 11.12 25.10 -3.10
CA TRP B 57 9.72 24.64 -3.11
C TRP B 57 8.94 25.16 -4.31
N HIS B 58 9.35 26.31 -4.83
CA HIS B 58 8.83 26.75 -6.12
C HIS B 58 9.16 25.74 -7.23
N THR B 59 10.42 25.33 -7.32
CA THR B 59 10.80 24.43 -8.41
C THR B 59 10.31 22.99 -8.18
N PHE B 60 10.31 22.55 -6.92
CA PHE B 60 9.82 21.19 -6.57
C PHE B 60 8.34 21.06 -6.90
N SER B 61 7.55 22.02 -6.48
CA SER B 61 6.11 21.86 -6.66
C SER B 61 5.70 22.05 -8.14
N HIS B 62 6.45 22.85 -8.88
CA HIS B 62 6.21 22.96 -10.31
C HIS B 62 6.82 21.82 -11.13
N THR B 63 7.39 20.79 -10.47
CA THR B 63 7.80 19.56 -11.15
C THR B 63 6.64 18.54 -11.03
N PRO B 64 6.08 18.11 -12.16
CA PRO B 64 4.98 17.15 -12.18
C PRO B 64 5.30 15.89 -11.39
N GLY B 65 4.31 15.39 -10.66
CA GLY B 65 4.50 14.18 -9.90
C GLY B 65 4.89 14.39 -8.45
N ASN B 66 5.34 15.57 -8.08
CA ASN B 66 5.86 15.77 -6.71
C ASN B 66 4.80 16.14 -5.66
N VAL B 67 3.74 16.79 -6.07
CA VAL B 67 2.73 17.21 -5.12
C VAL B 67 1.33 16.74 -5.54
N LYS B 68 0.56 16.28 -4.57
CA LYS B 68 -0.80 15.82 -4.83
C LYS B 68 -1.59 16.83 -5.67
N ASN B 69 -2.25 16.34 -6.71
CA ASN B 69 -3.12 17.16 -7.53
C ASN B 69 -2.35 18.21 -8.35
N GLY B 70 -1.02 18.15 -8.36
CA GLY B 70 -0.27 19.20 -9.03
C GLY B 70 -0.43 20.58 -8.40
N ASP B 71 -0.66 20.62 -7.08
CA ASP B 71 -0.83 21.90 -6.37
C ASP B 71 0.55 22.55 -6.16
N THR B 72 0.61 23.88 -6.15
CA THR B 72 1.85 24.60 -5.87
C THR B 72 1.52 25.70 -4.87
N GLY B 73 2.55 26.39 -4.37
CA GLY B 73 2.35 27.52 -3.49
C GLY B 73 2.28 28.86 -4.19
N ASP B 74 1.95 28.83 -5.48
CA ASP B 74 1.83 30.05 -6.29
C ASP B 74 0.86 31.09 -5.71
N VAL B 75 -0.28 30.61 -5.23
CA VAL B 75 -1.34 31.46 -4.63
C VAL B 75 -1.48 31.21 -3.15
N ALA B 76 -1.66 29.95 -2.80
CA ALA B 76 -1.81 29.55 -1.38
C ALA B 76 -2.93 30.37 -0.77
N CYS B 77 -2.62 31.03 0.34
CA CYS B 77 -3.62 31.82 1.00
C CYS B 77 -3.53 33.28 0.57
N ASP B 78 -2.72 33.59 -0.43
CA ASP B 78 -2.55 34.99 -0.85
C ASP B 78 -2.21 35.87 0.35
N HIS B 79 -1.56 35.29 1.36
CA HIS B 79 -1.16 36.07 2.55
C HIS B 79 -0.16 37.18 2.18
N TYR B 80 0.50 37.07 1.04
CA TYR B 80 1.42 38.14 0.63
C TYR B 80 0.68 39.45 0.45
N ASN B 81 -0.55 39.35 -0.01
CA ASN B 81 -1.43 40.50 -0.15
C ASN B 81 -2.39 40.66 1.01
N ARG B 82 -2.73 39.57 1.70
CA ARG B 82 -3.78 39.62 2.70
C ARG B 82 -3.28 39.58 4.18
N TRP B 83 -1.96 39.69 4.36
CA TRP B 83 -1.34 39.65 5.67
C TRP B 83 -2.04 40.51 6.77
N LYS B 84 -2.44 41.73 6.47
CA LYS B 84 -2.99 42.59 7.52
C LYS B 84 -4.30 42.03 8.06
N GLU B 85 -5.17 41.62 7.16
CA GLU B 85 -6.44 41.10 7.61
C GLU B 85 -6.29 39.75 8.29
N ASP B 86 -5.30 38.95 7.90
CA ASP B 86 -5.07 37.72 8.64
C ASP B 86 -4.59 38.04 10.02
N ILE B 87 -3.75 39.08 10.14
CA ILE B 87 -3.26 39.48 11.46
C ILE B 87 -4.42 39.97 12.30
N GLU B 88 -5.37 40.65 11.66
CA GLU B 88 -6.53 41.11 12.39
C GLU B 88 -7.30 39.93 12.97
N ILE B 89 -7.19 38.77 12.33
CA ILE B 89 -7.88 37.61 12.86
C ILE B 89 -7.24 37.17 14.17
N ILE B 90 -5.92 37.25 14.25
CA ILE B 90 -5.25 36.90 15.47
C ILE B 90 -5.70 37.84 16.60
N GLU B 91 -5.76 39.10 16.25
CA GLU B 91 -6.19 40.14 17.15
C GLU B 91 -7.62 39.87 17.60
N LYS B 92 -8.53 39.62 16.67
CA LYS B 92 -9.91 39.42 17.06
C LYS B 92 -10.06 38.12 17.89
N LEU B 93 -9.18 37.14 17.69
CA LEU B 93 -9.21 35.95 18.55
C LEU B 93 -8.48 36.15 19.88
N GLY B 94 -7.71 37.21 20.01
CA GLY B 94 -7.00 37.48 21.26
C GLY B 94 -5.79 36.58 21.44
N VAL B 95 -5.27 36.02 20.35
CA VAL B 95 -4.09 35.17 20.45
C VAL B 95 -2.85 36.04 20.73
N LYS B 96 -2.00 35.58 21.65
CA LYS B 96 -0.89 36.39 22.21
C LYS B 96 0.40 36.34 21.40
N ALA B 97 0.58 35.26 20.64
CA ALA B 97 1.82 35.11 19.88
C ALA B 97 1.58 34.56 18.47
N TYR B 98 2.43 34.98 17.55
CA TYR B 98 2.34 34.55 16.17
C TYR B 98 3.71 34.04 15.78
N ARG B 99 3.76 32.75 15.47
CA ARG B 99 4.96 32.16 14.92
C ARG B 99 4.84 32.10 13.39
N PHE B 100 5.75 32.76 12.67
CA PHE B 100 5.69 32.77 11.20
C PHE B 100 7.10 32.66 10.71
N SER B 101 7.30 32.26 9.44
CA SER B 101 8.67 32.09 8.88
C SER B 101 8.90 33.18 7.82
N ILE B 102 10.17 33.44 7.57
CA ILE B 102 10.60 34.39 6.58
C ILE B 102 11.19 33.60 5.41
N SER B 103 10.77 33.97 4.21
CA SER B 103 11.29 33.38 2.99
C SER B 103 12.71 33.95 2.68
N TRP B 104 13.72 33.11 2.77
CA TRP B 104 15.11 33.44 2.48
C TRP B 104 15.27 34.14 1.11
N PRO B 105 14.74 33.55 0.02
CA PRO B 105 14.89 34.21 -1.28
C PRO B 105 14.06 35.49 -1.51
N ARG B 106 13.12 35.82 -0.61
CA ARG B 106 12.55 37.16 -0.67
C ARG B 106 13.59 38.18 -0.19
N ILE B 107 14.44 37.77 0.73
CA ILE B 107 15.36 38.69 1.41
C ILE B 107 16.63 38.72 0.60
N LEU B 108 17.19 37.54 0.32
CA LEU B 108 18.33 37.38 -0.58
C LEU B 108 17.97 36.53 -1.81
N PRO B 109 17.61 37.14 -2.95
CA PRO B 109 17.09 36.32 -4.07
C PRO B 109 18.15 35.36 -4.57
N GLU B 110 19.43 35.73 -4.49
CA GLU B 110 20.47 34.80 -4.92
CA GLU B 110 20.54 34.86 -4.91
C GLU B 110 21.09 34.03 -3.74
N GLY B 111 20.42 34.04 -2.59
CA GLY B 111 20.93 33.27 -1.47
C GLY B 111 21.92 34.03 -0.60
N THR B 112 22.88 34.67 -1.25
CA THR B 112 23.77 35.61 -0.59
C THR B 112 23.88 36.84 -1.50
N GLY B 113 24.61 37.85 -1.03
CA GLY B 113 24.83 39.05 -1.84
C GLY B 113 23.77 40.10 -1.56
N ARG B 114 23.12 40.56 -2.62
CA ARG B 114 22.26 41.72 -2.57
C ARG B 114 20.97 41.47 -1.77
N VAL B 115 20.64 42.41 -0.91
CA VAL B 115 19.44 42.33 -0.13
C VAL B 115 18.27 43.03 -0.83
N ASN B 116 17.12 42.36 -0.83
CA ASN B 116 15.90 42.85 -1.45
C ASN B 116 15.06 43.69 -0.50
N GLN B 117 15.20 45.01 -0.64
CA GLN B 117 14.48 45.97 0.21
C GLN B 117 12.99 45.64 0.34
N LYS B 118 12.35 45.33 -0.78
CA LYS B 118 10.91 45.00 -0.80
C LYS B 118 10.60 43.77 0.00
N GLY B 119 11.55 42.85 0.03
CA GLY B 119 11.45 41.68 0.88
C GLY B 119 11.45 42.11 2.34
N LEU B 120 12.40 42.96 2.72
CA LEU B 120 12.47 43.47 4.10
C LEU B 120 11.19 44.19 4.40
N ASP B 121 10.69 44.94 3.43
CA ASP B 121 9.52 45.74 3.71
C ASP B 121 8.36 44.82 4.07
N PHE B 122 8.18 43.73 3.32
CA PHE B 122 6.97 42.91 3.54
C PHE B 122 6.94 42.44 5.00
N TYR B 123 8.10 41.99 5.48
CA TYR B 123 8.18 41.45 6.81
C TYR B 123 8.21 42.52 7.90
N ASN B 124 8.76 43.69 7.59
CA ASN B 124 8.66 44.81 8.55
C ASN B 124 7.21 45.21 8.80
N ARG B 125 6.42 45.33 7.74
CA ARG B 125 5.01 45.65 7.93
C ARG B 125 4.34 44.65 8.88
N ILE B 126 4.65 43.37 8.70
CA ILE B 126 3.99 42.33 9.48
C ILE B 126 4.41 42.46 10.94
N ILE B 127 5.72 42.60 11.16
CA ILE B 127 6.25 42.77 12.50
C ILE B 127 5.70 44.01 13.20
N ASP B 128 5.71 45.17 12.52
CA ASP B 128 5.15 46.41 13.12
C ASP B 128 3.66 46.27 13.49
N THR B 129 2.90 45.60 12.63
CA THR B 129 1.47 45.47 12.85
C THR B 129 1.22 44.57 14.06
N LEU B 130 1.95 43.45 14.15
CA LEU B 130 1.82 42.57 15.33
C LEU B 130 2.11 43.36 16.62
N LEU B 131 3.18 44.15 16.59
CA LEU B 131 3.53 44.95 17.73
C LEU B 131 2.40 45.96 18.01
N GLU B 132 1.89 46.62 17.00
CA GLU B 132 0.77 47.54 17.20
C GLU B 132 -0.38 46.82 17.94
N LYS B 133 -0.51 45.53 17.69
CA LYS B 133 -1.68 44.81 18.16
C LYS B 133 -1.32 43.97 19.38
N GLY B 134 -0.09 44.14 19.87
CA GLY B 134 0.30 43.50 21.15
C GLY B 134 0.51 42.00 21.04
N ILE B 135 0.75 41.56 19.82
CA ILE B 135 1.03 40.16 19.53
C ILE B 135 2.53 39.95 19.42
N THR B 136 3.04 38.95 20.11
CA THR B 136 4.45 38.61 20.12
C THR B 136 4.89 37.82 18.89
N PRO B 137 5.82 38.37 18.10
CA PRO B 137 6.23 37.58 16.96
C PRO B 137 7.30 36.56 17.36
N PHE B 138 7.18 35.34 16.82
CA PHE B 138 8.22 34.32 16.99
C PHE B 138 8.64 34.02 15.57
N VAL B 139 9.90 34.30 15.21
CA VAL B 139 10.32 34.19 13.81
C VAL B 139 11.12 32.92 13.57
N THR B 140 10.66 32.11 12.63
CA THR B 140 11.40 30.94 12.18
C THR B 140 12.21 31.42 11.00
N ILE B 141 13.53 31.30 11.10
CA ILE B 141 14.40 31.81 10.08
C ILE B 141 14.36 30.93 8.84
N TYR B 142 14.29 29.62 9.04
CA TYR B 142 14.23 28.64 7.95
C TYR B 142 13.12 27.59 8.13
N HIS B 143 12.11 27.69 7.28
CA HIS B 143 11.04 26.73 7.31
C HIS B 143 10.88 26.23 5.86
N TRP B 144 12.03 25.87 5.30
CA TRP B 144 12.17 24.90 4.17
C TRP B 144 12.27 25.50 2.79
N ASP B 145 12.03 26.80 2.67
CA ASP B 145 12.10 27.42 1.34
C ASP B 145 13.50 27.93 0.98
N LEU B 146 14.43 27.03 0.74
CA LEU B 146 15.81 27.38 0.38
C LEU B 146 15.90 28.09 -1.00
N PRO B 147 16.69 29.18 -1.07
CA PRO B 147 16.86 29.79 -2.39
C PRO B 147 17.30 28.73 -3.36
N PHE B 148 16.56 28.57 -4.43
CA PHE B 148 17.01 27.71 -5.52
C PHE B 148 18.48 28.02 -5.96
N ALA B 149 18.92 29.29 -5.88
CA ALA B 149 20.30 29.64 -6.27
C ALA B 149 21.34 28.91 -5.41
N LEU B 150 21.00 28.66 -4.16
CA LEU B 150 21.83 27.85 -3.28
C LEU B 150 21.76 26.34 -3.58
N GLN B 151 20.56 25.84 -3.96
CA GLN B 151 20.39 24.40 -4.32
C GLN B 151 21.31 24.02 -5.48
N LEU B 152 21.47 24.99 -6.38
CA LEU B 152 22.33 24.80 -7.53
C LEU B 152 23.81 24.61 -7.14
N LYS B 153 24.21 25.08 -5.97
CA LYS B 153 25.55 24.87 -5.38
C LYS B 153 25.56 23.76 -4.30
N GLY B 154 24.54 22.91 -4.35
CA GLY B 154 24.46 21.77 -3.47
C GLY B 154 23.55 21.96 -2.27
N GLY B 155 23.09 23.18 -2.02
CA GLY B 155 22.27 23.44 -0.85
C GLY B 155 22.82 22.84 0.44
N TRP B 156 21.94 22.20 1.22
CA TRP B 156 22.32 21.67 2.55
C TRP B 156 23.41 20.62 2.49
N ALA B 157 23.61 20.04 1.32
CA ALA B 157 24.69 19.11 1.11
C ALA B 157 26.08 19.79 1.09
N ASN B 158 26.10 21.11 0.98
CA ASN B 158 27.34 21.88 0.79
C ASN B 158 27.80 22.50 2.11
N ARG B 159 29.00 22.14 2.54
CA ARG B 159 29.53 22.62 3.81
C ARG B 159 29.43 24.13 3.92
N GLU B 160 29.57 24.81 2.79
CA GLU B 160 29.52 26.27 2.75
C GLU B 160 28.20 26.85 3.22
N ILE B 161 27.14 26.04 3.25
CA ILE B 161 25.85 26.57 3.72
C ILE B 161 25.93 27.06 5.15
N ALA B 162 26.87 26.58 5.95
CA ALA B 162 27.01 27.17 7.29
C ALA B 162 27.23 28.70 7.19
N ASP B 163 28.12 29.11 6.26
CA ASP B 163 28.42 30.51 5.90
C ASP B 163 27.24 31.25 5.31
N TRP B 164 26.66 30.71 4.24
CA TRP B 164 25.46 31.36 3.66
C TRP B 164 24.39 31.61 4.69
N PHE B 165 24.09 30.60 5.50
CA PHE B 165 23.02 30.72 6.51
C PHE B 165 23.35 31.75 7.60
N ALA B 166 24.60 31.73 8.07
CA ALA B 166 25.04 32.74 9.05
C ALA B 166 24.83 34.16 8.51
N GLU B 167 25.20 34.40 7.25
CA GLU B 167 25.01 35.71 6.58
C GLU B 167 23.52 36.07 6.44
N TYR B 168 22.70 35.10 6.02
CA TYR B 168 21.25 35.32 5.94
C TYR B 168 20.67 35.62 7.32
N SER B 169 21.07 34.86 8.33
CA SER B 169 20.63 35.12 9.69
C SER B 169 21.02 36.51 10.17
N ARG B 170 22.27 36.89 9.89
CA ARG B 170 22.73 38.24 10.23
C ARG B 170 21.88 39.36 9.61
N VAL B 171 21.56 39.25 8.33
CA VAL B 171 20.66 40.23 7.74
C VAL B 171 19.32 40.32 8.52
N LEU B 172 18.73 39.16 8.87
CA LEU B 172 17.47 39.18 9.62
C LEU B 172 17.64 39.84 10.97
N PHE B 173 18.68 39.45 11.71
CA PHE B 173 18.92 40.00 13.06
C PHE B 173 19.11 41.52 13.01
N GLU B 174 19.95 42.00 12.07
CA GLU B 174 20.23 43.43 12.00
C GLU B 174 18.97 44.25 11.66
N ASN B 175 18.14 43.68 10.81
CA ASN B 175 16.96 44.39 10.33
C ASN B 175 15.76 44.30 11.19
N PHE B 176 15.57 43.16 11.84
CA PHE B 176 14.35 42.89 12.58
C PHE B 176 14.59 42.69 14.06
N GLY B 177 15.84 42.46 14.46
CA GLY B 177 16.13 42.14 15.87
C GLY B 177 15.76 43.23 16.87
N ASP B 178 15.67 44.46 16.39
CA ASP B 178 15.30 45.54 17.28
C ASP B 178 13.90 45.34 17.81
N ARG B 179 13.08 44.61 17.06
CA ARG B 179 11.66 44.46 17.42
C ARG B 179 11.27 43.03 17.77
N VAL B 180 11.81 42.05 17.05
CA VAL B 180 11.58 40.61 17.31
C VAL B 180 12.66 40.11 18.27
N LYS B 181 12.26 39.55 19.41
CA LYS B 181 13.22 39.07 20.42
C LYS B 181 13.15 37.56 20.63
N ASN B 182 12.32 36.89 19.82
CA ASN B 182 12.14 35.45 19.87
C ASN B 182 12.34 34.79 18.49
N TRP B 183 13.40 33.98 18.38
CA TRP B 183 13.87 33.49 17.10
C TRP B 183 14.13 32.00 17.14
N ILE B 184 13.95 31.36 15.99
CA ILE B 184 14.08 29.92 15.83
C ILE B 184 14.94 29.82 14.60
N THR B 185 16.04 29.08 14.66
CA THR B 185 16.92 28.97 13.50
C THR B 185 16.31 28.07 12.42
N LEU B 186 16.02 26.82 12.78
CA LEU B 186 15.56 25.81 11.83
C LEU B 186 14.23 25.20 12.29
N ASN B 187 13.29 25.06 11.35
CA ASN B 187 12.13 24.24 11.62
C ASN B 187 12.41 22.82 11.16
N GLU B 188 12.38 21.89 12.12
CA GLU B 188 12.48 20.46 11.84
C GLU B 188 13.64 20.00 10.95
N PRO B 189 14.91 20.20 11.40
CA PRO B 189 16.01 19.79 10.51
C PRO B 189 15.96 18.29 10.10
N TRP B 190 15.43 17.41 10.95
CA TRP B 190 15.30 16.03 10.55
C TRP B 190 14.46 15.97 9.28
N VAL B 191 13.35 16.70 9.23
CA VAL B 191 12.47 16.64 8.05
C VAL B 191 13.22 17.17 6.80
N VAL B 192 13.75 18.38 6.89
CA VAL B 192 14.61 18.94 5.83
C VAL B 192 15.61 17.88 5.29
N ALA B 193 16.37 17.25 6.18
CA ALA B 193 17.42 16.34 5.76
C ALA B 193 16.89 15.02 5.20
N ILE B 194 16.09 14.33 6.00
CA ILE B 194 15.67 12.98 5.67
C ILE B 194 14.52 12.99 4.67
N VAL B 195 13.48 13.80 4.88
CA VAL B 195 12.35 13.77 3.93
C VAL B 195 12.77 14.43 2.60
N GLY B 196 13.56 15.51 2.71
CA GLY B 196 14.05 16.21 1.51
C GLY B 196 15.12 15.49 0.72
N HIS B 197 16.00 14.75 1.42
CA HIS B 197 17.22 14.25 0.79
C HIS B 197 17.39 12.73 0.78
N LEU B 198 16.62 12.02 1.61
CA LEU B 198 16.64 10.54 1.60
C LEU B 198 15.35 9.96 1.01
N TYR B 199 14.20 10.45 1.45
CA TYR B 199 12.96 9.93 0.91
C TYR B 199 12.55 10.67 -0.36
N GLY B 200 13.03 11.91 -0.52
CA GLY B 200 12.81 12.66 -1.77
C GLY B 200 11.37 13.14 -1.92
N VAL B 201 10.63 13.08 -0.81
CA VAL B 201 9.19 13.42 -0.79
C VAL B 201 9.00 14.93 -0.65
N HIS B 202 9.99 15.58 -0.05
CA HIS B 202 10.07 17.05 -0.06
C HIS B 202 11.25 17.59 -0.88
N ALA B 203 11.18 18.88 -1.25
CA ALA B 203 12.28 19.52 -1.92
C ALA B 203 13.55 19.31 -1.08
N PRO B 204 14.71 19.20 -1.75
CA PRO B 204 14.84 19.36 -3.18
C PRO B 204 14.58 18.05 -3.92
N GLY B 205 14.03 17.05 -3.26
CA GLY B 205 13.49 15.85 -3.95
C GLY B 205 14.55 14.81 -4.25
N MET B 206 15.50 14.65 -3.33
CA MET B 206 16.64 13.76 -3.53
C MET B 206 16.48 12.47 -2.73
N ARG B 207 17.11 11.40 -3.23
CA ARG B 207 17.14 10.14 -2.48
C ARG B 207 18.56 9.58 -2.44
N ASP B 208 19.34 10.03 -1.47
CA ASP B 208 20.75 9.66 -1.34
C ASP B 208 21.13 9.71 0.12
N ILE B 209 21.38 8.55 0.72
CA ILE B 209 21.57 8.53 2.15
C ILE B 209 22.83 9.28 2.62
N TYR B 210 23.86 9.33 1.77
CA TYR B 210 25.07 10.05 2.18
C TYR B 210 24.81 11.53 2.13
N VAL B 211 23.98 11.98 1.19
CA VAL B 211 23.61 13.41 1.15
C VAL B 211 22.75 13.81 2.35
N ALA B 212 21.73 12.99 2.61
CA ALA B 212 20.90 13.19 3.79
C ALA B 212 21.69 13.44 5.06
N PHE B 213 22.70 12.60 5.32
CA PHE B 213 23.45 12.76 6.58
C PHE B 213 24.40 13.91 6.55
N ARG B 214 24.90 14.27 5.38
CA ARG B 214 25.66 15.52 5.27
C ARG B 214 24.75 16.69 5.52
N ALA B 215 23.49 16.54 5.11
CA ALA B 215 22.49 17.59 5.35
C ALA B 215 22.22 17.72 6.84
N VAL B 216 22.04 16.58 7.54
CA VAL B 216 21.91 16.64 8.99
C VAL B 216 23.05 17.43 9.61
N HIS B 217 24.27 17.09 9.22
CA HIS B 217 25.43 17.70 9.81
C HIS B 217 25.54 19.20 9.45
N ASN B 218 25.23 19.56 8.20
CA ASN B 218 25.34 20.98 7.85
C ASN B 218 24.23 21.84 8.48
N LEU B 219 23.08 21.22 8.72
CA LEU B 219 21.97 21.91 9.37
C LEU B 219 22.43 22.37 10.76
N LEU B 220 23.10 21.46 11.46
CA LEU B 220 23.57 21.74 12.80
C LEU B 220 24.65 22.80 12.77
N ARG B 221 25.58 22.66 11.84
CA ARG B 221 26.66 23.66 11.75
C ARG B 221 26.05 25.02 11.45
N ALA B 222 25.01 25.03 10.62
CA ALA B 222 24.40 26.31 10.26
C ALA B 222 23.64 26.95 11.41
N HIS B 223 22.84 26.13 12.08
CA HIS B 223 22.13 26.59 13.26
C HIS B 223 23.11 27.25 14.24
N ALA B 224 24.20 26.54 14.56
CA ALA B 224 25.18 27.03 15.56
C ALA B 224 25.82 28.35 15.11
N ARG B 225 26.13 28.49 13.82
CA ARG B 225 26.70 29.75 13.30
C ARG B 225 25.74 30.94 13.47
N ALA B 226 24.44 30.71 13.23
CA ALA B 226 23.45 31.76 13.40
C ALA B 226 23.26 32.14 14.85
N VAL B 227 23.31 31.16 15.76
CA VAL B 227 23.22 31.44 17.18
C VAL B 227 24.42 32.30 17.60
N LYS B 228 25.60 31.95 17.12
CA LYS B 228 26.82 32.75 17.34
C LYS B 228 26.63 34.21 16.85
N VAL B 229 26.09 34.43 15.66
CA VAL B 229 25.88 35.78 15.15
CA VAL B 229 25.95 35.79 15.20
C VAL B 229 24.84 36.53 15.98
N PHE B 230 23.85 35.79 16.46
CA PHE B 230 22.73 36.37 17.23
C PHE B 230 23.25 36.97 18.53
N ARG B 231 24.21 36.30 19.15
CA ARG B 231 24.84 36.81 20.38
C ARG B 231 25.52 38.15 20.14
N GLU B 232 26.00 38.37 18.91
CA GLU B 232 26.65 39.62 18.52
C GLU B 232 25.71 40.71 18.07
N THR B 233 24.47 40.35 17.72
CA THR B 233 23.59 41.32 17.04
C THR B 233 22.27 41.63 17.75
N VAL B 234 21.83 40.78 18.67
CA VAL B 234 20.54 40.92 19.37
C VAL B 234 20.72 40.57 20.86
N LYS B 235 20.76 41.62 21.66
N LYS B 235 20.85 41.55 21.75
CA LYS B 235 20.68 41.48 23.09
CA LYS B 235 21.33 41.20 23.10
C LYS B 235 19.23 41.68 23.52
C LYS B 235 20.28 41.01 24.21
N ASP B 236 18.91 41.10 24.67
N ASP B 236 19.03 41.39 23.95
CA ASP B 236 17.56 41.04 25.17
CA ASP B 236 17.91 41.16 24.88
C ASP B 236 16.74 40.04 24.33
C ASP B 236 16.88 40.23 24.19
N GLY B 237 17.42 39.22 23.52
CA GLY B 237 16.68 38.30 22.68
C GLY B 237 16.94 36.84 23.00
N LYS B 238 15.99 35.98 22.63
CA LYS B 238 16.13 34.54 22.86
C LYS B 238 16.12 33.73 21.56
N ILE B 239 17.04 32.78 21.43
CA ILE B 239 17.07 31.93 20.22
C ILE B 239 17.08 30.41 20.52
N GLY B 240 16.45 29.67 19.61
CA GLY B 240 16.25 28.26 19.82
C GLY B 240 16.08 27.60 18.49
N ILE B 241 15.55 26.37 18.53
CA ILE B 241 15.48 25.52 17.35
C ILE B 241 14.35 24.54 17.61
N VAL B 242 13.75 24.01 16.55
CA VAL B 242 12.50 23.24 16.63
C VAL B 242 12.64 21.89 15.97
N PHE B 243 12.14 20.85 16.64
CA PHE B 243 12.29 19.52 16.17
C PHE B 243 10.93 18.87 16.11
N ASN B 244 10.70 18.09 15.07
CA ASN B 244 9.57 17.15 15.09
C ASN B 244 9.85 15.97 16.06
N ASN B 245 8.78 15.34 16.50
CA ASN B 245 8.87 14.21 17.43
C ASN B 245 7.67 13.27 17.24
N GLY B 246 7.89 11.96 17.34
CA GLY B 246 6.75 11.04 17.33
C GLY B 246 6.76 10.35 18.69
N TYR B 247 5.60 9.96 19.19
CA TYR B 247 5.56 9.09 20.37
C TYR B 247 5.58 7.61 19.93
N PHE B 248 6.76 7.01 20.04
CA PHE B 248 7.00 5.64 19.57
C PHE B 248 6.76 4.64 20.68
N GLU B 249 5.96 3.61 20.41
CA GLU B 249 5.79 2.53 21.37
C GLU B 249 6.11 1.19 20.70
N PRO B 250 6.52 0.19 21.50
CA PRO B 250 6.92 -1.10 20.90
C PRO B 250 5.76 -2.05 20.58
N ALA B 251 5.78 -2.67 19.41
CA ALA B 251 4.72 -3.61 19.02
C ALA B 251 4.53 -4.77 19.98
N SER B 252 5.62 -5.20 20.61
CA SER B 252 5.55 -6.27 21.61
C SER B 252 6.64 -6.07 22.66
N GLU B 253 6.71 -6.98 23.61
CA GLU B 253 7.68 -6.87 24.69
C GLU B 253 9.01 -7.47 24.26
N LYS B 254 9.11 -7.94 23.02
CA LYS B 254 10.38 -8.47 22.54
C LYS B 254 11.50 -7.40 22.61
N GLU B 255 12.71 -7.84 22.93
CA GLU B 255 13.79 -6.90 23.15
C GLU B 255 14.14 -6.14 21.91
N GLU B 256 14.09 -6.78 20.75
CA GLU B 256 14.42 -6.03 19.55
C GLU B 256 13.32 -4.96 19.25
N ASP B 257 12.12 -5.16 19.76
CA ASP B 257 11.06 -4.16 19.54
C ASP B 257 11.29 -2.94 20.43
N ILE B 258 11.57 -3.22 21.69
CA ILE B 258 11.92 -2.17 22.63
C ILE B 258 13.17 -1.40 22.14
N ARG B 259 14.14 -2.10 21.56
CA ARG B 259 15.32 -1.44 20.97
C ARG B 259 15.03 -0.57 19.73
N ALA B 260 14.15 -1.07 18.86
CA ALA B 260 13.67 -0.32 17.72
C ALA B 260 13.06 1.03 18.13
N VAL B 261 12.27 1.03 19.20
CA VAL B 261 11.67 2.25 19.71
C VAL B 261 12.78 3.21 20.16
N ARG B 262 13.79 2.66 20.84
CA ARG B 262 14.95 3.47 21.23
C ARG B 262 15.59 4.10 19.99
N PHE B 263 15.75 3.31 18.94
CA PHE B 263 16.32 3.83 17.70
C PHE B 263 15.53 5.00 17.11
N MET B 264 14.22 4.82 16.97
CA MET B 264 13.36 5.86 16.41
C MET B 264 13.35 7.11 17.27
N HIS B 265 13.37 6.97 18.60
CA HIS B 265 13.45 8.16 19.43
C HIS B 265 14.76 8.90 19.16
N GLN B 266 15.88 8.17 19.17
CA GLN B 266 17.18 8.80 18.92
C GLN B 266 17.30 9.38 17.51
N PHE B 267 16.70 8.72 16.52
CA PHE B 267 16.86 9.14 15.11
C PHE B 267 15.85 10.20 14.64
N ASN B 268 14.56 9.89 14.83
CA ASN B 268 13.45 10.74 14.39
CA ASN B 268 13.45 10.75 14.40
C ASN B 268 13.15 11.93 15.31
N ASN B 269 13.46 11.81 16.60
CA ASN B 269 13.10 12.86 17.57
C ASN B 269 14.27 13.81 17.97
N TYR B 270 14.03 14.74 18.90
CA TYR B 270 15.08 15.71 19.31
C TYR B 270 16.53 15.17 19.55
N PRO B 271 16.73 13.89 20.00
CA PRO B 271 18.15 13.52 20.33
C PRO B 271 19.15 13.57 19.18
N LEU B 272 18.72 13.26 17.97
CA LEU B 272 19.58 13.44 16.79
C LEU B 272 20.35 14.76 16.79
N PHE B 273 19.67 15.85 17.16
CA PHE B 273 20.21 17.22 17.20
C PHE B 273 20.59 17.73 18.62
N LEU B 274 19.84 17.31 19.63
CA LEU B 274 20.15 17.78 20.98
C LEU B 274 21.35 17.05 21.55
N ASN B 275 21.65 15.84 21.06
CA ASN B 275 22.86 15.18 21.51
C ASN B 275 24.10 15.93 21.07
N PRO B 276 24.19 16.27 19.78
CA PRO B 276 25.21 17.19 19.30
C PRO B 276 25.26 18.50 20.07
N ILE B 277 24.14 19.22 20.12
CA ILE B 277 24.09 20.53 20.75
C ILE B 277 24.48 20.60 22.25
N TYR B 278 23.89 19.73 23.04
CA TYR B 278 24.16 19.71 24.48
C TYR B 278 25.38 18.86 24.74
N ARG B 279 25.38 17.61 24.25
CA ARG B 279 26.41 16.64 24.66
C ARG B 279 27.71 16.69 23.92
N GLY B 280 27.66 16.98 22.63
CA GLY B 280 28.90 16.99 21.85
C GLY B 280 29.09 15.84 20.87
N ASP B 281 28.03 15.05 20.65
CA ASP B 281 28.10 14.01 19.62
C ASP B 281 26.72 13.50 19.28
N TYR B 282 26.63 12.70 18.19
CA TYR B 282 25.34 12.19 17.74
C TYR B 282 24.95 11.06 18.67
N PRO B 283 23.64 10.73 18.75
CA PRO B 283 23.32 9.63 19.68
C PRO B 283 23.84 8.27 19.20
N GLU B 284 24.14 7.42 20.19
CA GLU B 284 24.86 6.18 20.00
C GLU B 284 24.21 5.26 18.95
N LEU B 285 22.88 5.10 19.02
CA LEU B 285 22.17 4.23 18.06
C LEU B 285 22.13 4.84 16.67
N VAL B 286 22.24 6.16 16.60
CA VAL B 286 22.36 6.83 15.30
C VAL B 286 23.74 6.58 14.66
N LEU B 287 24.81 6.71 15.44
CA LEU B 287 26.15 6.41 14.92
C LEU B 287 26.28 4.96 14.47
N GLU B 288 25.76 4.02 15.27
CA GLU B 288 25.80 2.60 14.90
C GLU B 288 25.15 2.37 13.53
N PHE B 289 24.02 3.02 13.28
CA PHE B 289 23.36 2.97 11.97
C PHE B 289 24.07 3.79 10.91
N ALA B 290 24.56 4.97 11.27
CA ALA B 290 24.91 5.97 10.25
C ALA B 290 26.33 6.55 10.18
N ARG B 291 27.24 6.14 11.04
CA ARG B 291 28.61 6.65 10.98
C ARG B 291 29.20 6.68 9.56
N GLU B 292 28.87 5.64 8.80
CA GLU B 292 29.32 5.46 7.44
C GLU B 292 28.95 6.68 6.58
N TYR B 293 27.80 7.27 6.86
CA TYR B 293 27.24 8.27 5.96
C TYR B 293 27.65 9.67 6.31
N LEU B 294 28.10 9.85 7.54
CA LEU B 294 28.57 11.15 8.03
C LEU B 294 29.94 11.51 7.45
N PRO B 295 30.29 12.80 7.47
CA PRO B 295 31.66 13.14 7.08
C PRO B 295 32.65 12.44 8.00
N GLU B 296 33.73 11.94 7.42
CA GLU B 296 34.74 11.19 8.18
C GLU B 296 35.13 11.87 9.50
N ASN B 297 35.55 13.14 9.45
CA ASN B 297 35.86 13.88 10.67
C ASN B 297 34.76 14.81 11.17
N TYR B 298 33.50 14.36 11.13
CA TYR B 298 32.38 15.18 11.54
C TYR B 298 32.55 15.67 12.97
N LYS B 299 33.12 14.85 13.84
CA LYS B 299 33.23 15.23 15.25
C LYS B 299 34.12 16.47 15.49
N ASP B 300 34.92 16.90 14.51
CA ASP B 300 35.66 18.18 14.68
C ASP B 300 34.77 19.43 14.74
N ASP B 301 33.60 19.36 14.11
CA ASP B 301 32.63 20.47 14.17
C ASP B 301 31.83 20.53 15.46
N MET B 302 31.90 19.49 16.31
CA MET B 302 30.99 19.42 17.47
C MET B 302 31.14 20.54 18.45
N SER B 303 32.38 20.91 18.77
CA SER B 303 32.59 22.04 19.67
CA SER B 303 32.61 22.04 19.65
C SER B 303 31.87 23.27 19.17
N GLU B 304 31.92 23.57 17.88
CA GLU B 304 31.15 24.73 17.48
C GLU B 304 29.64 24.49 17.52
N ILE B 305 29.19 23.29 17.19
CA ILE B 305 27.76 22.98 17.24
C ILE B 305 27.14 23.21 18.64
N GLN B 306 27.99 23.12 19.67
CA GLN B 306 27.56 23.29 21.07
C GLN B 306 27.23 24.73 21.50
N GLU B 307 27.29 25.68 20.58
CA GLU B 307 26.83 27.04 20.87
C GLU B 307 25.56 26.95 21.73
N LYS B 308 25.54 27.67 22.84
CA LYS B 308 24.47 27.49 23.80
C LYS B 308 23.17 28.14 23.29
N ILE B 309 22.03 27.49 23.57
CA ILE B 309 20.73 27.95 23.11
C ILE B 309 19.81 28.32 24.27
N ASP B 310 18.80 29.12 23.97
CA ASP B 310 17.92 29.61 25.02
C ASP B 310 16.70 28.74 25.23
N PHE B 311 16.22 28.11 24.15
CA PHE B 311 15.07 27.21 24.32
C PHE B 311 15.02 26.12 23.22
N VAL B 312 14.23 25.09 23.49
CA VAL B 312 13.95 24.03 22.52
C VAL B 312 12.45 24.13 22.12
N GLY B 313 12.18 24.21 20.81
CA GLY B 313 10.80 24.08 20.32
C GLY B 313 10.56 22.62 19.90
N LEU B 314 9.45 22.04 20.38
CA LEU B 314 9.12 20.66 20.02
C LEU B 314 7.78 20.70 19.28
N ASN B 315 7.71 20.02 18.16
CA ASN B 315 6.45 19.86 17.43
C ASN B 315 6.01 18.44 17.76
N TYR B 316 4.71 18.21 17.85
CA TYR B 316 4.22 16.88 18.16
C TYR B 316 2.87 16.76 17.49
N TYR B 317 2.67 15.70 16.72
CA TYR B 317 1.34 15.47 16.12
C TYR B 317 0.75 14.08 16.40
N SER B 318 1.63 13.08 16.53
CA SER B 318 1.18 11.71 16.44
CA SER B 318 1.25 11.70 16.32
C SER B 318 2.08 10.67 17.10
N GLY B 319 1.51 9.48 17.28
CA GLY B 319 2.16 8.36 17.90
C GLY B 319 2.19 7.20 16.93
N HIS B 320 3.21 6.34 17.09
CA HIS B 320 3.55 5.27 16.18
C HIS B 320 3.92 3.97 16.92
N LEU B 321 3.34 2.88 16.46
CA LEU B 321 3.70 1.57 16.96
C LEU B 321 4.77 1.08 16.02
N VAL B 322 5.86 0.57 16.62
CA VAL B 322 7.11 0.26 15.96
C VAL B 322 7.60 -1.16 16.32
N LYS B 323 8.08 -1.91 15.33
CA LYS B 323 8.64 -3.25 15.59
C LYS B 323 10.00 -3.37 14.92
N PHE B 324 10.78 -4.35 15.39
CA PHE B 324 12.00 -4.72 14.70
C PHE B 324 11.63 -5.47 13.43
N ASP B 325 12.17 -5.03 12.30
CA ASP B 325 11.83 -5.60 10.99
C ASP B 325 13.11 -5.83 10.21
N PRO B 326 13.53 -7.10 10.11
CA PRO B 326 14.83 -7.42 9.53
C PRO B 326 14.88 -7.10 8.04
N ASP B 327 13.74 -6.77 7.44
CA ASP B 327 13.72 -6.44 6.02
C ASP B 327 13.72 -4.92 5.73
N ALA B 328 13.29 -4.09 6.68
CA ALA B 328 13.16 -2.66 6.40
C ALA B 328 14.53 -2.03 6.27
N PRO B 329 14.59 -0.90 5.57
CA PRO B 329 15.85 -0.20 5.40
C PRO B 329 16.60 -0.14 6.73
N ALA B 330 16.05 0.53 7.73
CA ALA B 330 16.81 0.66 8.96
C ALA B 330 16.47 -0.40 9.97
N LYS B 331 15.87 -1.50 9.52
CA LYS B 331 15.58 -2.59 10.43
C LYS B 331 14.42 -2.23 11.39
N VAL B 332 13.65 -1.20 11.02
CA VAL B 332 12.47 -0.83 11.77
C VAL B 332 11.28 -0.59 10.86
N SER B 333 10.10 -0.96 11.28
CA SER B 333 8.93 -0.60 10.49
C SER B 333 7.79 -0.19 11.40
N PHE B 334 6.91 0.65 10.87
CA PHE B 334 5.71 1.06 11.59
C PHE B 334 4.64 -0.02 11.48
N VAL B 335 3.85 -0.21 12.54
CA VAL B 335 2.76 -1.16 12.51
C VAL B 335 1.49 -0.39 12.76
N GLU B 336 0.58 -0.39 11.80
CA GLU B 336 -0.65 0.38 12.00
C GLU B 336 -1.47 -0.09 13.22
N ARG B 337 -2.08 0.85 13.93
CA ARG B 337 -2.90 0.52 15.10
C ARG B 337 -4.34 0.90 14.88
N ASP B 338 -5.25 0.25 15.60
CA ASP B 338 -6.66 0.63 15.55
C ASP B 338 -6.97 1.71 16.59
N LEU B 339 -6.49 2.93 16.37
CA LEU B 339 -6.70 4.08 17.24
C LEU B 339 -7.31 5.16 16.37
N PRO B 340 -8.01 6.12 16.96
CA PRO B 340 -8.53 7.22 16.13
C PRO B 340 -7.42 7.96 15.39
N LYS B 341 -7.71 8.38 14.17
CA LYS B 341 -6.77 9.02 13.29
C LYS B 341 -7.30 10.32 12.69
N THR B 342 -6.41 11.22 12.33
CA THR B 342 -6.85 12.41 11.60
C THR B 342 -7.04 12.06 10.13
N ALA B 343 -7.36 13.06 9.32
CA ALA B 343 -7.56 12.83 7.89
C ALA B 343 -6.23 12.48 7.23
N MET B 344 -5.14 12.61 7.97
CA MET B 344 -3.82 12.20 7.46
C MET B 344 -3.53 10.73 7.67
N GLY B 345 -4.38 10.03 8.43
CA GLY B 345 -4.09 8.67 8.85
C GLY B 345 -3.21 8.64 10.09
N TRP B 346 -2.98 9.81 10.68
CA TRP B 346 -2.11 9.90 11.85
C TRP B 346 -2.87 9.60 13.15
N GLU B 347 -2.34 8.64 13.88
CA GLU B 347 -2.96 8.18 15.14
C GLU B 347 -2.95 9.31 16.17
N ILE B 348 -4.09 9.54 16.79
CA ILE B 348 -4.26 10.58 17.75
C ILE B 348 -3.89 9.97 19.08
N VAL B 349 -2.74 10.39 19.62
CA VAL B 349 -2.24 9.90 20.91
C VAL B 349 -1.79 11.05 21.82
N PRO B 350 -2.74 11.66 22.56
CA PRO B 350 -2.36 12.91 23.20
C PRO B 350 -1.31 12.75 24.32
N GLU B 351 -1.36 11.65 25.08
CA GLU B 351 -0.33 11.32 26.09
C GLU B 351 1.12 11.39 25.55
N GLY B 352 1.27 11.23 24.24
CA GLY B 352 2.54 11.38 23.55
C GLY B 352 3.22 12.72 23.85
N ILE B 353 2.45 13.80 23.95
CA ILE B 353 3.04 15.14 24.12
C ILE B 353 3.55 15.31 25.55
N TYR B 354 2.85 14.66 26.48
CA TYR B 354 3.27 14.57 27.86
C TYR B 354 4.62 13.83 27.94
N TRP B 355 4.68 12.68 27.27
CA TRP B 355 5.87 11.82 27.28
CA TRP B 355 5.86 11.85 27.34
C TRP B 355 7.09 12.51 26.69
N ILE B 356 6.90 13.18 25.56
CA ILE B 356 8.01 13.83 24.93
C ILE B 356 8.56 15.00 25.73
N LEU B 357 7.67 15.68 26.45
CA LEU B 357 8.07 16.81 27.28
C LEU B 357 8.84 16.31 28.50
N LYS B 358 8.32 15.26 29.17
CA LYS B 358 9.03 14.64 30.30
C LYS B 358 10.40 14.16 29.86
N LYS B 359 10.41 13.49 28.72
CA LYS B 359 11.64 12.95 28.14
C LYS B 359 12.71 14.02 27.84
N VAL B 360 12.37 15.13 27.19
CA VAL B 360 13.42 16.10 26.85
C VAL B 360 14.07 16.68 28.15
N LYS B 361 13.25 16.85 29.18
CA LYS B 361 13.69 17.36 30.48
C LYS B 361 14.62 16.36 31.18
N GLU B 362 14.24 15.10 31.11
CA GLU B 362 15.02 14.03 31.71
C GLU B 362 16.36 13.86 30.99
N GLU B 363 16.38 14.09 29.68
CA GLU B 363 17.55 13.78 28.87
C GLU B 363 18.47 14.96 28.75
N TYR B 364 17.90 16.15 28.62
CA TYR B 364 18.72 17.29 28.30
C TYR B 364 18.54 18.52 29.18
N ASN B 365 17.55 18.47 30.08
CA ASN B 365 17.19 19.61 30.98
CA ASN B 365 17.36 19.57 30.99
C ASN B 365 17.36 20.97 30.35
N PRO B 366 16.71 21.15 29.18
CA PRO B 366 16.78 22.51 28.58
C PRO B 366 16.18 23.56 29.54
N PRO B 367 16.67 24.81 29.51
CA PRO B 367 16.12 25.83 30.42
C PRO B 367 14.67 26.22 30.10
N GLU B 368 14.27 26.14 28.82
CA GLU B 368 12.89 26.49 28.47
C GLU B 368 12.48 25.59 27.31
N VAL B 369 11.18 25.32 27.20
CA VAL B 369 10.65 24.49 26.13
C VAL B 369 9.36 25.15 25.63
N TYR B 370 9.12 25.13 24.32
CA TYR B 370 7.84 25.52 23.73
C TYR B 370 7.32 24.39 22.89
N ILE B 371 6.00 24.22 22.85
CA ILE B 371 5.37 23.42 21.82
C ILE B 371 5.11 24.41 20.71
N THR B 372 5.86 24.27 19.63
CA THR B 372 5.86 25.23 18.58
C THR B 372 4.94 24.81 17.41
N GLU B 373 4.43 23.57 17.45
CA GLU B 373 3.36 23.11 16.56
C GLU B 373 2.60 21.95 17.17
N ASN B 374 1.27 21.99 17.04
CA ASN B 374 0.43 20.90 17.41
C ASN B 374 -0.91 21.22 16.75
N GLY B 375 -1.47 20.25 16.05
CA GLY B 375 -2.81 20.47 15.50
C GLY B 375 -3.14 19.29 14.63
N ALA B 376 -4.27 19.38 13.92
CA ALA B 376 -4.74 18.25 13.18
C ALA B 376 -5.52 18.62 11.93
N ALA B 377 -5.50 17.69 10.98
CA ALA B 377 -6.24 17.92 9.74
C ALA B 377 -7.48 17.04 9.81
N PHE B 378 -8.66 17.65 9.69
CA PHE B 378 -9.91 16.90 9.48
C PHE B 378 -10.68 17.37 8.23
N ASP B 379 -11.60 16.54 7.74
CA ASP B 379 -12.42 16.84 6.55
C ASP B 379 -13.44 17.88 6.92
N ASP B 380 -13.01 19.14 7.00
CA ASP B 380 -13.90 20.21 7.42
C ASP B 380 -14.98 20.44 6.40
N VAL B 381 -16.16 20.81 6.90
CA VAL B 381 -17.27 21.16 6.04
CA VAL B 381 -17.36 21.09 6.10
C VAL B 381 -17.87 22.50 6.43
N VAL B 382 -18.17 23.30 5.42
CA VAL B 382 -18.93 24.55 5.60
C VAL B 382 -20.42 24.16 5.60
N SER B 383 -21.12 24.40 6.69
CA SER B 383 -22.49 23.91 6.76
C SER B 383 -23.45 24.98 6.28
N GLU B 384 -24.73 24.63 6.13
CA GLU B 384 -25.74 25.58 5.62
C GLU B 384 -25.67 26.94 6.30
N ASP B 385 -25.42 26.91 7.61
CA ASP B 385 -25.31 28.10 8.43
C ASP B 385 -24.08 28.96 8.09
N GLY B 386 -23.24 28.53 7.17
CA GLY B 386 -22.02 29.29 6.86
C GLY B 386 -20.91 29.14 7.89
N ARG B 387 -21.09 28.25 8.87
CA ARG B 387 -20.01 27.93 9.81
C ARG B 387 -19.21 26.67 9.47
N VAL B 388 -18.09 26.53 10.15
CA VAL B 388 -17.29 25.31 10.11
C VAL B 388 -17.25 24.71 11.55
N HIS B 389 -18.12 23.75 11.79
CA HIS B 389 -18.19 23.06 13.08
C HIS B 389 -17.16 21.93 13.14
N ASP B 390 -15.98 22.22 13.66
CA ASP B 390 -14.89 21.27 13.66
C ASP B 390 -14.58 20.82 15.07
N GLN B 391 -15.59 20.25 15.74
CA GLN B 391 -15.45 19.76 17.10
C GLN B 391 -14.35 18.70 17.23
N ASN B 392 -14.11 17.92 16.16
CA ASN B 392 -13.05 16.91 16.20
C ASN B 392 -11.65 17.56 16.41
N ARG B 393 -11.44 18.68 15.74
CA ARG B 393 -10.20 19.45 15.92
C ARG B 393 -10.14 20.10 17.30
N ILE B 394 -11.27 20.56 17.82
CA ILE B 394 -11.30 21.00 19.21
C ILE B 394 -10.90 19.88 20.18
N ASP B 395 -11.49 18.70 20.02
CA ASP B 395 -11.21 17.62 20.94
C ASP B 395 -9.73 17.30 20.84
N TYR B 396 -9.20 17.31 19.62
CA TYR B 396 -7.80 16.95 19.39
C TYR B 396 -6.94 17.95 20.19
N LEU B 397 -7.18 19.23 19.99
CA LEU B 397 -6.40 20.24 20.69
C LEU B 397 -6.56 20.16 22.21
N LYS B 398 -7.78 20.11 22.67
CA LYS B 398 -8.02 20.11 24.10
C LYS B 398 -7.28 18.95 24.78
N ALA B 399 -7.32 17.77 24.17
CA ALA B 399 -6.69 16.63 24.79
C ALA B 399 -5.16 16.84 24.89
N HIS B 400 -4.56 17.49 23.88
CA HIS B 400 -3.10 17.71 23.87
C HIS B 400 -2.72 18.82 24.86
N ILE B 401 -3.59 19.83 24.98
CA ILE B 401 -3.33 20.92 25.89
C ILE B 401 -3.39 20.35 27.33
N GLY B 402 -4.41 19.55 27.60
CA GLY B 402 -4.50 18.89 28.90
C GLY B 402 -3.22 18.15 29.27
N GLN B 403 -2.63 17.48 28.29
CA GLN B 403 -1.47 16.66 28.56
C GLN B 403 -0.23 17.50 28.79
N ALA B 404 -0.10 18.57 28.00
CA ALA B 404 0.94 19.57 28.19
C ALA B 404 0.86 20.11 29.60
N TRP B 405 -0.35 20.41 30.05
CA TRP B 405 -0.56 20.98 31.37
C TRP B 405 -0.02 20.04 32.45
N LYS B 406 -0.25 18.75 32.26
CA LYS B 406 0.22 17.74 33.23
C LYS B 406 1.76 17.78 33.33
N ALA B 407 2.41 17.91 32.18
CA ALA B 407 3.86 17.95 32.11
C ALA B 407 4.37 19.16 32.90
N ILE B 408 3.65 20.28 32.81
CA ILE B 408 4.02 21.51 33.56
C ILE B 408 3.89 21.30 35.08
N GLN B 409 2.83 20.62 35.49
CA GLN B 409 2.62 20.35 36.93
C GLN B 409 3.75 19.47 37.47
N GLU B 410 4.37 18.70 36.59
CA GLU B 410 5.37 17.76 37.01
C GLU B 410 6.77 18.30 36.79
N GLY B 411 6.85 19.58 36.48
CA GLY B 411 8.14 20.28 36.42
C GLY B 411 8.72 20.72 35.09
N VAL B 412 8.13 20.30 33.97
CA VAL B 412 8.71 20.70 32.65
C VAL B 412 8.61 22.19 32.44
N PRO B 413 9.73 22.87 32.07
CA PRO B 413 9.61 24.32 31.88
C PRO B 413 8.98 24.80 30.56
N LEU B 414 7.73 24.41 30.31
CA LEU B 414 6.98 24.76 29.10
C LEU B 414 6.51 26.19 29.18
N LYS B 415 6.97 27.05 28.26
CA LYS B 415 6.63 28.47 28.30
C LYS B 415 5.49 28.92 27.38
N GLY B 416 5.01 28.04 26.50
CA GLY B 416 4.03 28.44 25.51
C GLY B 416 3.62 27.28 24.63
N TYR B 417 2.57 27.52 23.85
CA TYR B 417 2.00 26.50 23.01
C TYR B 417 1.42 27.13 21.75
N PHE B 418 1.73 26.56 20.59
CA PHE B 418 1.39 27.15 19.29
C PHE B 418 0.57 26.20 18.43
N VAL B 419 -0.63 26.59 18.08
CA VAL B 419 -1.44 25.77 17.20
C VAL B 419 -0.92 25.82 15.76
N TRP B 420 -0.69 24.66 15.17
CA TRP B 420 -0.63 24.57 13.73
C TRP B 420 -2.04 24.26 13.22
N SER B 421 -2.68 25.17 12.47
CA SER B 421 -2.11 26.44 12.01
C SER B 421 -3.16 27.52 12.11
N LEU B 422 -2.79 28.79 11.99
CA LEU B 422 -3.80 29.83 11.93
C LEU B 422 -4.82 29.56 10.81
N LEU B 423 -4.27 29.25 9.64
CA LEU B 423 -5.04 29.11 8.41
C LEU B 423 -4.88 27.75 7.77
N ASP B 424 -5.95 27.28 7.12
CA ASP B 424 -5.77 26.23 6.12
C ASP B 424 -4.72 26.66 5.09
N ASN B 425 -3.88 25.75 4.61
CA ASN B 425 -2.82 26.19 3.72
C ASN B 425 -2.24 25.07 2.88
N PHE B 426 -1.16 25.38 2.15
CA PHE B 426 -0.49 24.41 1.29
C PHE B 426 0.26 23.37 2.10
N GLU B 427 -0.24 22.12 2.19
CA GLU B 427 0.39 21.15 3.10
C GLU B 427 1.43 20.35 2.33
N TRP B 428 2.42 21.09 1.83
CA TRP B 428 3.55 20.50 1.12
C TRP B 428 3.13 19.44 0.10
N ALA B 429 3.68 18.23 0.15
CA ALA B 429 3.32 17.24 -0.89
C ALA B 429 1.82 16.80 -0.90
N GLU B 430 1.08 17.18 0.13
CA GLU B 430 -0.38 16.94 0.18
C GLU B 430 -1.14 18.06 -0.51
N GLY B 431 -0.41 19.08 -0.97
CA GLY B 431 -1.03 20.29 -1.43
C GLY B 431 -2.17 20.73 -0.54
N TYR B 432 -3.24 21.22 -1.18
CA TYR B 432 -4.36 21.83 -0.45
C TYR B 432 -5.43 20.92 0.19
N SER B 433 -5.35 19.64 -0.09
CA SER B 433 -6.33 18.65 0.37
C SER B 433 -6.35 18.48 1.88
N LYS B 434 -5.33 18.99 2.59
CA LYS B 434 -5.28 18.77 4.03
C LYS B 434 -5.34 20.08 4.79
N ARG B 435 -6.39 20.20 5.62
CA ARG B 435 -6.77 21.46 6.25
C ARG B 435 -6.40 21.42 7.74
N PHE B 436 -5.39 22.20 8.13
CA PHE B 436 -4.97 22.29 9.57
C PHE B 436 -5.43 23.56 10.32
N GLY B 437 -6.14 24.44 9.63
CA GLY B 437 -6.45 25.77 10.22
C GLY B 437 -7.47 25.80 11.33
N ILE B 438 -7.37 26.85 12.15
CA ILE B 438 -8.47 27.19 13.00
C ILE B 438 -9.35 28.19 12.28
N VAL B 439 -8.92 28.55 11.07
CA VAL B 439 -9.64 29.43 10.19
C VAL B 439 -9.67 28.73 8.85
N TYR B 440 -10.86 28.57 8.29
CA TYR B 440 -11.06 27.91 7.01
C TYR B 440 -10.79 28.89 5.88
N VAL B 441 -10.14 28.43 4.82
CA VAL B 441 -9.94 29.28 3.65
C VAL B 441 -10.65 28.65 2.48
N ASP B 442 -11.59 29.40 1.91
CA ASP B 442 -12.25 28.98 0.67
C ASP B 442 -11.38 29.45 -0.46
N TYR B 443 -10.78 28.52 -1.17
CA TYR B 443 -9.77 28.89 -2.13
C TYR B 443 -10.31 29.52 -3.42
N SER B 444 -11.59 29.34 -3.72
CA SER B 444 -12.12 30.04 -4.89
C SER B 444 -12.27 31.54 -4.68
N THR B 445 -12.45 32.00 -3.43
CA THR B 445 -12.67 33.41 -3.18
C THR B 445 -11.65 34.02 -2.18
N GLN B 446 -10.80 33.18 -1.61
CA GLN B 446 -9.87 33.58 -0.53
C GLN B 446 -10.54 34.06 0.76
N LYS B 447 -11.84 33.86 0.86
CA LYS B 447 -12.51 34.24 2.08
C LYS B 447 -12.08 33.36 3.22
N ARG B 448 -11.94 33.99 4.39
CA ARG B 448 -11.66 33.28 5.64
C ARG B 448 -12.95 33.04 6.38
N ILE B 449 -13.11 31.86 6.95
CA ILE B 449 -14.18 31.56 7.91
C ILE B 449 -13.54 31.04 9.21
N VAL B 450 -13.68 31.75 10.32
CA VAL B 450 -13.15 31.28 11.59
C VAL B 450 -13.92 30.00 11.97
N LYS B 451 -13.20 28.91 12.23
CA LYS B 451 -13.85 27.63 12.56
C LYS B 451 -14.28 27.64 14.02
N ASP B 452 -15.18 26.74 14.43
CA ASP B 452 -15.47 26.62 15.85
C ASP B 452 -14.21 26.47 16.69
N SER B 453 -13.20 25.82 16.15
CA SER B 453 -11.93 25.67 16.89
C SER B 453 -11.25 27.02 17.18
N GLY B 454 -11.39 27.99 16.27
CA GLY B 454 -10.79 29.30 16.51
C GLY B 454 -11.45 29.98 17.68
N TYR B 455 -12.79 29.96 17.71
CA TYR B 455 -13.53 30.56 18.81
C TYR B 455 -13.17 29.86 20.11
N TRP B 456 -13.13 28.53 20.08
CA TRP B 456 -12.75 27.77 21.23
C TRP B 456 -11.32 28.15 21.68
N TYR B 457 -10.39 28.19 20.74
CA TYR B 457 -9.03 28.54 21.15
C TYR B 457 -8.97 29.95 21.77
N SER B 458 -9.71 30.90 21.22
CA SER B 458 -9.83 32.25 21.79
C SER B 458 -10.17 32.22 23.30
N ASN B 459 -11.13 31.38 23.66
CA ASN B 459 -11.51 31.19 25.06
CA ASN B 459 -11.51 31.18 25.07
C ASN B 459 -10.42 30.54 25.92
N VAL B 460 -9.81 29.48 25.43
CA VAL B 460 -8.62 28.93 26.12
C VAL B 460 -7.63 30.05 26.47
N VAL B 461 -7.35 30.93 25.52
CA VAL B 461 -6.35 31.97 25.75
C VAL B 461 -6.83 32.93 26.83
N LYS B 462 -8.10 33.32 26.72
CA LYS B 462 -8.74 34.25 27.65
C LYS B 462 -8.77 33.69 29.07
N ASN B 463 -9.01 32.40 29.17
CA ASN B 463 -9.04 31.72 30.47
C ASN B 463 -7.65 31.17 30.85
N ASN B 464 -6.62 31.55 30.08
CA ASN B 464 -5.29 30.95 30.24
C ASN B 464 -5.31 29.46 30.56
N GLY B 465 -6.12 28.69 29.84
CA GLY B 465 -6.12 27.24 30.01
C GLY B 465 -7.49 26.59 29.81
N LEU B 466 -7.65 25.39 30.36
CA LEU B 466 -8.88 24.61 30.15
C LEU B 466 -9.90 24.84 31.25
N GLU B 467 -11.16 24.91 30.87
CA GLU B 467 -12.25 25.31 31.76
C GLU B 467 -13.10 24.09 32.14
N VAL C 25 -2.49 3.30 1.86
CA VAL C 25 -3.50 2.29 1.44
C VAL C 25 -3.25 1.86 -0.01
N LYS C 26 -3.69 0.66 -0.38
CA LYS C 26 -3.43 0.13 -1.72
C LYS C 26 -4.68 0.01 -2.58
N LYS C 27 -4.91 1.06 -3.38
CA LYS C 27 -6.09 1.19 -4.23
C LYS C 27 -5.82 0.53 -5.59
N PHE C 28 -6.82 -0.15 -6.12
CA PHE C 28 -6.65 -0.88 -7.38
C PHE C 28 -7.21 -0.03 -8.54
N PRO C 29 -6.98 -0.43 -9.80
CA PRO C 29 -7.51 0.46 -10.82
C PRO C 29 -9.02 0.49 -10.84
N GLU C 30 -9.54 1.60 -11.32
CA GLU C 30 -10.93 1.73 -11.67
C GLU C 30 -11.35 0.49 -12.48
N GLY C 31 -12.43 -0.16 -12.08
CA GLY C 31 -12.95 -1.31 -12.85
C GLY C 31 -12.34 -2.67 -12.53
N PHE C 32 -11.41 -2.71 -11.58
CA PHE C 32 -10.77 -3.95 -11.19
C PHE C 32 -11.81 -4.97 -10.74
N LEU C 33 -11.69 -6.21 -11.22
CA LEU C 33 -12.69 -7.26 -10.96
C LEU C 33 -12.29 -8.12 -9.76
N TRP C 34 -13.07 -8.02 -8.69
CA TRP C 34 -12.89 -8.82 -7.49
C TRP C 34 -13.86 -9.98 -7.52
N GLY C 35 -13.34 -11.20 -7.45
CA GLY C 35 -14.19 -12.40 -7.60
C GLY C 35 -13.92 -13.48 -6.57
N VAL C 36 -14.69 -14.57 -6.66
CA VAL C 36 -14.41 -15.77 -5.92
C VAL C 36 -14.57 -16.91 -6.94
N ALA C 37 -13.94 -18.06 -6.69
CA ALA C 37 -13.93 -19.23 -7.59
C ALA C 37 -14.41 -20.55 -6.92
N THR C 38 -15.00 -21.45 -7.72
CA THR C 38 -15.36 -22.79 -7.29
C THR C 38 -15.22 -23.70 -8.53
N ALA C 39 -15.37 -25.00 -8.38
CA ALA C 39 -15.40 -25.91 -9.54
C ALA C 39 -16.56 -26.87 -9.31
N SER C 40 -17.19 -27.30 -10.38
CA SER C 40 -18.39 -28.12 -10.32
C SER C 40 -18.25 -29.30 -9.38
N TYR C 41 -17.28 -30.18 -9.62
CA TYR C 41 -17.25 -31.41 -8.84
C TYR C 41 -16.97 -31.13 -7.36
N GLN C 42 -16.31 -30.00 -7.07
CA GLN C 42 -15.91 -29.78 -5.69
C GLN C 42 -17.05 -29.34 -4.79
N ILE C 43 -18.08 -28.73 -5.36
CA ILE C 43 -19.14 -28.11 -4.56
C ILE C 43 -20.55 -28.63 -4.81
N GLU C 44 -20.81 -29.19 -6.00
CA GLU C 44 -22.19 -29.48 -6.42
C GLU C 44 -22.95 -30.59 -5.72
N GLY C 45 -22.29 -31.73 -5.55
CA GLY C 45 -22.97 -32.97 -5.22
C GLY C 45 -23.86 -33.43 -6.37
N SER C 46 -24.69 -34.43 -6.08
CA SER C 46 -25.65 -34.97 -7.06
C SER C 46 -25.10 -35.22 -8.45
N PRO C 47 -23.97 -35.94 -8.53
CA PRO C 47 -23.27 -36.13 -9.79
C PRO C 47 -24.13 -36.89 -10.80
N LEU C 48 -25.06 -37.71 -10.32
CA LEU C 48 -25.87 -38.47 -11.27
C LEU C 48 -27.32 -37.97 -11.39
N ALA C 49 -27.63 -36.84 -10.78
CA ALA C 49 -28.99 -36.32 -10.85
C ALA C 49 -29.39 -35.79 -12.22
N ASP C 50 -30.71 -35.91 -12.50
CA ASP C 50 -31.33 -35.32 -13.68
C ASP C 50 -30.67 -35.78 -14.98
N GLY C 51 -30.37 -37.06 -15.07
CA GLY C 51 -29.83 -37.60 -16.31
C GLY C 51 -28.33 -37.42 -16.47
N ALA C 52 -27.63 -36.92 -15.45
CA ALA C 52 -26.17 -36.69 -15.62
C ALA C 52 -25.44 -37.98 -15.93
N GLY C 53 -24.44 -37.93 -16.81
CA GLY C 53 -23.51 -39.06 -16.92
C GLY C 53 -22.39 -39.00 -15.89
N MET C 54 -21.81 -40.15 -15.56
CA MET C 54 -20.64 -40.23 -14.67
C MET C 54 -19.45 -39.43 -15.22
N SER C 55 -18.66 -38.86 -14.31
CA SER C 55 -17.42 -38.22 -14.66
C SER C 55 -16.30 -39.15 -14.16
N ILE C 56 -15.08 -38.90 -14.64
CA ILE C 56 -13.92 -39.60 -14.10
C ILE C 56 -13.66 -39.32 -12.64
N TRP C 57 -14.13 -38.18 -12.12
CA TRP C 57 -13.91 -37.94 -10.70
C TRP C 57 -14.89 -38.76 -9.86
N HIS C 58 -16.11 -38.94 -10.38
CA HIS C 58 -17.04 -39.84 -9.72
C HIS C 58 -16.43 -41.25 -9.57
N THR C 59 -16.01 -41.85 -10.68
CA THR C 59 -15.44 -43.21 -10.65
C THR C 59 -14.09 -43.30 -9.91
N PHE C 60 -13.23 -42.31 -10.11
CA PHE C 60 -11.95 -42.25 -9.36
C PHE C 60 -12.15 -42.23 -7.84
N SER C 61 -13.06 -41.37 -7.38
CA SER C 61 -13.25 -41.20 -5.94
C SER C 61 -14.00 -42.37 -5.28
N HIS C 62 -14.80 -43.08 -6.07
CA HIS C 62 -15.47 -44.30 -5.62
C HIS C 62 -14.57 -45.55 -5.69
N THR C 63 -13.31 -45.34 -6.00
CA THR C 63 -12.34 -46.41 -6.04
C THR C 63 -11.57 -46.33 -4.73
N PRO C 64 -11.67 -47.38 -3.88
CA PRO C 64 -10.98 -47.35 -2.57
C PRO C 64 -9.51 -47.02 -2.70
N GLY C 65 -8.99 -46.22 -1.78
CA GLY C 65 -7.57 -45.86 -1.79
C GLY C 65 -7.22 -44.60 -2.57
N ASN C 66 -8.13 -44.07 -3.37
CA ASN C 66 -7.73 -42.91 -4.18
C ASN C 66 -7.86 -41.53 -3.50
N VAL C 67 -8.83 -41.40 -2.62
CA VAL C 67 -9.09 -40.12 -1.94
C VAL C 67 -8.96 -40.31 -0.42
N LYS C 68 -8.45 -39.33 0.30
CA LYS C 68 -8.40 -39.46 1.78
C LYS C 68 -9.74 -39.85 2.40
N ASN C 69 -9.72 -40.73 3.40
CA ASN C 69 -10.95 -41.17 4.09
C ASN C 69 -12.05 -41.66 3.18
N GLY C 70 -11.69 -42.10 1.98
CA GLY C 70 -12.72 -42.52 1.05
C GLY C 70 -13.74 -41.44 0.74
N ASP C 71 -13.35 -40.17 0.82
CA ASP C 71 -14.30 -39.09 0.49
C ASP C 71 -14.66 -39.10 -0.99
N THR C 72 -15.87 -38.64 -1.30
CA THR C 72 -16.34 -38.50 -2.68
C THR C 72 -17.09 -37.18 -2.92
N GLY C 73 -17.30 -36.84 -4.18
CA GLY C 73 -18.07 -35.64 -4.52
C GLY C 73 -19.55 -35.93 -4.60
N ASP C 74 -19.99 -36.99 -3.91
CA ASP C 74 -21.42 -37.42 -3.94
C ASP C 74 -22.38 -36.38 -3.38
N VAL C 75 -21.99 -35.74 -2.28
CA VAL C 75 -22.80 -34.68 -1.71
C VAL C 75 -22.10 -33.32 -1.76
N ALA C 76 -20.82 -33.30 -1.41
CA ALA C 76 -20.00 -32.09 -1.34
C ALA C 76 -20.76 -31.01 -0.60
N CYS C 77 -20.95 -29.84 -1.22
CA CYS C 77 -21.57 -28.69 -0.54
C CYS C 77 -23.06 -28.63 -0.92
N ASP C 78 -23.52 -29.67 -1.60
CA ASP C 78 -24.90 -29.78 -2.06
C ASP C 78 -25.37 -28.54 -2.81
N HIS C 79 -24.43 -27.91 -3.52
CA HIS C 79 -24.67 -26.71 -4.33
C HIS C 79 -25.62 -27.00 -5.49
N TYR C 80 -25.74 -28.26 -5.89
CA TYR C 80 -26.73 -28.60 -6.90
C TYR C 80 -28.10 -28.07 -6.46
N ASN C 81 -28.42 -28.20 -5.18
CA ASN C 81 -29.69 -27.69 -4.64
C ASN C 81 -29.60 -26.34 -3.94
N ARG C 82 -28.43 -26.01 -3.40
CA ARG C 82 -28.32 -24.81 -2.61
C ARG C 82 -27.71 -23.64 -3.38
N TRP C 83 -27.75 -23.72 -4.71
CA TRP C 83 -27.05 -22.75 -5.54
C TRP C 83 -27.47 -21.32 -5.25
N LYS C 84 -28.78 -21.09 -5.07
CA LYS C 84 -29.30 -19.75 -4.98
C LYS C 84 -28.78 -19.05 -3.74
N GLU C 85 -28.91 -19.73 -2.62
CA GLU C 85 -28.43 -19.19 -1.38
CA GLU C 85 -28.43 -19.23 -1.37
C GLU C 85 -26.94 -18.87 -1.51
N ASP C 86 -26.22 -19.67 -2.29
CA ASP C 86 -24.78 -19.45 -2.44
C ASP C 86 -24.53 -18.19 -3.21
N ILE C 87 -25.33 -17.96 -4.22
CA ILE C 87 -25.19 -16.76 -5.00
C ILE C 87 -25.58 -15.50 -4.18
N GLU C 88 -26.52 -15.68 -3.24
CA GLU C 88 -26.98 -14.62 -2.34
C GLU C 88 -25.92 -14.23 -1.32
N ILE C 89 -25.03 -15.17 -0.99
CA ILE C 89 -23.87 -14.86 -0.16
C ILE C 89 -22.89 -13.99 -0.92
N ILE C 90 -22.62 -14.37 -2.16
CA ILE C 90 -21.72 -13.60 -3.01
C ILE C 90 -22.27 -12.17 -3.04
N GLU C 91 -23.54 -12.07 -3.40
CA GLU C 91 -24.25 -10.83 -3.41
C GLU C 91 -24.13 -10.08 -2.07
N LYS C 92 -24.48 -10.76 -0.98
CA LYS C 92 -24.43 -10.17 0.34
C LYS C 92 -23.05 -9.52 0.57
N LEU C 93 -21.98 -10.22 0.15
CA LEU C 93 -20.65 -9.70 0.38
C LEU C 93 -20.19 -8.67 -0.67
N GLY C 94 -21.04 -8.34 -1.62
CA GLY C 94 -20.64 -7.38 -2.67
C GLY C 94 -19.56 -7.79 -3.69
N VAL C 95 -19.29 -9.09 -3.82
CA VAL C 95 -18.26 -9.57 -4.75
C VAL C 95 -18.74 -9.46 -6.20
N LYS C 96 -17.91 -8.93 -7.10
CA LYS C 96 -18.46 -8.56 -8.41
C LYS C 96 -18.45 -9.70 -9.40
N ALA C 97 -17.60 -10.70 -9.19
CA ALA C 97 -17.50 -11.80 -10.15
C ALA C 97 -17.49 -13.15 -9.49
N TYR C 98 -17.99 -14.14 -10.23
CA TYR C 98 -17.95 -15.48 -9.78
C TYR C 98 -17.44 -16.37 -10.88
N ARG C 99 -16.30 -17.01 -10.60
CA ARG C 99 -15.73 -18.00 -11.49
C ARG C 99 -16.27 -19.34 -11.06
N PHE C 100 -16.98 -20.04 -11.95
CA PHE C 100 -17.44 -21.37 -11.68
C PHE C 100 -17.25 -22.25 -12.91
N SER C 101 -17.26 -23.57 -12.75
CA SER C 101 -17.11 -24.44 -13.90
C SER C 101 -18.39 -25.19 -14.20
N ILE C 102 -18.48 -25.70 -15.42
CA ILE C 102 -19.59 -26.50 -15.89
C ILE C 102 -19.15 -27.98 -15.98
N SER C 103 -19.98 -28.87 -15.45
CA SER C 103 -19.71 -30.29 -15.54
C SER C 103 -20.17 -30.85 -16.88
N TRP C 104 -19.17 -31.06 -17.73
CA TRP C 104 -19.32 -31.64 -19.06
C TRP C 104 -20.38 -32.73 -19.12
N PRO C 105 -20.32 -33.72 -18.21
CA PRO C 105 -21.29 -34.81 -18.32
C PRO C 105 -22.69 -34.50 -17.83
N ARG C 106 -22.92 -33.31 -17.28
CA ARG C 106 -24.29 -32.88 -16.96
C ARG C 106 -24.93 -32.40 -18.26
N ILE C 107 -24.09 -31.90 -19.16
CA ILE C 107 -24.52 -31.31 -20.44
C ILE C 107 -24.58 -32.38 -21.55
N LEU C 108 -23.51 -33.16 -21.68
CA LEU C 108 -23.49 -34.29 -22.63
C LEU C 108 -23.15 -35.57 -21.87
N PRO C 109 -24.18 -36.31 -21.44
CA PRO C 109 -23.86 -37.43 -20.57
C PRO C 109 -22.99 -38.50 -21.20
N GLU C 110 -22.95 -38.57 -22.54
CA GLU C 110 -22.05 -39.51 -23.22
C GLU C 110 -20.80 -38.82 -23.74
N GLY C 111 -20.59 -37.56 -23.37
CA GLY C 111 -19.43 -36.78 -23.83
C GLY C 111 -19.65 -36.03 -25.14
N THR C 112 -20.31 -36.71 -26.08
CA THR C 112 -20.71 -36.11 -27.35
C THR C 112 -22.16 -36.49 -27.64
N GLY C 113 -22.76 -35.81 -28.61
CA GLY C 113 -24.08 -36.22 -29.06
C GLY C 113 -25.20 -35.57 -28.26
N ARG C 114 -25.92 -36.38 -27.51
CA ARG C 114 -27.17 -35.94 -26.92
C ARG C 114 -26.96 -34.92 -25.83
N VAL C 115 -27.63 -33.77 -25.94
CA VAL C 115 -27.53 -32.73 -24.93
C VAL C 115 -28.57 -32.93 -23.86
N ASN C 116 -28.18 -32.74 -22.61
CA ASN C 116 -29.13 -32.91 -21.53
C ASN C 116 -29.81 -31.59 -21.09
N GLN C 117 -31.11 -31.48 -21.35
CA GLN C 117 -31.82 -30.22 -21.08
C GLN C 117 -31.72 -29.75 -19.62
N LYS C 118 -31.85 -30.66 -18.67
CA LYS C 118 -31.82 -30.25 -17.28
C LYS C 118 -30.42 -29.79 -16.87
N GLY C 119 -29.39 -30.30 -17.57
CA GLY C 119 -28.02 -29.79 -17.37
C GLY C 119 -27.98 -28.31 -17.74
N LEU C 120 -28.52 -28.02 -18.93
CA LEU C 120 -28.60 -26.64 -19.40
C LEU C 120 -29.37 -25.74 -18.41
N ASP C 121 -30.54 -26.20 -17.96
CA ASP C 121 -31.39 -25.40 -17.07
C ASP C 121 -30.62 -25.12 -15.78
N PHE C 122 -29.90 -26.11 -15.28
CA PHE C 122 -29.23 -25.94 -14.01
C PHE C 122 -28.27 -24.76 -14.06
N TYR C 123 -27.61 -24.55 -15.20
CA TYR C 123 -26.58 -23.53 -15.30
C TYR C 123 -27.19 -22.23 -15.82
N ASN C 124 -28.24 -22.35 -16.62
CA ASN C 124 -29.02 -21.14 -16.96
C ASN C 124 -29.52 -20.37 -15.75
N ARG C 125 -30.03 -21.05 -14.72
CA ARG C 125 -30.60 -20.40 -13.52
C ARG C 125 -29.51 -19.78 -12.68
N ILE C 126 -28.34 -20.44 -12.65
CA ILE C 126 -27.15 -19.81 -12.07
C ILE C 126 -26.75 -18.59 -12.88
N ILE C 127 -26.72 -18.72 -14.19
CA ILE C 127 -26.31 -17.60 -15.03
C ILE C 127 -27.31 -16.43 -14.89
N ASP C 128 -28.60 -16.75 -14.99
CA ASP C 128 -29.64 -15.73 -14.83
C ASP C 128 -29.61 -15.00 -13.45
N THR C 129 -29.45 -15.75 -12.37
CA THR C 129 -29.41 -15.18 -11.04
C THR C 129 -28.20 -14.24 -10.84
N LEU C 130 -27.06 -14.59 -11.42
CA LEU C 130 -25.86 -13.78 -11.26
C LEU C 130 -26.02 -12.44 -11.96
N LEU C 131 -26.69 -12.50 -13.10
CA LEU C 131 -26.89 -11.32 -13.90
C LEU C 131 -27.92 -10.42 -13.20
N GLU C 132 -29.02 -11.01 -12.74
CA GLU C 132 -30.02 -10.24 -11.98
C GLU C 132 -29.36 -9.45 -10.84
N LYS C 133 -28.32 -10.01 -10.24
CA LYS C 133 -27.76 -9.43 -9.04
C LYS C 133 -26.49 -8.64 -9.33
N GLY C 134 -26.20 -8.47 -10.61
CA GLY C 134 -25.06 -7.69 -11.05
C GLY C 134 -23.70 -8.37 -10.87
N ILE C 135 -23.67 -9.71 -10.86
CA ILE C 135 -22.40 -10.43 -10.70
C ILE C 135 -21.93 -10.93 -12.05
N THR C 136 -20.64 -10.71 -12.36
CA THR C 136 -20.11 -11.12 -13.68
C THR C 136 -19.63 -12.58 -13.65
N PRO C 137 -20.32 -13.44 -14.39
CA PRO C 137 -19.87 -14.84 -14.44
C PRO C 137 -18.63 -15.03 -15.31
N PHE C 138 -17.68 -15.81 -14.79
CA PHE C 138 -16.54 -16.28 -15.58
C PHE C 138 -16.71 -17.78 -15.60
N VAL C 139 -16.98 -18.37 -16.77
CA VAL C 139 -17.21 -19.81 -16.82
C VAL C 139 -15.95 -20.62 -17.18
N THR C 140 -15.58 -21.56 -16.31
CA THR C 140 -14.53 -22.53 -16.66
C THR C 140 -15.18 -23.70 -17.38
N ILE C 141 -14.79 -23.91 -18.63
CA ILE C 141 -15.40 -24.97 -19.46
C ILE C 141 -15.03 -26.32 -18.89
N TYR C 142 -13.76 -26.49 -18.53
CA TYR C 142 -13.27 -27.75 -18.09
C TYR C 142 -12.42 -27.64 -16.82
N HIS C 143 -13.00 -28.08 -15.70
CA HIS C 143 -12.29 -28.10 -14.42
C HIS C 143 -12.28 -29.57 -13.94
N TRP C 144 -11.82 -30.43 -14.84
CA TRP C 144 -11.29 -31.77 -14.49
C TRP C 144 -12.31 -32.90 -14.53
N ASP C 145 -13.60 -32.57 -14.54
CA ASP C 145 -14.60 -33.63 -14.50
C ASP C 145 -15.00 -34.20 -15.88
N LEU C 146 -14.07 -34.88 -16.53
CA LEU C 146 -14.26 -35.42 -17.87
C LEU C 146 -15.35 -36.50 -17.85
N PRO C 147 -16.23 -36.53 -18.87
CA PRO C 147 -17.20 -37.62 -18.91
C PRO C 147 -16.48 -38.96 -18.88
N PHE C 148 -16.95 -39.87 -18.05
CA PHE C 148 -16.36 -41.18 -17.94
C PHE C 148 -16.49 -41.90 -19.29
N ALA C 149 -17.57 -41.65 -20.03
CA ALA C 149 -17.71 -42.26 -21.34
C ALA C 149 -16.56 -41.88 -22.29
N LEU C 150 -15.90 -40.74 -22.09
CA LEU C 150 -14.83 -40.34 -23.00
C LEU C 150 -13.54 -40.93 -22.54
N GLN C 151 -13.44 -41.15 -21.23
CA GLN C 151 -12.27 -41.81 -20.62
C GLN C 151 -12.15 -43.23 -21.09
N LEU C 152 -13.28 -43.89 -21.32
CA LEU C 152 -13.31 -45.25 -21.89
C LEU C 152 -12.75 -45.32 -23.28
N LYS C 153 -12.83 -44.21 -24.00
CA LYS C 153 -12.22 -44.07 -25.32
C LYS C 153 -10.84 -43.42 -25.24
N GLY C 154 -10.28 -43.37 -24.03
CA GLY C 154 -8.91 -42.88 -23.87
C GLY C 154 -8.77 -41.47 -23.27
N GLY C 155 -9.87 -40.71 -23.22
CA GLY C 155 -9.81 -39.38 -22.60
C GLY C 155 -8.80 -38.43 -23.25
N TRP C 156 -8.07 -37.68 -22.42
CA TRP C 156 -7.05 -36.76 -22.94
C TRP C 156 -5.91 -37.45 -23.72
N ALA C 157 -5.84 -38.78 -23.67
CA ALA C 157 -4.79 -39.51 -24.39
C ALA C 157 -5.10 -39.59 -25.87
N ASN C 158 -6.36 -39.41 -26.21
CA ASN C 158 -6.91 -39.63 -27.58
C ASN C 158 -6.98 -38.33 -28.41
N ARG C 159 -6.28 -38.28 -29.55
CA ARG C 159 -6.29 -37.08 -30.38
C ARG C 159 -7.71 -36.59 -30.74
N GLU C 160 -8.69 -37.51 -30.83
CA GLU C 160 -10.09 -37.12 -31.12
C GLU C 160 -10.68 -36.21 -30.05
N ILE C 161 -10.11 -36.21 -28.86
CA ILE C 161 -10.60 -35.27 -27.84
C ILE C 161 -10.67 -33.79 -28.31
N ALA C 162 -9.84 -33.37 -29.26
CA ALA C 162 -9.89 -31.98 -29.69
C ALA C 162 -11.25 -31.72 -30.33
N ASP C 163 -11.80 -32.74 -31.00
CA ASP C 163 -13.15 -32.70 -31.57
C ASP C 163 -14.25 -32.73 -30.50
N TRP C 164 -14.13 -33.67 -29.57
CA TRP C 164 -15.16 -33.81 -28.57
C TRP C 164 -15.25 -32.50 -27.79
N PHE C 165 -14.08 -31.95 -27.44
CA PHE C 165 -14.03 -30.70 -26.66
C PHE C 165 -14.61 -29.49 -27.41
N ALA C 166 -14.19 -29.29 -28.66
CA ALA C 166 -14.78 -28.25 -29.52
C ALA C 166 -16.30 -28.37 -29.61
N GLU C 167 -16.82 -29.57 -29.77
CA GLU C 167 -18.27 -29.77 -29.87
C GLU C 167 -18.97 -29.43 -28.54
N TYR C 168 -18.36 -29.87 -27.45
CA TYR C 168 -18.82 -29.53 -26.12
C TYR C 168 -18.79 -28.00 -25.89
N SER C 169 -17.66 -27.37 -26.20
CA SER C 169 -17.58 -25.90 -26.09
C SER C 169 -18.68 -25.19 -26.91
N ARG C 170 -18.84 -25.61 -28.17
CA ARG C 170 -19.91 -25.06 -29.03
C ARG C 170 -21.27 -25.04 -28.32
N VAL C 171 -21.69 -26.19 -27.78
CA VAL C 171 -22.91 -26.26 -26.99
C VAL C 171 -22.99 -25.18 -25.92
N LEU C 172 -21.90 -24.99 -25.21
CA LEU C 172 -21.90 -23.99 -24.14
C LEU C 172 -22.01 -22.57 -24.72
N PHE C 173 -21.26 -22.27 -25.77
CA PHE C 173 -21.22 -20.93 -26.32
C PHE C 173 -22.59 -20.58 -26.91
N GLU C 174 -23.20 -21.54 -27.58
CA GLU C 174 -24.50 -21.33 -28.22
C GLU C 174 -25.63 -21.17 -27.22
N ASN C 175 -25.57 -21.91 -26.11
CA ASN C 175 -26.58 -21.88 -25.05
C ASN C 175 -26.40 -20.80 -23.96
N PHE C 176 -25.15 -20.37 -23.75
CA PHE C 176 -24.83 -19.50 -22.60
C PHE C 176 -24.17 -18.19 -23.06
N GLY C 177 -23.65 -18.20 -24.29
CA GLY C 177 -22.89 -17.08 -24.85
C GLY C 177 -23.64 -15.75 -24.94
N ASP C 178 -24.95 -15.79 -24.92
CA ASP C 178 -25.70 -14.55 -25.01
C ASP C 178 -25.61 -13.77 -23.71
N ARG C 179 -25.39 -14.47 -22.59
CA ARG C 179 -25.23 -13.78 -21.30
C ARG C 179 -23.81 -13.84 -20.72
N VAL C 180 -23.07 -14.90 -21.02
CA VAL C 180 -21.72 -15.09 -20.46
C VAL C 180 -20.69 -14.60 -21.46
N LYS C 181 -19.81 -13.71 -21.04
CA LYS C 181 -18.93 -13.07 -21.99
C LYS C 181 -17.50 -13.37 -21.62
N ASN C 182 -17.29 -13.88 -20.43
CA ASN C 182 -15.94 -14.24 -20.03
C ASN C 182 -15.80 -15.75 -19.83
N TRP C 183 -14.93 -16.35 -20.64
CA TRP C 183 -14.78 -17.81 -20.65
C TRP C 183 -13.32 -18.27 -20.51
N ILE C 184 -13.15 -19.48 -19.96
CA ILE C 184 -11.85 -20.11 -19.71
C ILE C 184 -11.99 -21.52 -20.28
N THR C 185 -11.10 -21.90 -21.21
CA THR C 185 -11.20 -23.24 -21.78
C THR C 185 -10.86 -24.33 -20.73
N LEU C 186 -9.61 -24.33 -20.26
CA LEU C 186 -9.11 -25.38 -19.35
C LEU C 186 -8.58 -24.80 -18.05
N ASN C 187 -8.89 -25.46 -16.93
CA ASN C 187 -8.23 -25.13 -15.71
C ASN C 187 -7.00 -26.00 -15.49
N GLU C 188 -5.85 -25.36 -15.37
CA GLU C 188 -4.56 -26.05 -15.07
C GLU C 188 -4.32 -27.33 -15.88
N PRO C 189 -4.09 -27.19 -17.19
CA PRO C 189 -3.85 -28.38 -17.98
C PRO C 189 -2.56 -29.12 -17.56
N TRP C 190 -1.59 -28.45 -16.93
CA TRP C 190 -0.44 -29.23 -16.42
C TRP C 190 -0.91 -30.24 -15.36
N VAL C 191 -1.86 -29.82 -14.54
CA VAL C 191 -2.31 -30.73 -13.49
C VAL C 191 -3.07 -31.91 -14.10
N VAL C 192 -4.02 -31.61 -14.98
CA VAL C 192 -4.81 -32.63 -15.66
C VAL C 192 -3.87 -33.69 -16.24
N ALA C 193 -2.90 -33.21 -17.00
CA ALA C 193 -1.93 -34.08 -17.69
C ALA C 193 -1.03 -34.81 -16.72
N ILE C 194 -0.21 -34.05 -15.98
CA ILE C 194 0.81 -34.67 -15.14
C ILE C 194 0.22 -35.30 -13.86
N VAL C 195 -0.61 -34.58 -13.12
CA VAL C 195 -1.08 -35.15 -11.85
C VAL C 195 -2.08 -36.26 -12.15
N GLY C 196 -2.78 -36.15 -13.27
CA GLY C 196 -3.77 -37.16 -13.61
C GLY C 196 -3.20 -38.37 -14.32
N HIS C 197 -2.09 -38.18 -15.04
CA HIS C 197 -1.68 -39.21 -15.99
C HIS C 197 -0.26 -39.68 -15.74
N LEU C 198 0.55 -38.89 -15.03
CA LEU C 198 1.91 -39.34 -14.66
C LEU C 198 1.97 -39.74 -13.18
N TYR C 199 1.47 -38.91 -12.25
CA TYR C 199 1.47 -39.29 -10.83
C TYR C 199 0.34 -40.26 -10.42
N GLY C 200 -0.78 -40.26 -11.16
CA GLY C 200 -1.92 -41.12 -10.86
C GLY C 200 -2.65 -40.72 -9.58
N VAL C 201 -2.38 -39.50 -9.11
CA VAL C 201 -2.94 -39.01 -7.87
C VAL C 201 -4.29 -38.33 -8.12
N HIS C 202 -4.54 -37.83 -9.34
CA HIS C 202 -5.90 -37.33 -9.70
C HIS C 202 -6.47 -38.22 -10.78
N ALA C 203 -7.79 -38.16 -10.95
CA ALA C 203 -8.45 -38.92 -12.00
C ALA C 203 -7.82 -38.51 -13.30
N PRO C 204 -7.67 -39.45 -14.25
CA PRO C 204 -8.15 -40.82 -14.27
C PRO C 204 -7.23 -41.82 -13.56
N GLY C 205 -6.16 -41.36 -12.91
CA GLY C 205 -5.35 -42.22 -12.05
C GLY C 205 -4.28 -43.05 -12.76
N MET C 206 -3.62 -42.46 -13.75
CA MET C 206 -2.63 -43.18 -14.52
CA MET C 206 -2.63 -43.18 -14.55
C MET C 206 -1.21 -42.74 -14.20
N ARG C 207 -0.27 -43.64 -14.47
CA ARG C 207 1.13 -43.44 -14.25
C ARG C 207 1.86 -43.89 -15.52
N ASP C 208 1.85 -43.04 -16.56
CA ASP C 208 2.50 -43.32 -17.86
C ASP C 208 2.99 -42.02 -18.49
N ILE C 209 4.29 -41.90 -18.68
CA ILE C 209 4.86 -40.59 -19.03
C ILE C 209 4.56 -40.31 -20.49
N TYR C 210 4.38 -41.36 -21.27
CA TYR C 210 4.10 -41.11 -22.67
C TYR C 210 2.65 -40.61 -22.79
N VAL C 211 1.74 -41.18 -22.00
CA VAL C 211 0.32 -40.74 -22.04
C VAL C 211 0.21 -39.33 -21.51
N ALA C 212 1.01 -39.04 -20.49
CA ALA C 212 0.89 -37.76 -19.86
C ALA C 212 1.25 -36.61 -20.82
N PHE C 213 2.35 -36.73 -21.57
CA PHE C 213 2.67 -35.75 -22.58
C PHE C 213 1.72 -35.77 -23.78
N ARG C 214 1.12 -36.91 -24.09
CA ARG C 214 0.10 -36.82 -25.13
C ARG C 214 -1.09 -36.04 -24.61
N ALA C 215 -1.31 -36.12 -23.30
CA ALA C 215 -2.35 -35.30 -22.65
C ALA C 215 -2.04 -33.82 -22.75
N VAL C 216 -0.80 -33.44 -22.44
CA VAL C 216 -0.41 -32.04 -22.53
C VAL C 216 -0.71 -31.51 -23.95
N HIS C 217 -0.30 -32.30 -24.94
CA HIS C 217 -0.45 -31.90 -26.34
C HIS C 217 -1.92 -31.90 -26.78
N ASN C 218 -2.67 -32.90 -26.37
CA ASN C 218 -4.10 -32.91 -26.67
C ASN C 218 -4.88 -31.77 -25.99
N LEU C 219 -4.43 -31.38 -24.80
CA LEU C 219 -5.05 -30.32 -24.08
C LEU C 219 -4.89 -29.02 -24.88
N LEU C 220 -3.67 -28.79 -25.37
CA LEU C 220 -3.45 -27.63 -26.22
C LEU C 220 -4.29 -27.63 -27.48
N ARG C 221 -4.36 -28.76 -28.16
CA ARG C 221 -5.11 -28.79 -29.42
C ARG C 221 -6.58 -28.55 -29.11
N ALA C 222 -7.07 -29.13 -28.01
CA ALA C 222 -8.48 -28.96 -27.63
C ALA C 222 -8.85 -27.53 -27.28
N HIS C 223 -7.98 -26.88 -26.49
CA HIS C 223 -8.11 -25.47 -26.13
C HIS C 223 -8.17 -24.60 -27.38
N ALA C 224 -7.27 -24.85 -28.32
CA ALA C 224 -7.16 -24.01 -29.54
C ALA C 224 -8.40 -24.23 -30.41
N ARG C 225 -8.88 -25.47 -30.43
CA ARG C 225 -10.07 -25.67 -31.23
C ARG C 225 -11.25 -24.96 -30.56
N ALA C 226 -11.33 -25.00 -29.23
CA ALA C 226 -12.43 -24.28 -28.56
C ALA C 226 -12.38 -22.75 -28.79
N VAL C 227 -11.19 -22.17 -28.81
CA VAL C 227 -11.09 -20.74 -29.08
C VAL C 227 -11.59 -20.44 -30.51
N LYS C 228 -11.19 -21.29 -31.45
CA LYS C 228 -11.64 -21.23 -32.85
C LYS C 228 -13.18 -21.25 -32.99
N VAL C 229 -13.86 -22.14 -32.27
CA VAL C 229 -15.31 -22.16 -32.24
C VAL C 229 -15.92 -20.93 -31.54
N PHE C 230 -15.21 -20.41 -30.53
CA PHE C 230 -15.60 -19.21 -29.80
C PHE C 230 -15.61 -18.00 -30.72
N ARG C 231 -14.51 -17.80 -31.44
CA ARG C 231 -14.46 -16.70 -32.39
C ARG C 231 -15.69 -16.75 -33.30
N GLU C 232 -16.16 -17.94 -33.64
CA GLU C 232 -17.24 -18.07 -34.61
C GLU C 232 -18.57 -17.73 -33.99
N THR C 233 -18.64 -17.86 -32.66
CA THR C 233 -19.92 -17.90 -31.98
C THR C 233 -20.22 -16.69 -31.07
N VAL C 234 -19.26 -16.31 -30.23
CA VAL C 234 -19.43 -15.20 -29.29
C VAL C 234 -18.53 -14.07 -29.75
N LYS C 235 -19.09 -13.12 -30.49
CA LYS C 235 -18.25 -12.11 -31.13
C LYS C 235 -17.90 -10.97 -30.18
N ASP C 236 -18.67 -10.82 -29.11
CA ASP C 236 -18.41 -9.76 -28.15
C ASP C 236 -17.82 -10.31 -26.85
N GLY C 237 -17.27 -11.51 -26.90
CA GLY C 237 -16.77 -12.18 -25.70
C GLY C 237 -15.26 -12.17 -25.54
N LYS C 238 -14.80 -12.62 -24.38
CA LYS C 238 -13.39 -12.82 -24.08
C LYS C 238 -13.20 -14.28 -23.65
N ILE C 239 -12.12 -14.89 -24.12
CA ILE C 239 -11.81 -16.25 -23.79
C ILE C 239 -10.32 -16.40 -23.46
N GLY C 240 -10.01 -17.19 -22.45
CA GLY C 240 -8.64 -17.35 -22.00
C GLY C 240 -8.42 -18.76 -21.45
N ILE C 241 -7.32 -18.95 -20.72
CA ILE C 241 -6.96 -20.26 -20.25
C ILE C 241 -6.22 -20.07 -18.93
N VAL C 242 -6.37 -21.02 -18.02
CA VAL C 242 -5.82 -20.91 -16.64
C VAL C 242 -4.66 -21.89 -16.34
N PHE C 243 -3.54 -21.37 -15.82
CA PHE C 243 -2.37 -22.19 -15.48
C PHE C 243 -2.02 -22.13 -14.00
N ASN C 244 -1.64 -23.27 -13.42
CA ASN C 244 -1.01 -23.29 -12.10
C ASN C 244 0.39 -22.76 -12.24
N ASN C 245 0.87 -22.15 -11.14
CA ASN C 245 2.24 -21.60 -11.09
C ASN C 245 2.75 -21.67 -9.65
N GLY C 246 4.01 -22.06 -9.51
CA GLY C 246 4.70 -21.96 -8.24
C GLY C 246 5.90 -21.04 -8.40
N TYR C 247 6.37 -20.46 -7.30
CA TYR C 247 7.50 -19.58 -7.34
C TYR C 247 8.73 -20.39 -6.96
N PHE C 248 9.53 -20.79 -7.97
CA PHE C 248 10.76 -21.61 -7.72
C PHE C 248 12.03 -20.78 -7.50
N GLU C 249 12.76 -21.11 -6.45
CA GLU C 249 13.99 -20.40 -6.15
C GLU C 249 15.16 -21.39 -5.93
N PRO C 250 16.34 -21.04 -6.44
CA PRO C 250 17.45 -22.00 -6.43
C PRO C 250 18.07 -22.09 -5.05
N ALA C 251 18.31 -23.31 -4.57
CA ALA C 251 19.00 -23.49 -3.30
C ALA C 251 20.42 -22.86 -3.27
N SER C 252 21.04 -22.63 -4.43
CA SER C 252 22.32 -21.90 -4.51
C SER C 252 22.56 -21.21 -5.86
N GLU C 253 23.73 -20.57 -5.98
CA GLU C 253 24.14 -19.92 -7.22
C GLU C 253 24.73 -20.90 -8.26
N LYS C 254 24.89 -22.18 -7.87
CA LYS C 254 25.43 -23.22 -8.77
C LYS C 254 24.66 -23.29 -10.07
N GLU C 255 25.40 -23.39 -11.18
CA GLU C 255 24.82 -23.42 -12.51
C GLU C 255 23.65 -24.40 -12.62
N GLU C 256 23.70 -25.48 -11.84
CA GLU C 256 22.73 -26.57 -12.01
C GLU C 256 21.47 -26.30 -11.21
N ASP C 257 21.60 -25.46 -10.21
CA ASP C 257 20.47 -25.11 -9.43
C ASP C 257 19.72 -24.06 -10.19
N ILE C 258 20.44 -23.11 -10.80
CA ILE C 258 19.74 -22.10 -11.60
C ILE C 258 19.05 -22.76 -12.81
N ARG C 259 19.68 -23.80 -13.34
CA ARG C 259 19.10 -24.56 -14.44
C ARG C 259 17.85 -25.26 -13.94
N ALA C 260 17.96 -25.89 -12.76
CA ALA C 260 16.85 -26.62 -12.17
C ALA C 260 15.61 -25.72 -12.04
N VAL C 261 15.79 -24.59 -11.36
CA VAL C 261 14.77 -23.56 -11.27
C VAL C 261 14.17 -23.20 -12.64
N ARG C 262 15.03 -23.07 -13.65
CA ARG C 262 14.62 -22.73 -15.00
C ARG C 262 13.75 -23.85 -15.62
N PHE C 263 14.11 -25.08 -15.34
CA PHE C 263 13.32 -26.22 -15.77
C PHE C 263 11.92 -26.24 -15.16
N MET C 264 11.87 -26.05 -13.83
CA MET C 264 10.63 -26.09 -13.06
C MET C 264 9.66 -24.99 -13.48
N HIS C 265 10.19 -23.78 -13.77
CA HIS C 265 9.40 -22.70 -14.35
C HIS C 265 8.86 -23.05 -15.74
N GLN C 266 9.72 -23.60 -16.58
CA GLN C 266 9.30 -23.93 -17.92
C GLN C 266 8.33 -25.11 -17.94
N PHE C 267 8.49 -26.06 -17.02
CA PHE C 267 7.66 -27.26 -17.00
C PHE C 267 6.36 -27.05 -16.23
N ASN C 268 6.46 -26.51 -15.02
CA ASN C 268 5.36 -26.46 -14.09
C ASN C 268 4.45 -25.23 -14.26
N ASN C 269 4.98 -24.17 -14.88
CA ASN C 269 4.31 -22.90 -14.97
C ASN C 269 3.82 -22.62 -16.39
N TYR C 270 3.17 -21.50 -16.57
CA TYR C 270 2.59 -21.16 -17.86
C TYR C 270 3.44 -21.40 -19.12
N PRO C 271 4.80 -21.36 -19.04
CA PRO C 271 5.55 -21.44 -20.30
C PRO C 271 5.25 -22.68 -21.12
N LEU C 272 4.99 -23.79 -20.44
CA LEU C 272 4.71 -25.07 -21.10
C LEU C 272 3.59 -24.92 -22.09
N PHE C 273 2.60 -24.13 -21.75
CA PHE C 273 1.48 -23.96 -22.63
C PHE C 273 1.59 -22.65 -23.44
N LEU C 274 2.22 -21.63 -22.88
CA LEU C 274 2.27 -20.29 -23.53
C LEU C 274 3.31 -20.22 -24.65
N ASN C 275 4.45 -20.86 -24.47
CA ASN C 275 5.40 -20.98 -25.57
C ASN C 275 4.72 -21.60 -26.81
N PRO C 276 4.04 -22.74 -26.62
CA PRO C 276 3.33 -23.21 -27.79
C PRO C 276 2.37 -22.13 -28.31
N ILE C 277 1.61 -21.52 -27.41
CA ILE C 277 0.51 -20.65 -27.84
C ILE C 277 1.02 -19.36 -28.52
N TYR C 278 2.02 -18.71 -27.93
CA TYR C 278 2.58 -17.49 -28.49
C TYR C 278 3.78 -17.70 -29.46
N ARG C 279 4.65 -18.69 -29.18
CA ARG C 279 5.86 -18.87 -29.97
C ARG C 279 5.82 -20.10 -30.95
N GLY C 280 4.78 -20.94 -30.85
CA GLY C 280 4.63 -22.07 -31.77
C GLY C 280 5.43 -23.34 -31.46
N ASP C 281 6.03 -23.43 -30.27
CA ASP C 281 6.73 -24.67 -29.85
C ASP C 281 6.84 -24.72 -28.32
N TYR C 282 7.11 -25.91 -27.77
CA TYR C 282 7.35 -26.07 -26.33
C TYR C 282 8.64 -25.36 -25.95
N PRO C 283 8.79 -25.03 -24.66
CA PRO C 283 10.02 -24.43 -24.17
C PRO C 283 11.23 -25.36 -24.35
N GLU C 284 12.41 -24.76 -24.52
CA GLU C 284 13.61 -25.52 -24.89
C GLU C 284 13.90 -26.64 -23.90
N LEU C 285 13.96 -26.30 -22.62
CA LEU C 285 14.35 -27.24 -21.60
C LEU C 285 13.29 -28.33 -21.47
N VAL C 286 12.02 -27.98 -21.70
CA VAL C 286 10.96 -28.98 -21.68
C VAL C 286 11.20 -30.01 -22.76
N LEU C 287 11.59 -29.57 -23.94
CA LEU C 287 11.87 -30.47 -25.04
C LEU C 287 13.07 -31.38 -24.74
N GLU C 288 14.03 -30.85 -24.00
CA GLU C 288 15.16 -31.65 -23.64
C GLU C 288 14.80 -32.77 -22.67
N PHE C 289 13.74 -32.59 -21.91
CA PHE C 289 13.31 -33.60 -20.99
C PHE C 289 12.32 -34.55 -21.64
N ALA C 290 11.55 -34.01 -22.59
CA ALA C 290 10.29 -34.66 -22.94
C ALA C 290 10.09 -34.95 -24.42
N ARG C 291 11.06 -34.60 -25.25
CA ARG C 291 10.91 -34.86 -26.69
C ARG C 291 10.42 -36.28 -26.97
N GLU C 292 10.94 -37.27 -26.23
CA GLU C 292 10.66 -38.67 -26.49
C GLU C 292 9.21 -39.01 -26.28
N TYR C 293 8.56 -38.23 -25.45
CA TYR C 293 7.26 -38.62 -24.93
C TYR C 293 6.17 -37.98 -25.77
N LEU C 294 6.52 -36.87 -26.42
CA LEU C 294 5.58 -36.19 -27.30
C LEU C 294 5.36 -36.99 -28.56
N PRO C 295 4.19 -36.83 -29.20
CA PRO C 295 4.00 -37.48 -30.50
C PRO C 295 5.11 -37.07 -31.47
N GLU C 296 5.58 -38.02 -32.28
CA GLU C 296 6.65 -37.79 -33.26
C GLU C 296 6.40 -36.53 -34.10
N ASN C 297 5.14 -36.39 -34.52
CA ASN C 297 4.61 -35.37 -35.43
C ASN C 297 4.13 -34.07 -34.78
N TYR C 298 4.39 -33.92 -33.48
CA TYR C 298 3.68 -32.91 -32.67
C TYR C 298 3.66 -31.50 -33.26
N LYS C 299 4.77 -31.09 -33.88
CA LYS C 299 4.86 -29.74 -34.46
C LYS C 299 3.82 -29.41 -35.55
N ASP C 300 3.26 -30.40 -36.23
CA ASP C 300 2.23 -30.12 -37.24
C ASP C 300 1.05 -29.41 -36.65
N ASP C 301 0.84 -29.59 -35.35
CA ASP C 301 -0.28 -29.02 -34.64
C ASP C 301 -0.05 -27.61 -34.13
N MET C 302 1.21 -27.17 -34.08
CA MET C 302 1.54 -25.88 -33.49
C MET C 302 0.86 -24.69 -34.14
N SER C 303 0.66 -24.70 -35.45
CA SER C 303 0.10 -23.53 -36.08
C SER C 303 -1.38 -23.37 -35.67
N GLU C 304 -2.10 -24.48 -35.52
CA GLU C 304 -3.45 -24.37 -34.98
C GLU C 304 -3.50 -24.00 -33.48
N ILE C 305 -2.50 -24.44 -32.73
CA ILE C 305 -2.42 -24.18 -31.28
C ILE C 305 -2.21 -22.69 -30.99
N GLN C 306 -1.58 -21.99 -31.92
CA GLN C 306 -1.36 -20.55 -31.75
C GLN C 306 -2.62 -19.69 -31.92
N GLU C 307 -3.80 -20.31 -32.01
CA GLU C 307 -5.06 -19.54 -32.08
C GLU C 307 -5.04 -18.45 -30.99
N LYS C 308 -5.37 -17.21 -31.35
CA LYS C 308 -5.17 -16.07 -30.44
C LYS C 308 -6.07 -16.09 -29.19
N ILE C 309 -5.53 -15.75 -28.02
CA ILE C 309 -6.36 -15.68 -26.79
C ILE C 309 -6.51 -14.27 -26.24
N ASP C 310 -7.58 -14.04 -25.50
CA ASP C 310 -7.84 -12.69 -24.96
C ASP C 310 -7.17 -12.40 -23.63
N PHE C 311 -7.10 -13.40 -22.75
CA PHE C 311 -6.39 -13.26 -21.47
C PHE C 311 -5.81 -14.55 -20.97
N VAL C 312 -4.83 -14.39 -20.09
CA VAL C 312 -4.21 -15.50 -19.37
C VAL C 312 -4.69 -15.47 -17.92
N GLY C 313 -5.09 -16.61 -17.39
CA GLY C 313 -5.46 -16.72 -15.96
C GLY C 313 -4.25 -17.36 -15.27
N LEU C 314 -3.79 -16.78 -14.15
CA LEU C 314 -2.76 -17.46 -13.37
C LEU C 314 -3.27 -17.82 -11.97
N ASN C 315 -3.05 -19.08 -11.56
CA ASN C 315 -3.32 -19.53 -10.20
C ASN C 315 -2.00 -19.50 -9.45
N TYR C 316 -2.01 -19.19 -8.16
CA TYR C 316 -0.75 -19.18 -7.42
C TYR C 316 -1.06 -19.42 -5.97
N TYR C 317 -0.31 -20.32 -5.36
CA TYR C 317 -0.54 -20.68 -3.97
C TYR C 317 0.72 -20.65 -3.13
N SER C 318 1.86 -21.00 -3.74
CA SER C 318 3.03 -21.28 -2.91
C SER C 318 4.35 -21.19 -3.62
N GLY C 319 5.41 -21.05 -2.82
CA GLY C 319 6.78 -21.00 -3.32
C GLY C 319 7.58 -22.22 -2.93
N HIS C 320 8.64 -22.49 -3.68
CA HIS C 320 9.42 -23.71 -3.47
C HIS C 320 10.92 -23.48 -3.68
N LEU C 321 11.73 -23.97 -2.74
CA LEU C 321 13.19 -23.93 -2.86
C LEU C 321 13.66 -25.17 -3.61
N VAL C 322 14.35 -24.96 -4.72
CA VAL C 322 14.66 -26.07 -5.65
C VAL C 322 16.18 -26.32 -5.82
N LYS C 323 16.58 -27.58 -5.92
CA LYS C 323 17.97 -27.92 -6.22
C LYS C 323 18.05 -29.01 -7.29
N PHE C 324 19.13 -28.97 -8.07
CA PHE C 324 19.45 -30.08 -8.94
C PHE C 324 19.73 -31.32 -8.07
N ASP C 325 19.23 -32.47 -8.49
CA ASP C 325 19.37 -33.67 -7.70
C ASP C 325 19.46 -34.86 -8.63
N PRO C 326 20.64 -35.51 -8.64
CA PRO C 326 20.96 -36.64 -9.53
C PRO C 326 19.99 -37.81 -9.39
N ASP C 327 19.51 -38.07 -8.17
CA ASP C 327 18.67 -39.25 -7.92
C ASP C 327 17.16 -39.01 -8.06
N ALA C 328 16.77 -37.79 -8.43
CA ALA C 328 15.34 -37.46 -8.46
C ALA C 328 14.74 -37.68 -9.85
N PRO C 329 13.42 -37.96 -9.91
CA PRO C 329 12.73 -38.36 -11.14
C PRO C 329 13.13 -37.49 -12.33
N ALA C 330 13.06 -36.17 -12.14
CA ALA C 330 13.38 -35.24 -13.21
C ALA C 330 14.69 -34.51 -12.94
N LYS C 331 15.49 -35.03 -12.02
CA LYS C 331 16.72 -34.36 -11.57
C LYS C 331 16.40 -33.08 -10.80
N VAL C 332 15.22 -33.05 -10.20
CA VAL C 332 14.86 -31.96 -9.31
C VAL C 332 14.28 -32.46 -8.01
N SER C 333 14.69 -31.86 -6.91
CA SER C 333 14.03 -32.16 -5.63
C SER C 333 13.75 -30.88 -4.84
N PHE C 334 12.67 -30.86 -4.07
CA PHE C 334 12.33 -29.68 -3.29
C PHE C 334 13.11 -29.67 -1.98
N VAL C 335 13.46 -28.48 -1.52
CA VAL C 335 14.18 -28.32 -0.27
C VAL C 335 13.28 -27.53 0.68
N GLU C 336 12.77 -28.20 1.71
CA GLU C 336 11.87 -27.55 2.68
C GLU C 336 12.55 -26.36 3.38
N ARG C 337 11.94 -25.18 3.30
CA ARG C 337 12.46 -24.01 4.02
C ARG C 337 11.70 -23.84 5.32
N ASP C 338 12.30 -23.12 6.27
CA ASP C 338 11.64 -22.81 7.54
C ASP C 338 10.85 -21.53 7.36
N LEU C 339 9.67 -21.63 6.74
CA LEU C 339 8.85 -20.48 6.44
C LEU C 339 7.47 -20.84 6.92
N PRO C 340 6.60 -19.82 7.08
CA PRO C 340 5.21 -20.12 7.43
C PRO C 340 4.54 -21.04 6.39
N LYS C 341 3.76 -22.00 6.89
CA LYS C 341 3.06 -22.98 6.04
C LYS C 341 1.55 -22.98 6.28
N THR C 342 0.78 -23.30 5.25
CA THR C 342 -0.66 -23.45 5.44
C THR C 342 -0.92 -24.83 6.00
N ALA C 343 -2.19 -25.20 6.12
CA ALA C 343 -2.54 -26.56 6.55
C ALA C 343 -2.24 -27.65 5.49
N MET C 344 -1.89 -27.24 4.27
CA MET C 344 -1.39 -28.18 3.26
C MET C 344 0.11 -28.47 3.43
N GLY C 345 0.80 -27.68 4.24
CA GLY C 345 2.24 -27.82 4.32
C GLY C 345 2.92 -26.94 3.29
N TRP C 346 2.14 -26.16 2.56
CA TRP C 346 2.71 -25.32 1.50
C TRP C 346 3.31 -24.03 2.04
N GLU C 347 4.54 -23.73 1.62
CA GLU C 347 5.22 -22.53 2.08
C GLU C 347 4.51 -21.27 1.58
N ILE C 348 4.34 -20.31 2.48
CA ILE C 348 3.67 -19.07 2.18
C ILE C 348 4.66 -18.04 1.67
N VAL C 349 4.67 -17.83 0.36
CA VAL C 349 5.65 -16.93 -0.25
C VAL C 349 4.97 -15.91 -1.13
N PRO C 350 4.44 -14.85 -0.52
CA PRO C 350 3.61 -13.90 -1.23
C PRO C 350 4.32 -13.21 -2.39
N GLU C 351 5.64 -13.02 -2.30
CA GLU C 351 6.32 -12.31 -3.38
C GLU C 351 6.32 -13.14 -4.66
N GLY C 352 6.03 -14.41 -4.54
CA GLY C 352 5.91 -15.22 -5.76
C GLY C 352 4.78 -14.81 -6.68
N ILE C 353 3.69 -14.27 -6.15
CA ILE C 353 2.60 -13.87 -7.02
C ILE C 353 3.04 -12.60 -7.80
N TYR C 354 3.78 -11.70 -7.14
CA TYR C 354 4.42 -10.60 -7.85
C TYR C 354 5.32 -11.15 -8.94
N TRP C 355 6.22 -12.06 -8.59
CA TRP C 355 7.18 -12.58 -9.58
C TRP C 355 6.49 -13.20 -10.79
N ILE C 356 5.48 -14.03 -10.57
CA ILE C 356 4.80 -14.70 -11.68
C ILE C 356 4.09 -13.68 -12.55
N LEU C 357 3.59 -12.60 -11.95
CA LEU C 357 2.93 -11.55 -12.73
C LEU C 357 3.92 -10.74 -13.59
N LYS C 358 5.06 -10.35 -13.01
CA LYS C 358 6.12 -9.72 -13.82
C LYS C 358 6.57 -10.63 -14.96
N LYS C 359 6.89 -11.88 -14.63
CA LYS C 359 7.52 -12.75 -15.61
C LYS C 359 6.60 -13.06 -16.78
N VAL C 360 5.32 -13.23 -16.51
CA VAL C 360 4.41 -13.50 -17.63
C VAL C 360 4.37 -12.33 -18.61
N LYS C 361 4.37 -11.10 -18.10
CA LYS C 361 4.44 -9.94 -19.01
C LYS C 361 5.79 -9.91 -19.77
N GLU C 362 6.88 -10.06 -19.04
CA GLU C 362 8.20 -10.02 -19.61
C GLU C 362 8.34 -11.01 -20.76
N GLU C 363 7.91 -12.26 -20.54
CA GLU C 363 8.13 -13.35 -21.50
C GLU C 363 7.11 -13.46 -22.61
N TYR C 364 5.83 -13.21 -22.31
CA TYR C 364 4.79 -13.36 -23.33
C TYR C 364 3.92 -12.12 -23.52
N ASN C 365 4.01 -11.15 -22.60
CA ASN C 365 3.24 -9.92 -22.70
C ASN C 365 1.79 -10.17 -23.14
N PRO C 366 1.07 -11.03 -22.43
CA PRO C 366 -0.34 -11.23 -22.81
C PRO C 366 -1.14 -9.93 -22.68
N PRO C 367 -2.18 -9.78 -23.51
CA PRO C 367 -2.92 -8.52 -23.39
C PRO C 367 -3.57 -8.34 -22.00
N GLU C 368 -4.08 -9.40 -21.41
CA GLU C 368 -4.75 -9.26 -20.13
C GLU C 368 -4.42 -10.45 -19.25
N VAL C 369 -4.34 -10.19 -17.95
CA VAL C 369 -4.05 -11.22 -16.97
C VAL C 369 -5.10 -11.13 -15.88
N TYR C 370 -5.54 -12.30 -15.40
CA TYR C 370 -6.31 -12.42 -14.17
C TYR C 370 -5.63 -13.41 -13.24
N ILE C 371 -5.63 -13.11 -11.93
CA ILE C 371 -5.34 -14.10 -10.92
C ILE C 371 -6.66 -14.86 -10.78
N THR C 372 -6.70 -16.08 -11.31
CA THR C 372 -7.96 -16.82 -11.33
C THR C 372 -8.14 -17.73 -10.10
N GLU C 373 -7.07 -17.85 -9.30
CA GLU C 373 -7.12 -18.55 -8.04
C GLU C 373 -5.95 -18.15 -7.16
N ASN C 374 -6.25 -17.74 -5.93
CA ASN C 374 -5.29 -17.55 -4.86
C ASN C 374 -6.02 -17.79 -3.54
N GLY C 375 -5.42 -18.54 -2.63
CA GLY C 375 -6.16 -18.94 -1.42
C GLY C 375 -5.37 -19.87 -0.54
N ALA C 376 -5.95 -20.29 0.58
CA ALA C 376 -5.24 -21.06 1.56
C ALA C 376 -6.13 -21.95 2.41
N ALA C 377 -5.57 -23.08 2.80
CA ALA C 377 -6.25 -23.99 3.69
C ALA C 377 -5.66 -23.84 5.08
N PHE C 378 -6.53 -23.56 6.05
CA PHE C 378 -6.11 -23.56 7.44
C PHE C 378 -7.08 -24.37 8.28
N ASP C 379 -6.71 -24.67 9.52
CA ASP C 379 -7.55 -25.49 10.39
C ASP C 379 -8.66 -24.68 11.01
N ASP C 380 -9.72 -24.49 10.25
CA ASP C 380 -10.83 -23.68 10.70
C ASP C 380 -11.61 -24.34 11.84
N VAL C 381 -11.76 -23.61 12.95
CA VAL C 381 -12.66 -24.01 14.04
C VAL C 381 -13.77 -22.98 14.22
N VAL C 382 -14.99 -23.43 14.40
CA VAL C 382 -16.11 -22.55 14.70
C VAL C 382 -16.17 -22.36 16.22
N SER C 383 -16.10 -21.12 16.69
CA SER C 383 -16.18 -20.89 18.14
C SER C 383 -17.62 -20.65 18.70
N GLU C 384 -17.73 -20.49 20.02
CA GLU C 384 -19.04 -20.49 20.70
C GLU C 384 -19.97 -19.43 20.14
N ASP C 385 -19.38 -18.37 19.59
CA ASP C 385 -20.14 -17.31 18.95
C ASP C 385 -20.69 -17.66 17.57
N GLY C 386 -20.48 -18.91 17.13
CA GLY C 386 -20.97 -19.35 15.82
C GLY C 386 -20.26 -18.65 14.66
N ARG C 387 -19.00 -18.31 14.86
CA ARG C 387 -18.27 -17.58 13.85
C ARG C 387 -16.89 -18.21 13.66
N VAL C 388 -16.23 -17.90 12.54
CA VAL C 388 -14.92 -18.49 12.23
C VAL C 388 -13.87 -17.40 12.16
N HIS C 389 -13.00 -17.34 13.17
CA HIS C 389 -12.06 -16.23 13.25
C HIS C 389 -10.75 -16.63 12.58
N ASP C 390 -10.75 -16.69 11.25
CA ASP C 390 -9.54 -17.10 10.50
C ASP C 390 -8.65 -15.94 10.10
N GLN C 391 -8.03 -15.33 11.11
CA GLN C 391 -7.06 -14.27 10.90
C GLN C 391 -5.90 -14.78 10.04
N ASN C 392 -5.56 -16.06 10.20
CA ASN C 392 -4.50 -16.64 9.34
C ASN C 392 -4.79 -16.58 7.81
N ARG C 393 -6.03 -16.85 7.44
CA ARG C 393 -6.41 -16.73 6.03
C ARG C 393 -6.43 -15.25 5.56
N ILE C 394 -6.98 -14.38 6.37
CA ILE C 394 -6.87 -12.94 6.10
C ILE C 394 -5.42 -12.54 5.87
N ASP C 395 -4.52 -12.98 6.75
CA ASP C 395 -3.09 -12.64 6.58
C ASP C 395 -2.56 -13.11 5.22
N TYR C 396 -2.89 -14.34 4.88
CA TYR C 396 -2.50 -14.88 3.57
C TYR C 396 -3.04 -14.03 2.41
N LEU C 397 -4.36 -13.87 2.34
CA LEU C 397 -4.95 -13.11 1.24
C LEU C 397 -4.36 -11.71 1.18
N LYS C 398 -4.30 -11.05 2.33
CA LYS C 398 -3.86 -9.66 2.39
C LYS C 398 -2.49 -9.55 1.78
N ALA C 399 -1.59 -10.47 2.16
CA ALA C 399 -0.22 -10.46 1.68
C ALA C 399 -0.13 -10.60 0.15
N HIS C 400 -0.91 -11.52 -0.41
CA HIS C 400 -0.84 -11.76 -1.85
C HIS C 400 -1.46 -10.67 -2.68
N ILE C 401 -2.50 -10.06 -2.15
CA ILE C 401 -3.16 -9.00 -2.87
C ILE C 401 -2.23 -7.79 -2.90
N GLY C 402 -1.55 -7.55 -1.78
CA GLY C 402 -0.56 -6.48 -1.70
C GLY C 402 0.49 -6.61 -2.78
N GLN C 403 0.98 -7.83 -3.00
CA GLN C 403 1.98 -8.06 -4.07
C GLN C 403 1.41 -7.90 -5.49
N ALA C 404 0.14 -8.28 -5.69
CA ALA C 404 -0.52 -8.07 -7.00
C ALA C 404 -0.62 -6.59 -7.36
N TRP C 405 -0.86 -5.78 -6.34
CA TRP C 405 -1.02 -4.34 -6.53
C TRP C 405 0.33 -3.82 -7.01
N LYS C 406 1.38 -4.35 -6.41
CA LYS C 406 2.72 -3.94 -6.77
C LYS C 406 2.99 -4.24 -8.23
N ALA C 407 2.62 -5.44 -8.66
CA ALA C 407 2.74 -5.82 -10.06
C ALA C 407 1.98 -4.83 -10.94
N ILE C 408 0.80 -4.42 -10.51
CA ILE C 408 0.04 -3.46 -11.31
C ILE C 408 0.80 -2.14 -11.42
N GLN C 409 1.36 -1.67 -10.30
CA GLN C 409 2.05 -0.40 -10.25
C GLN C 409 3.22 -0.45 -11.22
N GLU C 410 3.73 -1.66 -11.47
CA GLU C 410 4.84 -1.81 -12.39
C GLU C 410 4.44 -2.14 -13.81
N GLY C 411 3.16 -1.96 -14.14
CA GLY C 411 2.71 -2.05 -15.52
C GLY C 411 2.14 -3.38 -16.01
N VAL C 412 1.96 -4.36 -15.13
CA VAL C 412 1.34 -5.64 -15.51
C VAL C 412 -0.16 -5.43 -15.78
N PRO C 413 -0.70 -5.97 -16.88
CA PRO C 413 -2.13 -5.64 -17.11
C PRO C 413 -3.10 -6.58 -16.40
N LEU C 414 -2.98 -6.63 -15.09
CA LEU C 414 -3.82 -7.46 -14.24
C LEU C 414 -5.20 -6.85 -14.06
N LYS C 415 -6.26 -7.54 -14.47
CA LYS C 415 -7.60 -6.92 -14.49
C LYS C 415 -8.55 -7.43 -13.39
N GLY C 416 -8.18 -8.50 -12.71
CA GLY C 416 -9.06 -9.03 -11.69
C GLY C 416 -8.37 -10.07 -10.84
N TYR C 417 -9.02 -10.43 -9.74
CA TYR C 417 -8.43 -11.34 -8.75
C TYR C 417 -9.54 -12.14 -8.12
N PHE C 418 -9.37 -13.45 -8.12
CA PHE C 418 -10.35 -14.42 -7.68
C PHE C 418 -9.80 -15.22 -6.51
N VAL C 419 -10.54 -15.21 -5.41
CA VAL C 419 -10.17 -16.01 -4.25
C VAL C 419 -10.63 -17.45 -4.38
N TRP C 420 -9.71 -18.41 -4.20
CA TRP C 420 -10.12 -19.81 -4.04
C TRP C 420 -10.22 -20.12 -2.55
N SER C 421 -11.41 -20.45 -2.01
CA SER C 421 -12.65 -20.59 -2.77
C SER C 421 -13.80 -19.86 -2.07
N LEU C 422 -14.96 -19.69 -2.73
CA LEU C 422 -16.16 -19.24 -2.03
C LEU C 422 -16.46 -20.13 -0.85
N LEU C 423 -16.49 -21.44 -1.08
CA LEU C 423 -16.92 -22.39 -0.05
C LEU C 423 -15.83 -23.41 0.25
N ASP C 424 -15.77 -23.87 1.50
CA ASP C 424 -15.06 -25.08 1.78
C ASP C 424 -15.70 -26.14 0.87
N ASN C 425 -14.91 -27.08 0.36
CA ASN C 425 -15.44 -28.06 -0.58
C ASN C 425 -14.55 -29.29 -0.70
N PHE C 426 -14.92 -30.19 -1.60
CA PHE C 426 -14.21 -31.45 -1.83
C PHE C 426 -12.88 -31.14 -2.45
N GLU C 427 -11.80 -31.30 -1.70
CA GLU C 427 -10.50 -30.89 -2.21
C GLU C 427 -9.78 -32.08 -2.82
N TRP C 428 -10.40 -32.63 -3.87
CA TRP C 428 -9.81 -33.68 -4.68
C TRP C 428 -9.25 -34.85 -3.86
N ALA C 429 -7.99 -35.21 -4.04
CA ALA C 429 -7.43 -36.38 -3.33
C ALA C 429 -7.44 -36.24 -1.79
N GLU C 430 -7.38 -34.99 -1.31
CA GLU C 430 -7.47 -34.67 0.12
C GLU C 430 -8.86 -34.81 0.73
N GLY C 431 -9.88 -34.97 -0.10
CA GLY C 431 -11.27 -35.01 0.36
C GLY C 431 -11.64 -33.75 1.10
N TYR C 432 -12.54 -33.86 2.07
CA TYR C 432 -13.06 -32.71 2.81
C TYR C 432 -12.15 -32.17 3.93
N SER C 433 -10.97 -32.75 4.08
CA SER C 433 -10.14 -32.42 5.22
C SER C 433 -9.39 -31.10 5.05
N LYS C 434 -9.37 -30.58 3.83
CA LYS C 434 -8.78 -29.25 3.62
C LYS C 434 -9.84 -28.19 3.24
N ARG C 435 -9.95 -27.15 4.08
CA ARG C 435 -10.91 -26.05 3.90
C ARG C 435 -10.28 -24.80 3.31
N PHE C 436 -10.68 -24.44 2.09
CA PHE C 436 -10.17 -23.23 1.39
C PHE C 436 -11.17 -22.08 1.34
N GLY C 437 -12.36 -22.28 1.89
CA GLY C 437 -13.42 -21.30 1.77
C GLY C 437 -13.16 -20.01 2.55
N ILE C 438 -13.78 -18.92 2.09
CA ILE C 438 -14.01 -17.74 2.92
C ILE C 438 -15.39 -17.89 3.51
N VAL C 439 -16.07 -18.96 3.11
CA VAL C 439 -17.31 -19.34 3.75
C VAL C 439 -17.21 -20.78 4.25
N TYR C 440 -17.43 -20.99 5.55
CA TYR C 440 -17.36 -22.31 6.16
C TYR C 440 -18.57 -23.16 5.84
N VAL C 441 -18.34 -24.43 5.52
CA VAL C 441 -19.44 -25.36 5.32
C VAL C 441 -19.43 -26.50 6.36
N ASP C 442 -20.52 -26.59 7.10
CA ASP C 442 -20.67 -27.65 8.08
CA ASP C 442 -20.69 -27.64 8.09
C ASP C 442 -21.33 -28.81 7.37
N TYR C 443 -20.59 -29.89 7.20
CA TYR C 443 -21.05 -30.90 6.28
C TYR C 443 -22.24 -31.70 6.81
N SER C 444 -22.38 -31.79 8.12
CA SER C 444 -23.57 -32.50 8.63
C SER C 444 -24.87 -31.72 8.49
N THR C 445 -24.80 -30.40 8.31
CA THR C 445 -26.00 -29.58 8.19
C THR C 445 -26.08 -28.91 6.82
N GLN C 446 -24.91 -28.77 6.19
CA GLN C 446 -24.79 -27.95 4.98
C GLN C 446 -24.97 -26.48 5.27
N LYS C 447 -24.96 -26.12 6.54
CA LYS C 447 -25.04 -24.71 6.87
C LYS C 447 -23.76 -24.00 6.44
N ARG C 448 -23.92 -22.75 6.01
CA ARG C 448 -22.83 -21.92 5.60
C ARG C 448 -22.62 -20.84 6.68
N ILE C 449 -21.36 -20.54 6.97
CA ILE C 449 -21.01 -19.50 7.89
C ILE C 449 -19.91 -18.68 7.22
N VAL C 450 -20.21 -17.44 6.87
CA VAL C 450 -19.20 -16.54 6.33
C VAL C 450 -18.05 -16.41 7.36
N LYS C 451 -16.82 -16.68 6.95
CA LYS C 451 -15.70 -16.67 7.89
C LYS C 451 -15.28 -15.21 8.06
N ASP C 452 -14.39 -14.91 9.00
CA ASP C 452 -13.91 -13.54 9.08
C ASP C 452 -13.20 -13.14 7.79
N SER C 453 -12.63 -14.11 7.08
CA SER C 453 -11.95 -13.79 5.84
C SER C 453 -12.96 -13.31 4.82
N GLY C 454 -14.16 -13.91 4.84
CA GLY C 454 -15.24 -13.48 3.95
C GLY C 454 -15.64 -12.03 4.14
N TYR C 455 -15.89 -11.64 5.39
CA TYR C 455 -16.20 -10.25 5.70
C TYR C 455 -15.04 -9.32 5.38
N TRP C 456 -13.81 -9.72 5.73
CA TRP C 456 -12.64 -8.93 5.36
C TRP C 456 -12.54 -8.71 3.86
N TYR C 457 -12.76 -9.78 3.10
CA TYR C 457 -12.72 -9.64 1.64
C TYR C 457 -13.83 -8.73 1.13
N SER C 458 -15.02 -8.84 1.73
CA SER C 458 -16.11 -7.96 1.32
C SER C 458 -15.65 -6.52 1.41
N ASN C 459 -14.90 -6.21 2.47
CA ASN C 459 -14.33 -4.86 2.63
C ASN C 459 -13.31 -4.44 1.56
N VAL C 460 -12.45 -5.35 1.13
CA VAL C 460 -11.46 -5.07 0.08
C VAL C 460 -12.21 -4.71 -1.20
N VAL C 461 -13.26 -5.46 -1.48
CA VAL C 461 -14.06 -5.18 -2.66
C VAL C 461 -14.64 -3.76 -2.59
N LYS C 462 -15.44 -3.50 -1.55
CA LYS C 462 -15.98 -2.16 -1.32
C LYS C 462 -14.93 -1.03 -1.41
N ASN C 463 -13.73 -1.27 -0.87
CA ASN C 463 -12.66 -0.27 -0.93
C ASN C 463 -11.82 -0.33 -2.19
N ASN C 464 -12.13 -1.26 -3.09
CA ASN C 464 -11.27 -1.53 -4.25
C ASN C 464 -9.81 -1.55 -3.85
N GLY C 465 -9.51 -2.17 -2.71
CA GLY C 465 -8.13 -2.34 -2.33
C GLY C 465 -7.95 -2.60 -0.87
N LEU C 466 -6.72 -2.49 -0.43
CA LEU C 466 -6.34 -2.67 0.99
C LEU C 466 -6.28 -1.34 1.75
N GLU C 467 -6.82 -1.34 2.97
CA GLU C 467 -6.90 -0.13 3.80
C GLU C 467 -5.81 -0.15 4.87
N VAL D 25 59.64 2.91 23.07
CA VAL D 25 58.29 2.72 22.48
C VAL D 25 58.45 2.19 21.07
N LYS D 26 57.68 1.18 20.69
CA LYS D 26 57.83 0.64 19.35
C LYS D 26 56.51 0.49 18.63
N LYS D 27 56.22 1.49 17.82
CA LYS D 27 55.04 1.48 16.99
C LYS D 27 55.38 0.84 15.66
N PHE D 28 54.48 -0.02 15.20
CA PHE D 28 54.66 -0.72 13.92
C PHE D 28 54.01 0.12 12.83
N PRO D 29 54.30 -0.20 11.56
CA PRO D 29 53.66 0.61 10.52
C PRO D 29 52.13 0.57 10.59
N GLU D 30 51.51 1.52 9.92
CA GLU D 30 50.07 1.55 9.87
C GLU D 30 49.60 0.42 8.91
N GLY D 31 48.53 -0.29 9.28
CA GLY D 31 48.01 -1.41 8.49
C GLY D 31 48.70 -2.72 8.80
N PHE D 32 49.59 -2.71 9.79
CA PHE D 32 50.25 -3.94 10.23
C PHE D 32 49.24 -4.93 10.83
N LEU D 33 49.35 -6.20 10.46
CA LEU D 33 48.34 -7.21 10.76
C LEU D 33 48.77 -8.06 11.94
N TRP D 34 47.95 -8.05 12.99
CA TRP D 34 48.23 -8.80 14.21
C TRP D 34 47.28 -10.00 14.25
N GLY D 35 47.88 -11.20 14.24
CA GLY D 35 47.11 -12.42 14.15
C GLY D 35 47.40 -13.42 15.26
N VAL D 36 46.61 -14.49 15.26
CA VAL D 36 46.91 -15.70 16.02
C VAL D 36 46.68 -16.85 15.06
N ALA D 37 47.41 -17.94 15.27
CA ALA D 37 47.37 -19.12 14.38
C ALA D 37 46.93 -20.39 15.11
N THR D 38 46.23 -21.28 14.40
CA THR D 38 45.94 -22.65 14.85
C THR D 38 46.12 -23.58 13.67
N ALA D 39 45.86 -24.87 13.87
CA ALA D 39 45.89 -25.87 12.79
C ALA D 39 44.78 -26.87 13.02
N SER D 40 44.13 -27.31 11.94
CA SER D 40 42.91 -28.07 12.07
C SER D 40 43.04 -29.23 13.07
N TYR D 41 44.00 -30.13 12.83
CA TYR D 41 44.06 -31.35 13.61
C TYR D 41 44.41 -31.05 15.06
N GLN D 42 45.10 -29.94 15.30
CA GLN D 42 45.50 -29.63 16.66
C GLN D 42 44.38 -29.18 17.61
N ILE D 43 43.30 -28.63 17.06
CA ILE D 43 42.23 -28.02 17.88
C ILE D 43 40.83 -28.59 17.62
N GLU D 44 40.60 -29.17 16.46
CA GLU D 44 39.26 -29.46 15.96
C GLU D 44 38.58 -30.63 16.69
N GLY D 45 39.22 -31.79 16.71
CA GLY D 45 38.56 -32.99 17.24
C GLY D 45 37.52 -33.46 16.24
N SER D 46 36.71 -34.44 16.63
CA SER D 46 35.74 -35.06 15.69
C SER D 46 36.32 -35.29 14.30
N PRO D 47 37.44 -36.00 14.22
CA PRO D 47 38.10 -36.11 12.93
C PRO D 47 37.24 -36.87 11.94
N LEU D 48 36.33 -37.71 12.42
CA LEU D 48 35.54 -38.52 11.51
CA LEU D 48 35.54 -38.55 11.53
C LEU D 48 34.08 -38.07 11.42
N ALA D 49 33.79 -36.90 12.00
CA ALA D 49 32.44 -36.34 11.97
C ALA D 49 31.95 -35.97 10.55
N ASP D 50 30.66 -36.23 10.28
CA ASP D 50 29.98 -35.68 9.11
C ASP D 50 30.66 -36.00 7.79
N GLY D 51 31.02 -37.27 7.64
CA GLY D 51 31.54 -37.76 6.37
C GLY D 51 33.04 -37.58 6.16
N ALA D 52 33.76 -36.99 7.11
CA ALA D 52 35.20 -36.77 6.94
C ALA D 52 35.94 -38.08 6.66
N GLY D 53 37.00 -38.01 5.83
CA GLY D 53 37.91 -39.16 5.67
C GLY D 53 38.99 -39.19 6.74
N MET D 54 39.56 -40.37 7.01
CA MET D 54 40.71 -40.46 7.95
C MET D 54 41.87 -39.61 7.43
N SER D 55 42.64 -39.00 8.34
CA SER D 55 43.91 -38.39 7.95
C SER D 55 45.07 -39.24 8.43
N ILE D 56 46.26 -38.94 7.95
CA ILE D 56 47.45 -39.64 8.46
C ILE D 56 47.76 -39.36 9.92
N TRP D 57 47.29 -38.24 10.43
CA TRP D 57 47.50 -37.94 11.83
C TRP D 57 46.51 -38.71 12.70
N HIS D 58 45.32 -38.98 12.17
CA HIS D 58 44.41 -39.87 12.87
C HIS D 58 45.03 -41.27 13.00
N THR D 59 45.44 -41.86 11.89
CA THR D 59 45.98 -43.20 11.97
C THR D 59 47.35 -43.21 12.71
N PHE D 60 48.19 -42.23 12.45
CA PHE D 60 49.50 -42.17 13.13
C PHE D 60 49.36 -42.06 14.65
N SER D 61 48.37 -41.29 15.11
CA SER D 61 48.23 -41.09 16.57
C SER D 61 47.51 -42.29 17.25
N HIS D 62 46.71 -43.03 16.48
CA HIS D 62 46.10 -44.28 17.01
C HIS D 62 47.01 -45.49 16.87
N THR D 63 48.28 -45.26 16.58
CA THR D 63 49.25 -46.33 16.53
C THR D 63 50.01 -46.16 17.83
N PRO D 64 49.97 -47.19 18.70
CA PRO D 64 50.66 -47.20 19.97
C PRO D 64 52.10 -46.81 19.79
N GLY D 65 52.58 -45.95 20.66
CA GLY D 65 54.02 -45.70 20.72
C GLY D 65 54.44 -44.41 20.00
N ASN D 66 53.53 -43.79 19.26
CA ASN D 66 53.93 -42.67 18.38
C ASN D 66 53.79 -41.30 19.04
N VAL D 67 52.83 -41.18 19.95
CA VAL D 67 52.47 -39.90 20.54
C VAL D 67 52.56 -40.04 22.06
N LYS D 68 53.18 -39.04 22.68
CA LYS D 68 53.27 -38.97 24.14
C LYS D 68 51.93 -39.30 24.82
N ASN D 69 51.99 -40.19 25.81
CA ASN D 69 50.87 -40.59 26.64
C ASN D 69 49.74 -41.23 25.86
N GLY D 70 49.99 -41.60 24.62
CA GLY D 70 48.93 -42.12 23.78
C GLY D 70 47.87 -41.10 23.40
N ASP D 71 48.19 -39.81 23.44
CA ASP D 71 47.22 -38.77 23.05
C ASP D 71 46.89 -38.85 21.57
N THR D 72 45.64 -38.54 21.23
CA THR D 72 45.19 -38.31 19.87
C THR D 72 44.52 -36.95 19.74
N GLY D 73 44.13 -36.62 18.51
CA GLY D 73 43.35 -35.44 18.22
C GLY D 73 41.88 -35.80 18.06
N ASP D 74 41.47 -36.92 18.68
CA ASP D 74 40.05 -37.28 18.71
C ASP D 74 39.10 -36.19 19.21
N VAL D 75 39.50 -35.49 20.26
CA VAL D 75 38.65 -34.46 20.85
C VAL D 75 39.37 -33.13 20.75
N ALA D 76 40.62 -33.14 21.19
CA ALA D 76 41.48 -31.96 21.13
C ALA D 76 40.82 -30.82 21.90
N CYS D 77 40.60 -29.69 21.23
CA CYS D 77 40.03 -28.51 21.86
C CYS D 77 38.53 -28.44 21.56
N ASP D 78 37.99 -29.49 20.97
CA ASP D 78 36.60 -29.54 20.50
C ASP D 78 36.15 -28.30 19.69
N HIS D 79 37.09 -27.77 18.92
CA HIS D 79 36.83 -26.59 18.14
C HIS D 79 35.75 -26.87 17.07
N TYR D 80 35.67 -28.12 16.61
CA TYR D 80 34.63 -28.52 15.67
C TYR D 80 33.24 -28.11 16.18
N ASN D 81 33.05 -28.14 17.49
CA ASN D 81 31.78 -27.78 18.09
C ASN D 81 31.87 -26.38 18.72
N ARG D 82 33.07 -25.98 19.14
CA ARG D 82 33.24 -24.71 19.86
C ARG D 82 33.77 -23.54 19.04
N TRP D 83 33.74 -23.64 17.71
CA TRP D 83 34.33 -22.61 16.84
C TRP D 83 33.87 -21.15 17.06
N LYS D 84 32.57 -20.92 17.26
CA LYS D 84 32.04 -19.56 17.47
C LYS D 84 32.63 -18.88 18.71
N GLU D 85 32.63 -19.60 19.83
CA GLU D 85 33.19 -19.11 21.08
C GLU D 85 34.64 -18.72 20.94
N ASP D 86 35.38 -19.52 20.16
CA ASP D 86 36.82 -19.30 19.95
C ASP D 86 36.99 -18.07 19.04
N ILE D 87 36.11 -17.93 18.06
CA ILE D 87 36.17 -16.72 17.26
C ILE D 87 35.76 -15.49 18.08
N GLU D 88 34.76 -15.63 18.96
CA GLU D 88 34.36 -14.52 19.85
C GLU D 88 35.50 -14.10 20.75
N ILE D 89 36.34 -15.05 21.15
CA ILE D 89 37.51 -14.71 21.93
C ILE D 89 38.46 -13.83 21.15
N ILE D 90 38.73 -14.18 19.90
CA ILE D 90 39.56 -13.32 19.04
C ILE D 90 39.00 -11.88 18.91
N GLU D 91 37.71 -11.80 18.59
CA GLU D 91 37.03 -10.50 18.51
C GLU D 91 37.18 -9.76 19.82
N LYS D 92 36.79 -10.40 20.91
CA LYS D 92 36.87 -9.77 22.20
C LYS D 92 38.26 -9.20 22.46
N LEU D 93 39.31 -9.88 22.02
CA LEU D 93 40.67 -9.36 22.25
C LEU D 93 41.11 -8.34 21.18
N GLY D 94 40.30 -8.15 20.15
CA GLY D 94 40.63 -7.15 19.11
C GLY D 94 41.78 -7.50 18.18
N VAL D 95 42.09 -8.80 18.11
CA VAL D 95 43.10 -9.37 17.21
C VAL D 95 42.50 -9.40 15.82
N LYS D 96 43.27 -8.97 14.81
CA LYS D 96 42.71 -8.61 13.50
C LYS D 96 42.77 -9.73 12.48
N ALA D 97 43.65 -10.69 12.72
CA ALA D 97 43.86 -11.76 11.75
C ALA D 97 43.82 -13.11 12.45
N TYR D 98 43.26 -14.08 11.76
CA TYR D 98 43.23 -15.42 12.30
C TYR D 98 43.72 -16.33 11.22
N ARG D 99 44.89 -16.95 11.44
CA ARG D 99 45.42 -17.98 10.56
C ARG D 99 44.95 -19.36 11.04
N PHE D 100 44.24 -20.09 10.20
CA PHE D 100 43.85 -21.49 10.53
C PHE D 100 44.08 -22.37 9.33
N SER D 101 43.92 -23.68 9.48
CA SER D 101 44.10 -24.59 8.36
C SER D 101 42.83 -25.39 8.09
N ILE D 102 42.68 -25.78 6.84
CA ILE D 102 41.58 -26.61 6.42
C ILE D 102 42.00 -28.07 6.39
N SER D 103 41.15 -28.95 6.91
CA SER D 103 41.44 -30.36 6.82
C SER D 103 40.99 -30.94 5.48
N TRP D 104 41.98 -31.29 4.68
CA TRP D 104 41.81 -31.90 3.39
C TRP D 104 40.76 -33.03 3.43
N PRO D 105 40.93 -34.01 4.30
CA PRO D 105 39.96 -35.14 4.27
C PRO D 105 38.55 -34.83 4.83
N ARG D 106 38.34 -33.67 5.46
CA ARG D 106 36.96 -33.14 5.64
C ARG D 106 36.38 -32.73 4.28
N ILE D 107 37.26 -32.29 3.37
CA ILE D 107 36.76 -31.69 2.15
C ILE D 107 36.62 -32.76 1.08
N LEU D 108 37.67 -33.55 0.91
CA LEU D 108 37.68 -34.66 -0.03
C LEU D 108 38.06 -35.95 0.70
N PRO D 109 37.08 -36.64 1.31
CA PRO D 109 37.36 -37.77 2.19
C PRO D 109 38.28 -38.82 1.58
N GLU D 110 38.20 -38.97 0.26
CA GLU D 110 39.09 -39.85 -0.49
C GLU D 110 40.35 -39.14 -1.04
N GLY D 111 40.51 -37.87 -0.71
CA GLY D 111 41.66 -37.11 -1.16
C GLY D 111 41.47 -36.44 -2.52
N THR D 112 40.77 -37.14 -3.41
CA THR D 112 40.30 -36.55 -4.65
C THR D 112 38.87 -36.99 -4.89
N GLY D 113 38.21 -36.41 -5.89
CA GLY D 113 36.87 -36.87 -6.25
C GLY D 113 35.77 -36.12 -5.54
N ARG D 114 34.88 -36.87 -4.88
CA ARG D 114 33.63 -36.32 -4.33
C ARG D 114 33.94 -35.39 -3.19
N VAL D 115 33.46 -34.16 -3.30
CA VAL D 115 33.61 -33.17 -2.23
C VAL D 115 32.55 -33.42 -1.16
N ASN D 116 32.95 -33.27 0.10
CA ASN D 116 32.04 -33.45 1.24
C ASN D 116 31.38 -32.14 1.60
N GLN D 117 30.06 -32.05 1.42
CA GLN D 117 29.36 -30.79 1.59
C GLN D 117 29.44 -30.27 3.03
N LYS D 118 29.25 -31.15 3.99
CA LYS D 118 29.35 -30.78 5.39
C LYS D 118 30.74 -30.26 5.79
N GLY D 119 31.75 -30.70 5.04
CA GLY D 119 33.12 -30.21 5.20
C GLY D 119 33.11 -28.73 4.84
N LEU D 120 32.61 -28.43 3.64
CA LEU D 120 32.43 -27.04 3.18
C LEU D 120 31.69 -26.17 4.21
N ASP D 121 30.52 -26.62 4.68
CA ASP D 121 29.70 -25.83 5.64
C ASP D 121 30.52 -25.44 6.86
N PHE D 122 31.28 -26.39 7.41
CA PHE D 122 32.01 -26.14 8.65
C PHE D 122 32.94 -24.94 8.47
N TYR D 123 33.65 -24.91 7.35
CA TYR D 123 34.59 -23.81 7.09
C TYR D 123 33.94 -22.51 6.63
N ASN D 124 32.92 -22.60 5.77
CA ASN D 124 32.07 -21.45 5.43
C ASN D 124 31.57 -20.66 6.67
N ARG D 125 30.97 -21.36 7.64
CA ARG D 125 30.52 -20.72 8.88
C ARG D 125 31.67 -19.99 9.57
N ILE D 126 32.84 -20.63 9.66
CA ILE D 126 33.99 -19.99 10.30
C ILE D 126 34.38 -18.71 9.58
N ILE D 127 34.44 -18.78 8.26
CA ILE D 127 34.82 -17.65 7.42
C ILE D 127 33.78 -16.52 7.47
N ASP D 128 32.50 -16.85 7.27
CA ASP D 128 31.43 -15.84 7.39
C ASP D 128 31.55 -15.11 8.73
N THR D 129 31.64 -15.89 9.80
CA THR D 129 31.71 -15.32 11.15
C THR D 129 32.87 -14.37 11.30
N LEU D 130 34.05 -14.74 10.79
CA LEU D 130 35.22 -13.91 11.03
C LEU D 130 35.07 -12.57 10.36
N LEU D 131 34.63 -12.61 9.10
CA LEU D 131 34.43 -11.42 8.29
C LEU D 131 33.40 -10.54 8.95
N GLU D 132 32.33 -11.17 9.41
CA GLU D 132 31.23 -10.44 10.02
C GLU D 132 31.73 -9.72 11.25
N LYS D 133 32.81 -10.22 11.84
CA LYS D 133 33.40 -9.55 13.00
C LYS D 133 34.67 -8.75 12.69
N GLY D 134 34.93 -8.55 11.39
CA GLY D 134 36.09 -7.77 10.94
C GLY D 134 37.42 -8.45 11.23
N ILE D 135 37.43 -9.78 11.19
CA ILE D 135 38.70 -10.49 11.41
C ILE D 135 39.14 -11.07 10.09
N THR D 136 40.39 -10.83 9.68
CA THR D 136 40.89 -11.33 8.38
C THR D 136 41.38 -12.78 8.42
N PRO D 137 40.75 -13.67 7.63
CA PRO D 137 41.17 -15.05 7.60
C PRO D 137 42.41 -15.21 6.73
N PHE D 138 43.39 -15.96 7.24
CA PHE D 138 44.57 -16.35 6.46
C PHE D 138 44.45 -17.87 6.45
N VAL D 139 44.19 -18.46 5.30
CA VAL D 139 43.92 -19.90 5.26
C VAL D 139 45.18 -20.67 4.88
N THR D 140 45.54 -21.65 5.72
CA THR D 140 46.62 -22.56 5.37
C THR D 140 45.93 -23.73 4.71
N ILE D 141 46.31 -24.04 3.46
CA ILE D 141 45.66 -25.11 2.73
C ILE D 141 46.07 -26.49 3.26
N TYR D 142 47.37 -26.63 3.60
CA TYR D 142 47.91 -27.88 4.12
C TYR D 142 48.77 -27.67 5.38
N HIS D 143 48.32 -28.18 6.53
CA HIS D 143 49.08 -28.14 7.79
C HIS D 143 49.12 -29.58 8.35
N TRP D 144 49.46 -30.52 7.48
CA TRP D 144 49.96 -31.84 7.84
C TRP D 144 48.96 -32.96 7.82
N ASP D 145 47.67 -32.67 7.74
CA ASP D 145 46.65 -33.71 7.83
C ASP D 145 46.20 -34.26 6.46
N LEU D 146 47.16 -34.88 5.76
CA LEU D 146 46.87 -35.56 4.51
C LEU D 146 45.82 -36.64 4.64
N PRO D 147 44.91 -36.73 3.66
CA PRO D 147 44.00 -37.86 3.67
C PRO D 147 44.77 -39.17 3.70
N PHE D 148 44.42 -40.06 4.61
CA PHE D 148 44.96 -41.41 4.63
C PHE D 148 44.80 -42.12 3.28
N ALA D 149 43.70 -41.86 2.56
CA ALA D 149 43.50 -42.53 1.28
C ALA D 149 44.68 -42.24 0.33
N LEU D 150 45.31 -41.08 0.47
CA LEU D 150 46.40 -40.73 -0.45
C LEU D 150 47.74 -41.27 0.04
N GLN D 151 47.91 -41.33 1.37
CA GLN D 151 49.06 -42.01 1.95
C GLN D 151 49.14 -43.44 1.41
N LEU D 152 47.98 -44.08 1.26
CA LEU D 152 47.92 -45.46 0.80
C LEU D 152 48.48 -45.55 -0.60
N LYS D 153 48.49 -44.41 -1.31
CA LYS D 153 49.00 -44.32 -2.66
C LYS D 153 50.37 -43.63 -2.66
N GLY D 154 50.96 -43.53 -1.50
CA GLY D 154 52.33 -43.05 -1.41
C GLY D 154 52.48 -41.68 -0.80
N GLY D 155 51.39 -40.91 -0.78
CA GLY D 155 51.46 -39.65 -0.11
C GLY D 155 52.37 -38.65 -0.82
N TRP D 156 53.18 -37.93 -0.05
CA TRP D 156 54.16 -36.99 -0.60
C TRP D 156 55.31 -37.67 -1.37
N ALA D 157 55.41 -38.98 -1.27
CA ALA D 157 56.44 -39.70 -2.04
C ALA D 157 56.04 -39.85 -3.50
N ASN D 158 54.74 -39.70 -3.78
CA ASN D 158 54.22 -39.98 -5.12
C ASN D 158 54.10 -38.70 -5.94
N ARG D 159 54.75 -38.64 -7.10
CA ARG D 159 54.68 -37.49 -8.01
C ARG D 159 53.27 -36.98 -8.29
N GLU D 160 52.32 -37.89 -8.41
CA GLU D 160 50.93 -37.49 -8.69
C GLU D 160 50.31 -36.65 -7.60
N ILE D 161 50.99 -36.48 -6.47
CA ILE D 161 50.41 -35.59 -5.45
C ILE D 161 50.30 -34.13 -5.89
N ALA D 162 51.12 -33.70 -6.84
CA ALA D 162 51.01 -32.34 -7.34
C ALA D 162 49.63 -32.14 -8.00
N ASP D 163 49.18 -33.15 -8.75
CA ASP D 163 47.82 -33.17 -9.29
C ASP D 163 46.81 -33.18 -8.15
N TRP D 164 46.94 -34.14 -7.21
CA TRP D 164 45.95 -34.24 -6.12
C TRP D 164 45.81 -32.91 -5.39
N PHE D 165 46.95 -32.30 -5.06
CA PHE D 165 46.99 -31.05 -4.31
C PHE D 165 46.42 -29.87 -5.08
N ALA D 166 46.68 -29.84 -6.38
CA ALA D 166 46.12 -28.79 -7.22
C ALA D 166 44.60 -28.84 -7.22
N GLU D 167 44.01 -30.01 -7.47
CA GLU D 167 42.56 -30.23 -7.47
CA GLU D 167 42.56 -30.13 -7.49
C GLU D 167 41.91 -29.88 -6.12
N TYR D 168 42.62 -30.22 -5.04
CA TYR D 168 42.18 -29.93 -3.68
C TYR D 168 42.18 -28.43 -3.49
N SER D 169 43.28 -27.79 -3.86
CA SER D 169 43.38 -26.34 -3.75
C SER D 169 42.26 -25.67 -4.60
N ARG D 170 42.08 -26.15 -5.82
CA ARG D 170 41.00 -25.65 -6.69
C ARG D 170 39.60 -25.65 -6.00
N VAL D 171 39.24 -26.74 -5.35
CA VAL D 171 37.98 -26.83 -4.62
C VAL D 171 37.92 -25.72 -3.57
N LEU D 172 39.05 -25.39 -2.94
CA LEU D 172 39.06 -24.41 -1.86
C LEU D 172 38.94 -22.98 -2.39
N PHE D 173 39.67 -22.68 -3.46
CA PHE D 173 39.62 -21.37 -4.10
C PHE D 173 38.25 -21.06 -4.66
N GLU D 174 37.61 -22.07 -5.24
CA GLU D 174 36.27 -21.91 -5.82
C GLU D 174 35.16 -21.73 -4.78
N ASN D 175 35.31 -22.31 -3.60
CA ASN D 175 34.26 -22.19 -2.60
C ASN D 175 34.50 -21.01 -1.68
N PHE D 176 35.77 -20.77 -1.32
CA PHE D 176 36.09 -19.83 -0.27
C PHE D 176 36.79 -18.58 -0.75
N GLY D 177 37.27 -18.63 -1.98
CA GLY D 177 38.06 -17.55 -2.59
C GLY D 177 37.31 -16.23 -2.79
N ASP D 178 35.99 -16.31 -2.96
CA ASP D 178 35.15 -15.11 -3.00
C ASP D 178 35.34 -14.26 -1.73
N ARG D 179 35.57 -14.91 -0.60
CA ARG D 179 35.66 -14.22 0.69
C ARG D 179 37.09 -14.23 1.26
N VAL D 180 37.76 -15.38 1.20
CA VAL D 180 39.14 -15.46 1.70
C VAL D 180 40.13 -14.99 0.63
N LYS D 181 40.98 -14.04 0.99
CA LYS D 181 41.88 -13.41 0.02
C LYS D 181 43.36 -13.62 0.37
N ASN D 182 43.65 -14.31 1.47
CA ASN D 182 45.05 -14.55 1.85
C ASN D 182 45.27 -16.04 2.11
N TRP D 183 46.17 -16.64 1.32
CA TRP D 183 46.32 -18.09 1.31
C TRP D 183 47.79 -18.53 1.51
N ILE D 184 47.92 -19.64 2.21
CA ILE D 184 49.19 -20.34 2.39
C ILE D 184 49.01 -21.76 1.80
N THR D 185 49.86 -22.13 0.86
CA THR D 185 49.81 -23.48 0.31
C THR D 185 50.22 -24.49 1.37
N LEU D 186 51.48 -24.45 1.79
CA LEU D 186 52.01 -25.48 2.68
C LEU D 186 52.50 -24.87 3.99
N ASN D 187 52.19 -25.52 5.12
CA ASN D 187 52.91 -25.18 6.35
C ASN D 187 54.19 -26.02 6.54
N GLU D 188 55.35 -25.37 6.56
CA GLU D 188 56.63 -26.01 6.89
C GLU D 188 56.91 -27.30 6.14
N PRO D 189 57.13 -27.18 4.81
CA PRO D 189 57.38 -28.35 4.02
C PRO D 189 58.68 -29.06 4.48
N TRP D 190 59.63 -28.35 5.03
CA TRP D 190 60.76 -29.05 5.65
C TRP D 190 60.29 -30.09 6.71
N VAL D 191 59.40 -29.69 7.61
CA VAL D 191 58.94 -30.62 8.66
C VAL D 191 58.16 -31.80 8.06
N VAL D 192 57.24 -31.52 7.14
CA VAL D 192 56.46 -32.57 6.46
C VAL D 192 57.40 -33.64 5.91
N ALA D 193 58.38 -33.22 5.10
CA ALA D 193 59.33 -34.13 4.47
C ALA D 193 60.24 -34.80 5.48
N ILE D 194 61.04 -34.01 6.18
CA ILE D 194 62.08 -34.57 7.04
C ILE D 194 61.55 -35.25 8.35
N VAL D 195 60.75 -34.54 9.12
CA VAL D 195 60.29 -35.09 10.39
C VAL D 195 59.24 -36.16 10.11
N GLY D 196 58.52 -36.00 9.00
CA GLY D 196 57.52 -36.98 8.62
C GLY D 196 58.05 -38.25 7.99
N HIS D 197 59.14 -38.16 7.22
CA HIS D 197 59.57 -39.26 6.32
C HIS D 197 61.02 -39.66 6.49
N LEU D 198 61.83 -38.85 7.16
CA LEU D 198 63.18 -39.27 7.61
C LEU D 198 63.24 -39.68 9.11
N TYR D 199 62.77 -38.80 10.00
CA TYR D 199 62.88 -39.06 11.44
C TYR D 199 61.81 -40.02 11.96
N GLY D 200 60.69 -40.12 11.26
CA GLY D 200 59.65 -41.06 11.65
C GLY D 200 58.81 -40.52 12.79
N VAL D 201 59.08 -39.26 13.16
CA VAL D 201 58.50 -38.62 14.35
C VAL D 201 57.11 -37.99 14.11
N HIS D 202 56.85 -37.48 12.91
CA HIS D 202 55.48 -37.05 12.57
C HIS D 202 54.89 -38.01 11.57
N ALA D 203 53.57 -37.96 11.39
CA ALA D 203 52.97 -38.78 10.33
C ALA D 203 53.62 -38.39 9.00
N PRO D 204 53.80 -39.39 8.11
CA PRO D 204 53.34 -40.77 8.23
C PRO D 204 54.26 -41.77 8.94
N GLY D 205 55.31 -41.30 9.62
CA GLY D 205 56.07 -42.20 10.50
C GLY D 205 57.09 -43.06 9.78
N MET D 206 57.75 -42.49 8.78
CA MET D 206 58.66 -43.25 7.94
C MET D 206 60.10 -42.79 8.19
N ARG D 207 61.06 -43.71 8.05
CA ARG D 207 62.49 -43.31 8.08
C ARG D 207 63.23 -43.77 6.82
N ASP D 208 63.31 -42.89 5.84
CA ASP D 208 63.88 -43.26 4.55
C ASP D 208 64.27 -41.98 3.87
N ILE D 209 65.56 -41.80 3.68
CA ILE D 209 66.07 -40.49 3.32
C ILE D 209 65.79 -40.24 1.86
N TYR D 210 65.62 -41.29 1.08
CA TYR D 210 65.32 -41.08 -0.34
C TYR D 210 63.86 -40.62 -0.44
N VAL D 211 62.98 -41.29 0.30
CA VAL D 211 61.56 -40.89 0.32
C VAL D 211 61.49 -39.45 0.81
N ALA D 212 62.25 -39.09 1.85
CA ALA D 212 62.15 -37.74 2.39
C ALA D 212 62.48 -36.66 1.37
N PHE D 213 63.53 -36.84 0.57
CA PHE D 213 63.91 -35.84 -0.44
C PHE D 213 63.01 -35.83 -1.66
N ARG D 214 62.40 -36.98 -1.98
CA ARG D 214 61.32 -36.99 -2.98
CA ARG D 214 61.35 -36.95 -2.99
C ARG D 214 60.12 -36.18 -2.48
N ALA D 215 59.79 -36.37 -1.21
CA ALA D 215 58.83 -35.52 -0.50
C ALA D 215 59.11 -34.03 -0.70
N VAL D 216 60.35 -33.62 -0.41
CA VAL D 216 60.73 -32.22 -0.53
C VAL D 216 60.37 -31.73 -1.92
N HIS D 217 60.79 -32.51 -2.91
CA HIS D 217 60.62 -32.12 -4.30
C HIS D 217 59.16 -32.13 -4.73
N ASN D 218 58.40 -33.12 -4.27
CA ASN D 218 56.95 -33.13 -4.52
C ASN D 218 56.15 -32.00 -3.86
N LEU D 219 56.55 -31.63 -2.64
CA LEU D 219 55.99 -30.49 -1.93
C LEU D 219 56.15 -29.19 -2.76
N LEU D 220 57.36 -28.95 -3.24
CA LEU D 220 57.56 -27.83 -4.13
C LEU D 220 56.67 -27.89 -5.36
N ARG D 221 56.63 -29.05 -6.02
CA ARG D 221 55.81 -29.16 -7.20
C ARG D 221 54.32 -28.93 -6.89
N ALA D 222 53.86 -29.39 -5.73
CA ALA D 222 52.44 -29.27 -5.40
C ALA D 222 52.10 -27.81 -5.10
N HIS D 223 53.02 -27.17 -4.40
CA HIS D 223 52.92 -25.76 -4.09
C HIS D 223 52.77 -24.97 -5.39
N ALA D 224 53.69 -25.20 -6.32
CA ALA D 224 53.71 -24.41 -7.56
C ALA D 224 52.40 -24.64 -8.31
N ARG D 225 51.92 -25.87 -8.27
CA ARG D 225 50.70 -26.26 -8.98
C ARG D 225 49.51 -25.49 -8.43
N ALA D 226 49.44 -25.45 -7.10
CA ALA D 226 48.41 -24.72 -6.39
C ALA D 226 48.46 -23.20 -6.70
N VAL D 227 49.64 -22.60 -6.67
CA VAL D 227 49.74 -21.18 -7.00
C VAL D 227 49.24 -20.88 -8.44
N LYS D 228 49.59 -21.76 -9.40
CA LYS D 228 49.10 -21.65 -10.77
C LYS D 228 47.57 -21.73 -10.86
N VAL D 229 46.95 -22.64 -10.14
CA VAL D 229 45.50 -22.78 -10.19
C VAL D 229 44.86 -21.56 -9.52
N PHE D 230 45.54 -21.02 -8.52
CA PHE D 230 45.07 -19.86 -7.80
C PHE D 230 44.90 -18.67 -8.75
N ARG D 231 45.94 -18.45 -9.55
CA ARG D 231 45.97 -17.30 -10.44
C ARG D 231 44.83 -17.35 -11.40
N GLU D 232 44.27 -18.54 -11.61
CA GLU D 232 43.14 -18.71 -12.51
C GLU D 232 41.87 -18.29 -11.81
N THR D 233 41.80 -18.55 -10.52
CA THR D 233 40.53 -18.45 -9.86
C THR D 233 40.43 -17.15 -9.06
N VAL D 234 41.42 -16.89 -8.22
CA VAL D 234 41.38 -15.75 -7.31
C VAL D 234 42.26 -14.56 -7.77
N LYS D 235 41.68 -13.65 -8.54
CA LYS D 235 42.48 -12.53 -9.09
C LYS D 235 42.84 -11.40 -8.12
N ASP D 236 42.09 -11.27 -7.03
CA ASP D 236 42.37 -10.24 -6.01
C ASP D 236 43.11 -10.79 -4.81
N GLY D 237 43.55 -12.04 -4.87
CA GLY D 237 44.10 -12.66 -3.67
C GLY D 237 45.62 -12.68 -3.57
N LYS D 238 46.13 -12.87 -2.36
CA LYS D 238 47.54 -13.10 -2.14
C LYS D 238 47.76 -14.57 -1.74
N ILE D 239 48.79 -15.19 -2.31
CA ILE D 239 49.13 -16.56 -1.96
C ILE D 239 50.62 -16.74 -1.64
N GLY D 240 50.89 -17.43 -0.54
CA GLY D 240 52.27 -17.66 -0.12
C GLY D 240 52.48 -19.06 0.39
N ILE D 241 53.54 -19.21 1.18
CA ILE D 241 53.98 -20.49 1.67
C ILE D 241 54.81 -20.23 2.92
N VAL D 242 54.73 -21.16 3.88
CA VAL D 242 55.29 -20.96 5.20
C VAL D 242 56.45 -21.95 5.48
N PHE D 243 57.53 -21.43 6.07
CA PHE D 243 58.72 -22.19 6.43
C PHE D 243 59.11 -21.99 7.88
N ASN D 244 59.53 -23.09 8.51
CA ASN D 244 60.24 -23.07 9.77
C ASN D 244 61.69 -22.58 9.57
N ASN D 245 62.29 -22.05 10.62
CA ASN D 245 63.65 -21.51 10.59
C ASN D 245 64.20 -21.48 12.00
N GLY D 246 65.46 -21.87 12.14
CA GLY D 246 66.15 -21.72 13.41
C GLY D 246 67.27 -20.74 13.21
N TYR D 247 67.69 -20.07 14.27
CA TYR D 247 68.85 -19.19 14.23
C TYR D 247 70.10 -19.97 14.63
N PHE D 248 70.92 -20.30 13.63
CA PHE D 248 72.11 -21.13 13.82
C PHE D 248 73.35 -20.29 14.00
N GLU D 249 74.10 -20.56 15.06
CA GLU D 249 75.35 -19.85 15.30
C GLU D 249 76.52 -20.83 15.46
N PRO D 250 77.71 -20.42 15.02
CA PRO D 250 78.80 -21.38 15.08
C PRO D 250 79.31 -21.58 16.51
N ALA D 251 79.74 -22.79 16.83
CA ALA D 251 80.35 -23.09 18.11
C ALA D 251 81.70 -22.42 18.30
N SER D 252 82.37 -22.09 17.19
CA SER D 252 83.69 -21.44 17.22
C SER D 252 83.92 -20.72 15.89
N GLU D 253 85.12 -20.18 15.69
CA GLU D 253 85.36 -19.43 14.46
C GLU D 253 86.03 -20.31 13.39
N LYS D 254 86.22 -21.58 13.68
CA LYS D 254 86.72 -22.53 12.69
C LYS D 254 85.86 -22.56 11.41
N GLU D 255 86.53 -22.56 10.26
CA GLU D 255 85.88 -22.66 8.95
C GLU D 255 84.87 -23.78 8.92
N GLU D 256 85.16 -24.90 9.59
CA GLU D 256 84.24 -26.04 9.59
C GLU D 256 82.94 -25.70 10.31
N ASP D 257 83.04 -24.91 11.37
CA ASP D 257 81.86 -24.68 12.16
C ASP D 257 81.04 -23.67 11.39
N ILE D 258 81.73 -22.68 10.86
CA ILE D 258 81.06 -21.71 9.98
C ILE D 258 80.37 -22.34 8.77
N ARG D 259 81.04 -23.30 8.15
CA ARG D 259 80.45 -24.09 7.11
C ARG D 259 79.23 -24.84 7.67
N ALA D 260 79.35 -25.47 8.85
CA ALA D 260 78.22 -26.22 9.44
C ALA D 260 76.93 -25.38 9.55
N VAL D 261 77.09 -24.16 10.03
CA VAL D 261 75.99 -23.21 10.11
C VAL D 261 75.38 -22.96 8.73
N ARG D 262 76.25 -22.69 7.75
CA ARG D 262 75.79 -22.41 6.41
C ARG D 262 74.94 -23.59 5.94
N PHE D 263 75.40 -24.79 6.20
CA PHE D 263 74.61 -25.93 5.74
C PHE D 263 73.24 -26.00 6.43
N MET D 264 73.20 -25.71 7.72
CA MET D 264 71.95 -25.85 8.48
C MET D 264 70.97 -24.77 8.04
N HIS D 265 71.52 -23.60 7.72
CA HIS D 265 70.73 -22.53 7.16
C HIS D 265 70.11 -22.97 5.85
N GLN D 266 70.93 -23.59 5.01
CA GLN D 266 70.52 -23.90 3.64
C GLN D 266 69.52 -25.05 3.57
N PHE D 267 69.61 -25.95 4.55
CA PHE D 267 68.84 -27.20 4.57
C PHE D 267 67.56 -27.03 5.40
N ASN D 268 67.73 -26.44 6.58
CA ASN D 268 66.70 -26.39 7.57
C ASN D 268 65.83 -25.12 7.53
N ASN D 269 66.34 -24.02 6.98
CA ASN D 269 65.54 -22.79 6.85
C ASN D 269 64.97 -22.60 5.46
N TYR D 270 64.42 -21.42 5.17
CA TYR D 270 63.72 -21.14 3.87
C TYR D 270 64.54 -21.35 2.57
N PRO D 271 65.90 -21.25 2.63
CA PRO D 271 66.60 -21.42 1.37
C PRO D 271 66.29 -22.73 0.63
N LEU D 272 66.04 -23.81 1.36
CA LEU D 272 65.81 -25.12 0.74
C LEU D 272 64.69 -25.05 -0.29
N PHE D 273 63.70 -24.22 0.00
CA PHE D 273 62.61 -24.06 -0.93
C PHE D 273 62.64 -22.69 -1.64
N LEU D 274 63.28 -21.69 -1.07
CA LEU D 274 63.30 -20.36 -1.74
C LEU D 274 64.34 -20.29 -2.89
N ASN D 275 65.42 -21.02 -2.73
CA ASN D 275 66.37 -21.10 -3.83
C ASN D 275 65.69 -21.77 -5.02
N PRO D 276 65.02 -22.90 -4.82
CA PRO D 276 64.27 -23.36 -5.98
C PRO D 276 63.25 -22.34 -6.49
N ILE D 277 62.50 -21.70 -5.60
CA ILE D 277 61.39 -20.87 -6.09
C ILE D 277 61.90 -19.64 -6.83
N TYR D 278 62.96 -19.04 -6.32
CA TYR D 278 63.52 -17.79 -6.86
C TYR D 278 64.71 -17.95 -7.79
N ARG D 279 65.50 -19.01 -7.65
CA ARG D 279 66.69 -19.15 -8.47
C ARG D 279 66.71 -20.43 -9.29
N GLY D 280 65.65 -21.23 -9.24
CA GLY D 280 65.59 -22.43 -10.08
C GLY D 280 66.40 -23.66 -9.73
N ASP D 281 67.03 -23.72 -8.55
CA ASP D 281 67.72 -24.94 -8.10
C ASP D 281 67.75 -25.02 -6.58
N TYR D 282 68.11 -26.18 -6.02
CA TYR D 282 68.34 -26.29 -4.58
C TYR D 282 69.64 -25.58 -4.22
N PRO D 283 69.75 -25.14 -2.98
CA PRO D 283 70.96 -24.47 -2.53
C PRO D 283 72.21 -25.35 -2.64
N GLU D 284 73.37 -24.70 -2.71
CA GLU D 284 74.60 -25.36 -3.10
C GLU D 284 74.93 -26.53 -2.17
N LEU D 285 74.95 -26.28 -0.86
CA LEU D 285 75.38 -27.28 0.11
C LEU D 285 74.36 -28.42 0.26
N VAL D 286 73.09 -28.11 0.00
CA VAL D 286 72.05 -29.12 -0.06
C VAL D 286 72.31 -30.11 -1.18
N LEU D 287 72.59 -29.61 -2.37
CA LEU D 287 72.86 -30.50 -3.49
C LEU D 287 74.12 -31.32 -3.21
N GLU D 288 75.10 -30.72 -2.53
CA GLU D 288 76.30 -31.48 -2.18
C GLU D 288 76.00 -32.69 -1.30
N PHE D 289 74.95 -32.58 -0.50
CA PHE D 289 74.68 -33.56 0.55
C PHE D 289 73.63 -34.53 0.09
N ALA D 290 72.66 -34.03 -0.67
CA ALA D 290 71.47 -34.82 -0.96
C ALA D 290 71.26 -35.04 -2.46
N ARG D 291 72.28 -34.77 -3.26
CA ARG D 291 72.16 -35.08 -4.69
C ARG D 291 71.67 -36.52 -4.91
N GLU D 292 72.27 -37.50 -4.22
CA GLU D 292 71.91 -38.91 -4.43
C GLU D 292 70.44 -39.20 -4.15
N TYR D 293 69.80 -38.41 -3.28
CA TYR D 293 68.44 -38.72 -2.83
C TYR D 293 67.37 -38.07 -3.66
N LEU D 294 67.74 -36.95 -4.29
CA LEU D 294 66.80 -36.24 -5.15
C LEU D 294 66.48 -37.10 -6.38
N PRO D 295 65.31 -36.88 -7.01
CA PRO D 295 65.16 -37.60 -8.28
C PRO D 295 66.16 -37.10 -9.32
N GLU D 296 66.59 -38.00 -10.20
CA GLU D 296 67.64 -37.75 -11.19
C GLU D 296 67.38 -36.53 -12.10
N ASN D 297 66.17 -36.45 -12.61
CA ASN D 297 65.84 -35.39 -13.54
CA ASN D 297 65.76 -35.41 -13.54
C ASN D 297 65.03 -34.28 -12.82
N TYR D 298 65.32 -34.07 -11.55
CA TYR D 298 64.53 -33.15 -10.75
C TYR D 298 64.54 -31.73 -11.31
N LYS D 299 65.66 -31.35 -11.90
CA LYS D 299 65.85 -30.00 -12.40
C LYS D 299 64.87 -29.70 -13.54
N ASP D 300 64.30 -30.74 -14.14
CA ASP D 300 63.20 -30.58 -15.11
C ASP D 300 61.98 -29.89 -14.51
N ASP D 301 61.80 -29.96 -13.19
CA ASP D 301 60.54 -29.40 -12.66
C ASP D 301 60.73 -27.96 -12.22
N MET D 302 61.99 -27.52 -12.21
CA MET D 302 62.34 -26.24 -11.61
C MET D 302 61.72 -25.02 -12.27
N SER D 303 61.48 -25.09 -13.58
CA SER D 303 60.84 -23.99 -14.26
C SER D 303 59.40 -23.80 -13.75
N GLU D 304 58.63 -24.89 -13.68
CA GLU D 304 57.31 -24.85 -13.03
C GLU D 304 57.37 -24.40 -11.55
N ILE D 305 58.38 -24.85 -10.81
CA ILE D 305 58.46 -24.53 -9.37
C ILE D 305 58.60 -23.02 -9.13
N GLN D 306 59.17 -22.30 -10.11
CA GLN D 306 59.41 -20.86 -9.96
C GLN D 306 58.16 -20.00 -10.14
N GLU D 307 57.01 -20.65 -10.19
CA GLU D 307 55.73 -19.92 -10.24
C GLU D 307 55.75 -18.81 -9.21
N LYS D 308 55.42 -17.60 -9.65
CA LYS D 308 55.64 -16.44 -8.81
C LYS D 308 54.75 -16.42 -7.57
N ILE D 309 55.33 -16.06 -6.43
CA ILE D 309 54.56 -15.96 -5.20
C ILE D 309 54.42 -14.52 -4.69
N ASP D 310 53.39 -14.31 -3.85
CA ASP D 310 53.06 -13.01 -3.28
C ASP D 310 53.75 -12.72 -1.96
N PHE D 311 53.82 -13.70 -1.05
CA PHE D 311 54.50 -13.46 0.22
C PHE D 311 55.22 -14.70 0.75
N VAL D 312 56.13 -14.48 1.68
CA VAL D 312 56.80 -15.55 2.38
C VAL D 312 56.38 -15.53 3.83
N GLY D 313 55.88 -16.65 4.33
CA GLY D 313 55.66 -16.77 5.80
C GLY D 313 56.90 -17.36 6.44
N LEU D 314 57.43 -16.72 7.49
CA LEU D 314 58.47 -17.34 8.31
C LEU D 314 57.94 -17.70 9.74
N ASN D 315 58.17 -18.94 10.16
CA ASN D 315 57.91 -19.33 11.54
C ASN D 315 59.26 -19.22 12.24
N TYR D 316 59.26 -18.89 13.54
CA TYR D 316 60.51 -18.86 14.29
C TYR D 316 60.27 -19.10 15.78
N TYR D 317 61.08 -19.95 16.38
CA TYR D 317 60.90 -20.23 17.80
C TYR D 317 62.22 -20.18 18.54
N SER D 318 63.30 -20.65 17.92
CA SER D 318 64.51 -20.90 18.70
CA SER D 318 64.52 -20.91 18.69
C SER D 318 65.83 -20.77 17.94
N GLY D 319 66.89 -20.60 18.73
CA GLY D 319 68.26 -20.59 18.25
C GLY D 319 69.03 -21.83 18.69
N HIS D 320 70.11 -22.15 17.96
CA HIS D 320 70.86 -23.38 18.19
C HIS D 320 72.32 -23.11 17.93
N LEU D 321 73.17 -23.52 18.85
CA LEU D 321 74.63 -23.44 18.65
C LEU D 321 75.11 -24.71 17.93
N VAL D 322 75.80 -24.53 16.79
CA VAL D 322 76.13 -25.63 15.87
C VAL D 322 77.65 -25.82 15.66
N LYS D 323 78.11 -27.08 15.61
CA LYS D 323 79.50 -27.41 15.29
C LYS D 323 79.62 -28.51 14.25
N PHE D 324 80.75 -28.51 13.55
CA PHE D 324 81.10 -29.65 12.72
C PHE D 324 81.31 -30.85 13.65
N ASP D 325 80.70 -31.97 13.29
CA ASP D 325 80.90 -33.20 14.01
C ASP D 325 81.09 -34.27 12.95
N PRO D 326 82.32 -34.82 12.88
CA PRO D 326 82.63 -35.91 11.97
C PRO D 326 81.72 -37.13 12.18
N ASP D 327 81.40 -37.47 13.43
CA ASP D 327 80.46 -38.56 13.70
C ASP D 327 79.01 -38.06 13.63
N ALA D 330 74.94 -36.18 9.28
CA ALA D 330 74.95 -34.95 8.51
C ALA D 330 76.14 -34.09 8.90
N LYS D 331 77.06 -34.68 9.67
CA LYS D 331 78.29 -33.98 10.08
C LYS D 331 78.05 -32.64 10.75
N VAL D 332 76.91 -32.51 11.42
CA VAL D 332 76.61 -31.35 12.25
C VAL D 332 75.94 -31.82 13.54
N SER D 333 76.36 -31.29 14.69
CA SER D 333 75.65 -31.58 15.93
C SER D 333 75.38 -30.29 16.70
N PHE D 334 74.39 -30.34 17.60
CA PHE D 334 73.95 -29.17 18.32
C PHE D 334 74.66 -29.07 19.67
N VAL D 335 75.15 -27.90 20.02
CA VAL D 335 75.76 -27.76 21.33
C VAL D 335 74.86 -26.91 22.22
N GLU D 336 74.43 -27.51 23.34
CA GLU D 336 73.53 -26.83 24.25
C GLU D 336 74.24 -25.64 24.85
N ARG D 337 73.54 -24.54 25.02
CA ARG D 337 74.11 -23.38 25.67
C ARG D 337 73.37 -23.11 26.96
N ASP D 338 74.01 -22.33 27.83
CA ASP D 338 73.41 -21.92 29.09
C ASP D 338 72.56 -20.68 28.93
N LEU D 339 71.35 -20.85 28.44
CA LEU D 339 70.50 -19.75 28.06
C LEU D 339 69.10 -20.12 28.52
N PRO D 340 68.25 -19.15 28.80
CA PRO D 340 66.91 -19.53 29.16
C PRO D 340 66.23 -20.37 28.08
N LYS D 341 65.42 -21.34 28.51
CA LYS D 341 64.74 -22.24 27.60
C LYS D 341 63.26 -22.27 27.89
N THR D 342 62.47 -22.73 26.93
CA THR D 342 61.06 -22.86 27.22
C THR D 342 60.84 -24.24 27.82
N ALA D 343 59.59 -24.63 27.94
CA ALA D 343 59.27 -25.93 28.52
C ALA D 343 59.58 -27.06 27.54
N MET D 344 59.85 -26.70 26.29
CA MET D 344 60.26 -27.65 25.26
C MET D 344 61.76 -27.89 25.35
N GLY D 345 62.44 -27.14 26.19
CA GLY D 345 63.89 -27.24 26.24
C GLY D 345 64.53 -26.44 25.13
N TRP D 346 63.71 -25.73 24.35
CA TRP D 346 64.22 -24.87 23.27
C TRP D 346 64.80 -23.57 23.76
N GLU D 347 66.05 -23.29 23.41
CA GLU D 347 66.66 -22.04 23.87
C GLU D 347 65.91 -20.80 23.38
N ILE D 348 65.91 -19.73 24.18
CA ILE D 348 65.24 -18.49 23.80
C ILE D 348 66.24 -17.45 23.30
N VAL D 349 66.20 -17.22 22.00
CA VAL D 349 67.14 -16.33 21.32
C VAL D 349 66.38 -15.36 20.41
N PRO D 350 65.91 -14.26 20.98
CA PRO D 350 65.02 -13.39 20.24
C PRO D 350 65.72 -12.71 19.05
N GLU D 351 67.04 -12.50 19.12
CA GLU D 351 67.69 -11.85 17.99
C GLU D 351 67.65 -12.72 16.72
N GLY D 352 67.38 -13.99 16.88
CA GLY D 352 67.16 -14.82 15.72
C GLY D 352 66.03 -14.38 14.81
N ILE D 353 64.99 -13.72 15.34
CA ILE D 353 63.85 -13.36 14.50
C ILE D 353 64.25 -12.23 13.56
N TYR D 354 65.10 -11.37 14.09
CA TYR D 354 65.59 -10.23 13.35
C TYR D 354 66.48 -10.75 12.25
N TRP D 355 67.39 -11.65 12.60
CA TRP D 355 68.37 -12.19 11.66
C TRP D 355 67.69 -12.93 10.53
N ILE D 356 66.67 -13.75 10.82
CA ILE D 356 65.98 -14.49 9.77
C ILE D 356 65.29 -13.52 8.83
N LEU D 357 64.76 -12.44 9.38
CA LEU D 357 64.07 -11.42 8.58
C LEU D 357 65.03 -10.61 7.70
N LYS D 358 66.11 -10.12 8.29
CA LYS D 358 67.23 -9.54 7.52
C LYS D 358 67.75 -10.45 6.43
N LYS D 359 67.98 -11.71 6.77
CA LYS D 359 68.55 -12.69 5.83
C LYS D 359 67.64 -12.95 4.64
N VAL D 360 66.34 -13.08 4.85
CA VAL D 360 65.45 -13.43 3.74
C VAL D 360 65.39 -12.27 2.75
N LYS D 361 65.45 -11.04 3.24
CA LYS D 361 65.43 -9.92 2.32
C LYS D 361 66.78 -9.82 1.65
N GLU D 362 67.83 -10.01 2.43
CA GLU D 362 69.17 -9.98 1.89
C GLU D 362 69.35 -11.04 0.79
N GLU D 363 68.93 -12.27 1.05
CA GLU D 363 69.15 -13.38 0.09
C GLU D 363 68.13 -13.48 -1.04
N TYR D 364 66.86 -13.24 -0.76
CA TYR D 364 65.83 -13.48 -1.77
C TYR D 364 64.87 -12.32 -1.96
N ASN D 365 64.99 -11.32 -1.07
CA ASN D 365 64.24 -10.09 -1.18
C ASN D 365 62.77 -10.30 -1.58
N PRO D 366 62.04 -11.05 -0.75
CA PRO D 366 60.64 -11.21 -1.17
C PRO D 366 59.84 -9.90 -1.04
N PRO D 367 58.83 -9.71 -1.89
CA PRO D 367 57.94 -8.55 -1.84
C PRO D 367 57.36 -8.31 -0.44
N GLU D 368 56.74 -9.33 0.13
CA GLU D 368 56.19 -9.22 1.44
C GLU D 368 56.59 -10.42 2.28
N VAL D 369 56.75 -10.15 3.56
CA VAL D 369 57.03 -11.17 4.53
C VAL D 369 56.06 -11.04 5.69
N TYR D 370 55.58 -12.17 6.20
CA TYR D 370 54.81 -12.24 7.44
C TYR D 370 55.52 -13.15 8.47
N ILE D 371 55.41 -12.87 9.77
CA ILE D 371 55.74 -13.92 10.76
C ILE D 371 54.50 -14.80 10.98
N THR D 372 54.52 -16.03 10.47
CA THR D 372 53.28 -16.79 10.46
C THR D 372 53.13 -17.62 11.73
N GLU D 373 54.24 -17.77 12.45
CA GLU D 373 54.21 -18.36 13.81
C GLU D 373 55.38 -17.86 14.62
N ASN D 374 55.11 -17.52 15.89
CA ASN D 374 56.12 -17.27 16.91
C ASN D 374 55.45 -17.50 18.27
N GLY D 375 56.09 -18.19 19.20
CA GLY D 375 55.34 -18.62 20.41
C GLY D 375 56.13 -19.51 21.33
N ALA D 376 55.54 -19.87 22.47
CA ALA D 376 56.29 -20.64 23.44
C ALA D 376 55.43 -21.50 24.33
N ALA D 377 56.04 -22.56 24.85
CA ALA D 377 55.37 -23.45 25.78
C ALA D 377 55.99 -23.31 27.16
N PHE D 378 55.15 -23.00 28.12
CA PHE D 378 55.55 -22.93 29.49
C PHE D 378 54.59 -23.77 30.31
N ASP D 379 55.03 -24.15 31.52
CA ASP D 379 54.21 -24.96 32.42
CA ASP D 379 54.21 -24.96 32.43
C ASP D 379 53.07 -24.11 32.99
N ASP D 380 52.00 -23.95 32.24
CA ASP D 380 50.90 -23.08 32.67
C ASP D 380 50.06 -23.69 33.77
N VAL D 381 49.78 -22.88 34.78
CA VAL D 381 48.86 -23.23 35.85
C VAL D 381 47.69 -22.24 36.01
N VAL D 382 46.52 -22.76 36.32
CA VAL D 382 45.38 -21.95 36.70
C VAL D 382 45.47 -21.71 38.21
N SER D 383 45.77 -20.45 38.58
CA SER D 383 45.92 -19.99 39.96
C SER D 383 44.56 -19.94 40.68
N GLU D 384 44.60 -19.70 41.99
CA GLU D 384 43.35 -19.70 42.79
C GLU D 384 42.35 -18.67 42.28
N ASP D 385 42.90 -17.54 41.82
CA ASP D 385 42.11 -16.43 41.32
C ASP D 385 41.45 -16.78 40.00
N GLY D 386 41.66 -18.01 39.55
CA GLY D 386 41.15 -18.43 38.24
C GLY D 386 41.80 -17.76 37.03
N ARG D 387 42.96 -17.14 37.23
CA ARG D 387 43.72 -16.53 36.12
C ARG D 387 45.00 -17.32 35.80
N VAL D 388 45.58 -17.09 34.63
CA VAL D 388 46.83 -17.77 34.27
C VAL D 388 47.90 -16.74 34.02
N HIS D 389 48.81 -16.64 34.98
CA HIS D 389 49.79 -15.59 35.04
C HIS D 389 51.08 -16.05 34.36
N ASP D 390 51.09 -15.97 33.04
CA ASP D 390 52.21 -16.40 32.22
C ASP D 390 53.09 -15.24 31.82
N GLN D 391 53.69 -14.64 32.83
CA GLN D 391 54.72 -13.66 32.62
C GLN D 391 55.76 -14.21 31.67
N ASN D 392 56.19 -15.45 31.91
CA ASN D 392 57.16 -16.09 31.00
C ASN D 392 56.80 -15.99 29.50
N ARG D 393 55.55 -16.27 29.15
CA ARG D 393 55.10 -16.16 27.76
C ARG D 393 55.08 -14.70 27.27
N ILE D 394 54.59 -13.81 28.11
CA ILE D 394 54.66 -12.36 27.84
C ILE D 394 56.10 -11.95 27.50
N ASP D 395 57.03 -12.34 28.36
CA ASP D 395 58.43 -11.98 28.16
C ASP D 395 58.95 -12.45 26.79
N TYR D 396 58.68 -13.72 26.47
CA TYR D 396 59.07 -14.28 25.19
C TYR D 396 58.44 -13.46 24.06
N LEU D 397 57.13 -13.40 23.98
CA LEU D 397 56.53 -12.63 22.90
C LEU D 397 57.11 -11.22 22.82
N LYS D 398 57.08 -10.50 23.94
CA LYS D 398 57.62 -9.14 23.96
C LYS D 398 58.96 -9.00 23.27
N ALA D 399 59.92 -9.82 23.69
CA ALA D 399 61.25 -9.72 23.12
C ALA D 399 61.23 -10.01 21.63
N HIS D 400 60.38 -10.94 21.19
CA HIS D 400 60.37 -11.30 19.77
C HIS D 400 59.79 -10.22 18.85
N ILE D 401 58.65 -9.69 19.24
CA ILE D 401 58.03 -8.59 18.54
C ILE D 401 58.99 -7.39 18.52
N GLY D 402 59.64 -7.14 19.66
CA GLY D 402 60.68 -6.14 19.77
C GLY D 402 61.73 -6.28 18.68
N GLN D 403 62.18 -7.50 18.43
CA GLN D 403 63.19 -7.73 17.40
C GLN D 403 62.67 -7.60 15.99
N ALA D 404 61.40 -7.92 15.80
CA ALA D 404 60.76 -7.78 14.50
C ALA D 404 60.61 -6.32 14.12
N TRP D 405 60.27 -5.50 15.11
CA TRP D 405 60.16 -4.06 14.86
C TRP D 405 61.49 -3.59 14.30
N LYS D 406 62.57 -3.96 14.96
CA LYS D 406 63.90 -3.52 14.56
C LYS D 406 64.15 -3.84 13.10
N ALA D 407 63.61 -4.97 12.67
CA ALA D 407 63.87 -5.48 11.35
C ALA D 407 63.14 -4.61 10.34
N ILE D 408 61.93 -4.20 10.71
CA ILE D 408 61.12 -3.32 9.88
C ILE D 408 61.81 -1.97 9.74
N GLN D 409 62.36 -1.48 10.85
CA GLN D 409 63.05 -0.20 10.88
C GLN D 409 64.22 -0.29 9.93
N GLU D 410 64.62 -1.50 9.58
CA GLU D 410 65.77 -1.62 8.73
C GLU D 410 65.43 -2.01 7.27
N GLY D 411 64.15 -1.98 6.91
CA GLY D 411 63.79 -2.15 5.51
C GLY D 411 63.08 -3.44 5.14
N VAL D 412 62.97 -4.38 6.06
CA VAL D 412 62.27 -5.62 5.73
C VAL D 412 60.76 -5.36 5.59
N PRO D 413 60.16 -5.78 4.48
CA PRO D 413 58.72 -5.55 4.28
C PRO D 413 57.83 -6.51 5.09
N LEU D 414 57.98 -6.49 6.42
CA LEU D 414 57.19 -7.38 7.30
C LEU D 414 55.81 -6.78 7.53
N LYS D 415 54.77 -7.49 7.07
CA LYS D 415 53.41 -6.97 7.02
C LYS D 415 52.50 -7.44 8.17
N GLY D 416 52.97 -8.38 8.99
CA GLY D 416 52.12 -8.94 10.03
C GLY D 416 52.85 -9.96 10.90
N TYR D 417 52.21 -10.33 12.01
CA TYR D 417 52.84 -11.18 12.99
C TYR D 417 51.73 -11.97 13.66
N PHE D 418 51.87 -13.30 13.60
CA PHE D 418 50.92 -14.28 14.11
C PHE D 418 51.48 -15.09 15.26
N VAL D 419 50.84 -14.98 16.41
CA VAL D 419 51.23 -15.71 17.58
C VAL D 419 50.80 -17.16 17.42
N TRP D 420 51.74 -18.09 17.56
CA TRP D 420 51.31 -19.46 17.85
C TRP D 420 51.26 -19.71 19.37
N SER D 421 50.08 -19.98 19.94
CA SER D 421 48.83 -20.18 19.22
C SER D 421 47.68 -19.50 19.99
N LEU D 422 46.52 -19.35 19.36
CA LEU D 422 45.34 -18.88 20.10
C LEU D 422 45.02 -19.83 21.29
N LEU D 423 45.02 -21.12 21.02
CA LEU D 423 44.63 -22.11 22.02
C LEU D 423 45.76 -23.09 22.39
N ASP D 424 45.91 -23.44 23.66
CA ASP D 424 46.63 -24.66 24.01
C ASP D 424 46.02 -25.73 23.13
N ASN D 425 46.83 -26.65 22.58
CA ASN D 425 46.28 -27.66 21.67
C ASN D 425 47.09 -28.95 21.60
N PHE D 426 46.67 -29.86 20.74
CA PHE D 426 47.39 -31.13 20.51
C PHE D 426 48.70 -30.82 19.82
N GLU D 427 49.80 -30.90 20.57
CA GLU D 427 51.14 -30.56 20.03
C GLU D 427 51.89 -31.76 19.39
N TRP D 428 51.27 -32.33 18.37
CA TRP D 428 51.83 -33.43 17.62
C TRP D 428 52.36 -34.59 18.48
N ALA D 429 53.66 -34.93 18.36
CA ALA D 429 54.16 -36.09 19.05
C ALA D 429 54.19 -35.84 20.55
N GLU D 430 54.25 -34.58 20.94
CA GLU D 430 54.23 -34.19 22.36
C GLU D 430 52.86 -34.29 23.00
N GLY D 431 51.83 -34.47 22.18
CA GLY D 431 50.47 -34.60 22.71
C GLY D 431 50.03 -33.31 23.42
N TYR D 432 49.19 -33.46 24.44
CA TYR D 432 48.65 -32.29 25.14
C TYR D 432 49.60 -31.68 26.17
N SER D 433 50.73 -32.35 26.42
CA SER D 433 51.67 -31.94 27.48
C SER D 433 52.30 -30.58 27.29
N LYS D 434 52.21 -30.02 26.09
CA LYS D 434 52.87 -28.75 25.82
C LYS D 434 51.88 -27.68 25.39
N ARG D 435 51.79 -26.63 26.21
CA ARG D 435 50.80 -25.57 26.08
C ARG D 435 51.41 -24.30 25.48
N PHE D 436 50.98 -24.00 24.26
CA PHE D 436 51.51 -22.88 23.47
C PHE D 436 50.50 -21.76 23.40
N GLY D 437 49.32 -21.97 23.97
CA GLY D 437 48.25 -20.98 23.76
C GLY D 437 48.47 -19.67 24.51
N ILE D 438 47.81 -18.62 24.03
CA ILE D 438 47.60 -17.43 24.86
C ILE D 438 46.24 -17.55 25.48
N VAL D 439 45.49 -18.59 25.10
CA VAL D 439 44.30 -18.97 25.83
C VAL D 439 44.49 -20.36 26.38
N TYR D 440 44.24 -20.51 27.68
CA TYR D 440 44.34 -21.80 28.33
C TYR D 440 43.13 -22.62 28.06
N VAL D 441 43.36 -23.90 27.84
CA VAL D 441 42.29 -24.86 27.69
C VAL D 441 42.38 -25.92 28.79
N ASP D 442 41.32 -26.00 29.58
CA ASP D 442 41.17 -27.07 30.57
C ASP D 442 40.56 -28.23 29.82
N TYR D 443 41.28 -29.32 29.65
CA TYR D 443 40.79 -30.41 28.78
C TYR D 443 39.69 -31.29 29.39
N SER D 444 39.56 -31.30 30.70
CA SER D 444 38.49 -32.10 31.25
C SER D 444 37.13 -31.36 31.14
N THR D 445 37.16 -30.03 31.04
CA THR D 445 35.91 -29.26 30.85
C THR D 445 35.77 -28.54 29.51
N GLN D 446 36.86 -28.46 28.75
CA GLN D 446 36.90 -27.72 27.49
C GLN D 446 36.72 -26.21 27.65
N LYS D 447 36.80 -25.76 28.89
CA LYS D 447 36.62 -24.34 29.15
C LYS D 447 37.89 -23.57 28.78
N ARG D 448 37.72 -22.41 28.14
CA ARG D 448 38.83 -21.47 27.83
C ARG D 448 39.04 -20.43 28.93
N ILE D 449 40.30 -20.14 29.24
CA ILE D 449 40.67 -19.07 30.16
C ILE D 449 41.76 -18.20 29.53
N VAL D 450 41.42 -17.00 29.08
CA VAL D 450 42.45 -16.17 28.47
C VAL D 450 43.63 -16.08 29.47
N LYS D 451 44.85 -16.26 29.00
CA LYS D 451 46.06 -16.09 29.84
C LYS D 451 46.41 -14.62 29.90
N ASP D 452 47.29 -14.24 30.84
CA ASP D 452 47.69 -12.84 30.96
C ASP D 452 48.38 -12.40 29.68
N SER D 453 49.05 -13.34 29.02
CA SER D 453 49.71 -13.03 27.75
C SER D 453 48.63 -12.68 26.74
N GLY D 454 47.51 -13.37 26.82
CA GLY D 454 46.38 -13.07 25.96
C GLY D 454 45.95 -11.62 26.04
N TYR D 455 45.80 -11.11 27.27
CA TYR D 455 45.40 -9.71 27.48
C TYR D 455 46.48 -8.70 27.07
N TRP D 456 47.72 -8.98 27.46
CA TRP D 456 48.88 -8.20 27.05
C TRP D 456 48.98 -8.07 25.53
N TYR D 457 48.68 -9.15 24.81
CA TYR D 457 48.78 -9.12 23.35
C TYR D 457 47.65 -8.27 22.80
N SER D 458 46.46 -8.39 23.41
CA SER D 458 45.32 -7.54 23.03
C SER D 458 45.74 -6.07 23.10
N ASN D 459 46.55 -5.76 24.10
CA ASN D 459 47.09 -4.41 24.31
CA ASN D 459 46.99 -4.39 24.24
C ASN D 459 48.04 -4.04 23.18
N VAL D 460 48.78 -5.05 22.71
CA VAL D 460 49.73 -4.82 21.64
C VAL D 460 49.00 -4.46 20.35
N VAL D 461 47.95 -5.20 20.06
CA VAL D 461 47.19 -4.95 18.85
C VAL D 461 46.66 -3.52 18.93
N LYS D 462 46.12 -3.20 20.10
CA LYS D 462 45.44 -1.94 20.31
C LYS D 462 46.39 -0.76 20.18
N ASN D 463 47.55 -0.86 20.80
CA ASN D 463 48.57 0.17 20.70
C ASN D 463 49.32 0.06 19.39
N ASN D 464 48.98 -0.98 18.62
CA ASN D 464 49.74 -1.31 17.44
C ASN D 464 51.23 -1.34 17.72
N GLY D 465 51.64 -1.96 18.81
CA GLY D 465 53.05 -2.02 19.11
C GLY D 465 53.36 -2.24 20.56
N LEU D 466 54.60 -1.93 20.93
CA LEU D 466 55.05 -2.15 22.28
C LEU D 466 55.22 -0.84 23.03
N GLU D 467 54.72 -0.81 24.26
CA GLU D 467 54.93 0.29 25.18
C GLU D 467 55.89 -0.15 26.29
#